data_3HQX
# 
_entry.id   3HQX 
# 
_audit_conform.dict_name       mmcif_pdbx.dic 
_audit_conform.dict_version    5.397 
_audit_conform.dict_location   http://mmcif.pdb.org/dictionaries/ascii/mmcif_pdbx.dic 
# 
loop_
_database_2.database_id 
_database_2.database_code 
_database_2.pdbx_database_accession 
_database_2.pdbx_DOI 
PDB   3HQX         pdb_00003hqx 10.2210/pdb3hqx/pdb 
RCSB  RCSB053473   ?            ?                   
WWPDB D_1000053473 ?            ?                   
# 
loop_
_pdbx_audit_revision_history.ordinal 
_pdbx_audit_revision_history.data_content_type 
_pdbx_audit_revision_history.major_revision 
_pdbx_audit_revision_history.minor_revision 
_pdbx_audit_revision_history.revision_date 
1 'Structure model' 1 0 2009-06-30 
2 'Structure model' 1 1 2011-07-13 
3 'Structure model' 1 2 2024-10-16 
# 
_pdbx_audit_revision_details.ordinal             1 
_pdbx_audit_revision_details.revision_ordinal    1 
_pdbx_audit_revision_details.data_content_type   'Structure model' 
_pdbx_audit_revision_details.provider            repository 
_pdbx_audit_revision_details.type                'Initial release' 
_pdbx_audit_revision_details.description         ? 
_pdbx_audit_revision_details.details             ? 
# 
loop_
_pdbx_audit_revision_group.ordinal 
_pdbx_audit_revision_group.revision_ordinal 
_pdbx_audit_revision_group.data_content_type 
_pdbx_audit_revision_group.group 
1 2 'Structure model' Advisory                    
2 2 'Structure model' 'Version format compliance' 
3 3 'Structure model' 'Data collection'           
4 3 'Structure model' 'Database references'       
5 3 'Structure model' 'Derived calculations'      
6 3 'Structure model' 'Structure summary'         
# 
loop_
_pdbx_audit_revision_category.ordinal 
_pdbx_audit_revision_category.revision_ordinal 
_pdbx_audit_revision_category.data_content_type 
_pdbx_audit_revision_category.category 
1 3 'Structure model' chem_comp_atom            
2 3 'Structure model' chem_comp_bond            
3 3 'Structure model' database_2                
4 3 'Structure model' pdbx_entry_details        
5 3 'Structure model' pdbx_modification_feature 
6 3 'Structure model' struct_conn               
# 
loop_
_pdbx_audit_revision_item.ordinal 
_pdbx_audit_revision_item.revision_ordinal 
_pdbx_audit_revision_item.data_content_type 
_pdbx_audit_revision_item.item 
1 3 'Structure model' '_database_2.pdbx_DOI'                
2 3 'Structure model' '_database_2.pdbx_database_accession' 
3 3 'Structure model' '_struct_conn.pdbx_leaving_atom_flag' 
# 
_pdbx_database_status.status_code                     REL 
_pdbx_database_status.entry_id                        3HQX 
_pdbx_database_status.recvd_initial_deposition_date   2009-06-08 
_pdbx_database_status.deposit_site                    RCSB 
_pdbx_database_status.process_site                    RCSB 
_pdbx_database_status.status_code_sf                  REL 
_pdbx_database_status.status_code_mr                  ? 
_pdbx_database_status.SG_entry                        Y 
_pdbx_database_status.pdb_format_compatible           Y 
_pdbx_database_status.status_code_cs                  ? 
_pdbx_database_status.status_code_nmr_data            ? 
_pdbx_database_status.methods_development_category    ? 
# 
_pdbx_database_related.db_name        TargetDB 
_pdbx_database_related.db_id          apc86610 
_pdbx_database_related.details        . 
_pdbx_database_related.content_type   unspecified 
# 
loop_
_audit_author.name 
_audit_author.pdbx_ordinal 
'Nocek, B.'                                     1 
'Hatzos, C.'                                    2 
'Freeman, L.'                                   3 
'Dauter, Z.'                                    4 
'Joachimiak, A.'                                5 
'Midwest Center for Structural Genomics (MCSG)' 6 
# 
_citation.id                        primary 
_citation.title                     
'Crystal structure of protein of unknown function (DUF1255,PF06865) from Acinetobacter sp. ADP1' 
_citation.journal_abbrev            'To be Published' 
_citation.journal_volume            ? 
_citation.page_first                ? 
_citation.page_last                 ? 
_citation.year                      ? 
_citation.journal_id_ASTM           ? 
_citation.country                   ? 
_citation.journal_id_ISSN           ? 
_citation.journal_id_CSD            0353 
_citation.book_publisher            ? 
_citation.pdbx_database_id_PubMed   ? 
_citation.pdbx_database_id_DOI      ? 
# 
loop_
_citation_author.citation_id 
_citation_author.name 
_citation_author.ordinal 
_citation_author.identifier_ORCID 
primary 'Nocek, B.'      1 ? 
primary 'Hatzos, C.'     2 ? 
primary 'Freeman, L.'    3 ? 
primary 'Dauter, Z.'     4 ? 
primary 'Joachimiak, A.' 5 ? 
# 
loop_
_entity.id 
_entity.type 
_entity.src_method 
_entity.pdbx_description 
_entity.formula_weight 
_entity.pdbx_number_of_molecules 
_entity.pdbx_ec 
_entity.pdbx_mutation 
_entity.pdbx_fragment 
_entity.details 
1 polymer man 'UPF0345 protein ACIAD0356' 12451.698 1   ? ? ? ? 
2 water   nat water                       18.015    102 ? ? ? ? 
# 
_entity_poly.entity_id                      1 
_entity_poly.type                           'polypeptide(L)' 
_entity_poly.nstd_linkage                   no 
_entity_poly.nstd_monomer                   yes 
_entity_poly.pdbx_seq_one_letter_code       
;SNA(MSE)SSAQFDHVTVIKKSNVYFGGLCISHTVQFEDGTKKTLGVILPTEQPLTFETHVPER(MSE)EIISGECRVKI
ADSTESELFRAGQSFYVPGNSLFKIETDEVLDYVCHLEG
;
_entity_poly.pdbx_seq_one_letter_code_can   
;SNAMSSAQFDHVTVIKKSNVYFGGLCISHTVQFEDGTKKTLGVILPTEQPLTFETHVPERMEIISGECRVKIADSTESEL
FRAGQSFYVPGNSLFKIETDEVLDYVCHLEG
;
_entity_poly.pdbx_strand_id                 A 
_entity_poly.pdbx_target_identifier         apc86610 
# 
_pdbx_entity_nonpoly.entity_id   2 
_pdbx_entity_nonpoly.name        water 
_pdbx_entity_nonpoly.comp_id     HOH 
# 
loop_
_entity_poly_seq.entity_id 
_entity_poly_seq.num 
_entity_poly_seq.mon_id 
_entity_poly_seq.hetero 
1 1   SER n 
1 2   ASN n 
1 3   ALA n 
1 4   MSE n 
1 5   SER n 
1 6   SER n 
1 7   ALA n 
1 8   GLN n 
1 9   PHE n 
1 10  ASP n 
1 11  HIS n 
1 12  VAL n 
1 13  THR n 
1 14  VAL n 
1 15  ILE n 
1 16  LYS n 
1 17  LYS n 
1 18  SER n 
1 19  ASN n 
1 20  VAL n 
1 21  TYR n 
1 22  PHE n 
1 23  GLY n 
1 24  GLY n 
1 25  LEU n 
1 26  CYS n 
1 27  ILE n 
1 28  SER n 
1 29  HIS n 
1 30  THR n 
1 31  VAL n 
1 32  GLN n 
1 33  PHE n 
1 34  GLU n 
1 35  ASP n 
1 36  GLY n 
1 37  THR n 
1 38  LYS n 
1 39  LYS n 
1 40  THR n 
1 41  LEU n 
1 42  GLY n 
1 43  VAL n 
1 44  ILE n 
1 45  LEU n 
1 46  PRO n 
1 47  THR n 
1 48  GLU n 
1 49  GLN n 
1 50  PRO n 
1 51  LEU n 
1 52  THR n 
1 53  PHE n 
1 54  GLU n 
1 55  THR n 
1 56  HIS n 
1 57  VAL n 
1 58  PRO n 
1 59  GLU n 
1 60  ARG n 
1 61  MSE n 
1 62  GLU n 
1 63  ILE n 
1 64  ILE n 
1 65  SER n 
1 66  GLY n 
1 67  GLU n 
1 68  CYS n 
1 69  ARG n 
1 70  VAL n 
1 71  LYS n 
1 72  ILE n 
1 73  ALA n 
1 74  ASP n 
1 75  SER n 
1 76  THR n 
1 77  GLU n 
1 78  SER n 
1 79  GLU n 
1 80  LEU n 
1 81  PHE n 
1 82  ARG n 
1 83  ALA n 
1 84  GLY n 
1 85  GLN n 
1 86  SER n 
1 87  PHE n 
1 88  TYR n 
1 89  VAL n 
1 90  PRO n 
1 91  GLY n 
1 92  ASN n 
1 93  SER n 
1 94  LEU n 
1 95  PHE n 
1 96  LYS n 
1 97  ILE n 
1 98  GLU n 
1 99  THR n 
1 100 ASP n 
1 101 GLU n 
1 102 VAL n 
1 103 LEU n 
1 104 ASP n 
1 105 TYR n 
1 106 VAL n 
1 107 CYS n 
1 108 HIS n 
1 109 LEU n 
1 110 GLU n 
1 111 GLY n 
# 
_entity_src_gen.entity_id                          1 
_entity_src_gen.pdbx_src_id                        1 
_entity_src_gen.pdbx_alt_source_flag               sample 
_entity_src_gen.pdbx_seq_type                      ? 
_entity_src_gen.pdbx_beg_seq_num                   ? 
_entity_src_gen.pdbx_end_seq_num                   ? 
_entity_src_gen.gene_src_common_name               ? 
_entity_src_gen.gene_src_genus                     ? 
_entity_src_gen.pdbx_gene_src_gene                 ACIAD0356 
_entity_src_gen.gene_src_species                   ? 
_entity_src_gen.gene_src_strain                    ? 
_entity_src_gen.gene_src_tissue                    ? 
_entity_src_gen.gene_src_tissue_fraction           ? 
_entity_src_gen.gene_src_details                   ? 
_entity_src_gen.pdbx_gene_src_fragment             ? 
_entity_src_gen.pdbx_gene_src_scientific_name      'Acinetobacter sp. ADP1' 
_entity_src_gen.pdbx_gene_src_ncbi_taxonomy_id     62977 
_entity_src_gen.pdbx_gene_src_variant              ? 
_entity_src_gen.pdbx_gene_src_cell_line            ? 
_entity_src_gen.pdbx_gene_src_atcc                 ? 
_entity_src_gen.pdbx_gene_src_organ                ? 
_entity_src_gen.pdbx_gene_src_organelle            ? 
_entity_src_gen.pdbx_gene_src_cell                 ? 
_entity_src_gen.pdbx_gene_src_cellular_location    ? 
_entity_src_gen.host_org_common_name               ? 
_entity_src_gen.pdbx_host_org_scientific_name      'Escherichia coli BL21(DE3)' 
_entity_src_gen.pdbx_host_org_ncbi_taxonomy_id     469008 
_entity_src_gen.host_org_genus                     ? 
_entity_src_gen.pdbx_host_org_gene                 ? 
_entity_src_gen.pdbx_host_org_organ                ? 
_entity_src_gen.host_org_species                   ? 
_entity_src_gen.pdbx_host_org_tissue               ? 
_entity_src_gen.pdbx_host_org_tissue_fraction      ? 
_entity_src_gen.pdbx_host_org_strain               BL21DE3 
_entity_src_gen.pdbx_host_org_variant              ? 
_entity_src_gen.pdbx_host_org_cell_line            ? 
_entity_src_gen.pdbx_host_org_atcc                 ? 
_entity_src_gen.pdbx_host_org_culture_collection   ? 
_entity_src_gen.pdbx_host_org_cell                 ? 
_entity_src_gen.pdbx_host_org_organelle            ? 
_entity_src_gen.pdbx_host_org_cellular_location    ? 
_entity_src_gen.pdbx_host_org_vector_type          plasmid 
_entity_src_gen.pdbx_host_org_vector               ? 
_entity_src_gen.host_org_details                   ? 
_entity_src_gen.expression_system_id               ? 
_entity_src_gen.plasmid_name                       pMCSG19 
_entity_src_gen.plasmid_details                    ? 
_entity_src_gen.pdbx_description                   ? 
# 
loop_
_chem_comp.id 
_chem_comp.type 
_chem_comp.mon_nstd_flag 
_chem_comp.name 
_chem_comp.pdbx_synonyms 
_chem_comp.formula 
_chem_comp.formula_weight 
ALA 'L-peptide linking' y ALANINE          ? 'C3 H7 N O2'     89.093  
ARG 'L-peptide linking' y ARGININE         ? 'C6 H15 N4 O2 1' 175.209 
ASN 'L-peptide linking' y ASPARAGINE       ? 'C4 H8 N2 O3'    132.118 
ASP 'L-peptide linking' y 'ASPARTIC ACID'  ? 'C4 H7 N O4'     133.103 
CYS 'L-peptide linking' y CYSTEINE         ? 'C3 H7 N O2 S'   121.158 
GLN 'L-peptide linking' y GLUTAMINE        ? 'C5 H10 N2 O3'   146.144 
GLU 'L-peptide linking' y 'GLUTAMIC ACID'  ? 'C5 H9 N O4'     147.129 
GLY 'peptide linking'   y GLYCINE          ? 'C2 H5 N O2'     75.067  
HIS 'L-peptide linking' y HISTIDINE        ? 'C6 H10 N3 O2 1' 156.162 
HOH non-polymer         . WATER            ? 'H2 O'           18.015  
ILE 'L-peptide linking' y ISOLEUCINE       ? 'C6 H13 N O2'    131.173 
LEU 'L-peptide linking' y LEUCINE          ? 'C6 H13 N O2'    131.173 
LYS 'L-peptide linking' y LYSINE           ? 'C6 H15 N2 O2 1' 147.195 
MSE 'L-peptide linking' n SELENOMETHIONINE ? 'C5 H11 N O2 Se' 196.106 
PHE 'L-peptide linking' y PHENYLALANINE    ? 'C9 H11 N O2'    165.189 
PRO 'L-peptide linking' y PROLINE          ? 'C5 H9 N O2'     115.130 
SER 'L-peptide linking' y SERINE           ? 'C3 H7 N O3'     105.093 
THR 'L-peptide linking' y THREONINE        ? 'C4 H9 N O3'     119.119 
TYR 'L-peptide linking' y TYROSINE         ? 'C9 H11 N O3'    181.189 
VAL 'L-peptide linking' y VALINE           ? 'C5 H11 N O2'    117.146 
# 
loop_
_pdbx_poly_seq_scheme.asym_id 
_pdbx_poly_seq_scheme.entity_id 
_pdbx_poly_seq_scheme.seq_id 
_pdbx_poly_seq_scheme.mon_id 
_pdbx_poly_seq_scheme.ndb_seq_num 
_pdbx_poly_seq_scheme.pdb_seq_num 
_pdbx_poly_seq_scheme.auth_seq_num 
_pdbx_poly_seq_scheme.pdb_mon_id 
_pdbx_poly_seq_scheme.auth_mon_id 
_pdbx_poly_seq_scheme.pdb_strand_id 
_pdbx_poly_seq_scheme.pdb_ins_code 
_pdbx_poly_seq_scheme.hetero 
A 1 1   SER 1   -2  ?   ?   ?   A . n 
A 1 2   ASN 2   -1  ?   ?   ?   A . n 
A 1 3   ALA 3   0   ?   ?   ?   A . n 
A 1 4   MSE 4   1   ?   ?   ?   A . n 
A 1 5   SER 5   2   ?   ?   ?   A . n 
A 1 6   SER 6   3   3   SER SER A . n 
A 1 7   ALA 7   4   4   ALA ALA A . n 
A 1 8   GLN 8   5   5   GLN GLN A . n 
A 1 9   PHE 9   6   6   PHE PHE A . n 
A 1 10  ASP 10  7   7   ASP ASP A . n 
A 1 11  HIS 11  8   8   HIS HIS A . n 
A 1 12  VAL 12  9   9   VAL VAL A . n 
A 1 13  THR 13  10  10  THR THR A . n 
A 1 14  VAL 14  11  11  VAL VAL A . n 
A 1 15  ILE 15  12  12  ILE ILE A . n 
A 1 16  LYS 16  13  13  LYS LYS A . n 
A 1 17  LYS 17  14  14  LYS LYS A . n 
A 1 18  SER 18  15  15  SER SER A . n 
A 1 19  ASN 19  16  16  ASN ASN A . n 
A 1 20  VAL 20  17  17  VAL VAL A . n 
A 1 21  TYR 21  18  18  TYR TYR A . n 
A 1 22  PHE 22  19  19  PHE PHE A . n 
A 1 23  GLY 23  20  20  GLY GLY A . n 
A 1 24  GLY 24  21  21  GLY GLY A . n 
A 1 25  LEU 25  22  22  LEU LEU A . n 
A 1 26  CYS 26  23  23  CYS CYS A . n 
A 1 27  ILE 27  24  24  ILE ILE A . n 
A 1 28  SER 28  25  25  SER SER A . n 
A 1 29  HIS 29  26  26  HIS HIS A . n 
A 1 30  THR 30  27  27  THR THR A . n 
A 1 31  VAL 31  28  28  VAL VAL A . n 
A 1 32  GLN 32  29  29  GLN GLN A . n 
A 1 33  PHE 33  30  30  PHE PHE A . n 
A 1 34  GLU 34  31  31  GLU GLU A . n 
A 1 35  ASP 35  32  32  ASP ASP A . n 
A 1 36  GLY 36  33  33  GLY GLY A . n 
A 1 37  THR 37  34  34  THR THR A . n 
A 1 38  LYS 38  35  35  LYS LYS A . n 
A 1 39  LYS 39  36  36  LYS LYS A . n 
A 1 40  THR 40  37  37  THR THR A . n 
A 1 41  LEU 41  38  38  LEU LEU A . n 
A 1 42  GLY 42  39  39  GLY GLY A . n 
A 1 43  VAL 43  40  40  VAL VAL A . n 
A 1 44  ILE 44  41  41  ILE ILE A . n 
A 1 45  LEU 45  42  42  LEU LEU A . n 
A 1 46  PRO 46  43  43  PRO PRO A . n 
A 1 47  THR 47  44  44  THR THR A . n 
A 1 48  GLU 48  45  45  GLU GLU A . n 
A 1 49  GLN 49  46  46  GLN GLN A . n 
A 1 50  PRO 50  47  47  PRO PRO A . n 
A 1 51  LEU 51  48  48  LEU LEU A . n 
A 1 52  THR 52  49  49  THR THR A . n 
A 1 53  PHE 53  50  50  PHE PHE A . n 
A 1 54  GLU 54  51  51  GLU GLU A . n 
A 1 55  THR 55  52  52  THR THR A . n 
A 1 56  HIS 56  53  53  HIS HIS A . n 
A 1 57  VAL 57  54  54  VAL VAL A . n 
A 1 58  PRO 58  55  55  PRO PRO A . n 
A 1 59  GLU 59  56  56  GLU GLU A . n 
A 1 60  ARG 60  57  57  ARG ARG A . n 
A 1 61  MSE 61  58  58  MSE MSE A . n 
A 1 62  GLU 62  59  59  GLU GLU A . n 
A 1 63  ILE 63  60  60  ILE ILE A . n 
A 1 64  ILE 64  61  61  ILE ILE A . n 
A 1 65  SER 65  62  62  SER SER A . n 
A 1 66  GLY 66  63  63  GLY GLY A . n 
A 1 67  GLU 67  64  64  GLU GLU A . n 
A 1 68  CYS 68  65  65  CYS CYS A . n 
A 1 69  ARG 69  66  66  ARG ARG A . n 
A 1 70  VAL 70  67  67  VAL VAL A . n 
A 1 71  LYS 71  68  68  LYS LYS A . n 
A 1 72  ILE 72  69  69  ILE ILE A . n 
A 1 73  ALA 73  70  70  ALA ALA A . n 
A 1 74  ASP 74  71  71  ASP ASP A . n 
A 1 75  SER 75  72  72  SER SER A . n 
A 1 76  THR 76  73  73  THR THR A . n 
A 1 77  GLU 77  74  74  GLU GLU A . n 
A 1 78  SER 78  75  75  SER SER A . n 
A 1 79  GLU 79  76  76  GLU GLU A . n 
A 1 80  LEU 80  77  77  LEU LEU A . n 
A 1 81  PHE 81  78  78  PHE PHE A . n 
A 1 82  ARG 82  79  79  ARG ARG A . n 
A 1 83  ALA 83  80  80  ALA ALA A . n 
A 1 84  GLY 84  81  81  GLY GLY A . n 
A 1 85  GLN 85  82  82  GLN GLN A . n 
A 1 86  SER 86  83  83  SER SER A . n 
A 1 87  PHE 87  84  84  PHE PHE A . n 
A 1 88  TYR 88  85  85  TYR TYR A . n 
A 1 89  VAL 89  86  86  VAL VAL A . n 
A 1 90  PRO 90  87  87  PRO PRO A . n 
A 1 91  GLY 91  88  88  GLY GLY A . n 
A 1 92  ASN 92  89  89  ASN ASN A . n 
A 1 93  SER 93  90  90  SER SER A . n 
A 1 94  LEU 94  91  91  LEU LEU A . n 
A 1 95  PHE 95  92  92  PHE PHE A . n 
A 1 96  LYS 96  93  93  LYS LYS A . n 
A 1 97  ILE 97  94  94  ILE ILE A . n 
A 1 98  GLU 98  95  95  GLU GLU A . n 
A 1 99  THR 99  96  96  THR THR A . n 
A 1 100 ASP 100 97  97  ASP ASP A . n 
A 1 101 GLU 101 98  98  GLU GLU A . n 
A 1 102 VAL 102 99  99  VAL VAL A . n 
A 1 103 LEU 103 100 100 LEU LEU A . n 
A 1 104 ASP 104 101 101 ASP ASP A . n 
A 1 105 TYR 105 102 102 TYR TYR A . n 
A 1 106 VAL 106 103 103 VAL VAL A . n 
A 1 107 CYS 107 104 104 CYS CYS A . n 
A 1 108 HIS 108 105 105 HIS HIS A . n 
A 1 109 LEU 109 106 106 LEU LEU A . n 
A 1 110 GLU 110 107 107 GLU GLU A . n 
A 1 111 GLY 111 108 ?   ?   ?   A . n 
# 
loop_
_pdbx_nonpoly_scheme.asym_id 
_pdbx_nonpoly_scheme.entity_id 
_pdbx_nonpoly_scheme.mon_id 
_pdbx_nonpoly_scheme.ndb_seq_num 
_pdbx_nonpoly_scheme.pdb_seq_num 
_pdbx_nonpoly_scheme.auth_seq_num 
_pdbx_nonpoly_scheme.pdb_mon_id 
_pdbx_nonpoly_scheme.auth_mon_id 
_pdbx_nonpoly_scheme.pdb_strand_id 
_pdbx_nonpoly_scheme.pdb_ins_code 
B 2 HOH 1   109 109 HOH HOH A . 
B 2 HOH 2   110 110 HOH HOH A . 
B 2 HOH 3   111 1   HOH HOH A . 
B 2 HOH 4   112 2   HOH HOH A . 
B 2 HOH 5   113 3   HOH HOH A . 
B 2 HOH 6   114 114 HOH HOH A . 
B 2 HOH 7   115 115 HOH HOH A . 
B 2 HOH 8   116 116 HOH HOH A . 
B 2 HOH 9   117 117 HOH HOH A . 
B 2 HOH 10  118 118 HOH HOH A . 
B 2 HOH 11  119 119 HOH HOH A . 
B 2 HOH 12  120 120 HOH HOH A . 
B 2 HOH 13  121 121 HOH HOH A . 
B 2 HOH 14  122 4   HOH HOH A . 
B 2 HOH 15  123 5   HOH HOH A . 
B 2 HOH 16  124 6   HOH HOH A . 
B 2 HOH 17  125 7   HOH HOH A . 
B 2 HOH 18  126 8   HOH HOH A . 
B 2 HOH 19  127 9   HOH HOH A . 
B 2 HOH 20  128 10  HOH HOH A . 
B 2 HOH 21  129 11  HOH HOH A . 
B 2 HOH 22  130 12  HOH HOH A . 
B 2 HOH 23  131 13  HOH HOH A . 
B 2 HOH 24  132 15  HOH HOH A . 
B 2 HOH 25  133 16  HOH HOH A . 
B 2 HOH 26  134 17  HOH HOH A . 
B 2 HOH 27  135 18  HOH HOH A . 
B 2 HOH 28  136 19  HOH HOH A . 
B 2 HOH 29  137 20  HOH HOH A . 
B 2 HOH 30  138 21  HOH HOH A . 
B 2 HOH 31  139 22  HOH HOH A . 
B 2 HOH 32  140 23  HOH HOH A . 
B 2 HOH 33  141 24  HOH HOH A . 
B 2 HOH 34  142 25  HOH HOH A . 
B 2 HOH 35  143 26  HOH HOH A . 
B 2 HOH 36  144 27  HOH HOH A . 
B 2 HOH 37  145 28  HOH HOH A . 
B 2 HOH 38  146 29  HOH HOH A . 
B 2 HOH 39  147 31  HOH HOH A . 
B 2 HOH 40  148 32  HOH HOH A . 
B 2 HOH 41  149 33  HOH HOH A . 
B 2 HOH 42  150 34  HOH HOH A . 
B 2 HOH 43  151 35  HOH HOH A . 
B 2 HOH 44  152 36  HOH HOH A . 
B 2 HOH 45  153 37  HOH HOH A . 
B 2 HOH 46  154 38  HOH HOH A . 
B 2 HOH 47  155 39  HOH HOH A . 
B 2 HOH 48  156 40  HOH HOH A . 
B 2 HOH 49  157 41  HOH HOH A . 
B 2 HOH 50  158 43  HOH HOH A . 
B 2 HOH 51  159 44  HOH HOH A . 
B 2 HOH 52  160 45  HOH HOH A . 
B 2 HOH 53  161 46  HOH HOH A . 
B 2 HOH 54  162 47  HOH HOH A . 
B 2 HOH 55  163 48  HOH HOH A . 
B 2 HOH 56  164 49  HOH HOH A . 
B 2 HOH 57  165 51  HOH HOH A . 
B 2 HOH 58  166 52  HOH HOH A . 
B 2 HOH 59  167 53  HOH HOH A . 
B 2 HOH 60  168 54  HOH HOH A . 
B 2 HOH 61  169 55  HOH HOH A . 
B 2 HOH 62  170 56  HOH HOH A . 
B 2 HOH 63  171 57  HOH HOH A . 
B 2 HOH 64  172 58  HOH HOH A . 
B 2 HOH 65  173 59  HOH HOH A . 
B 2 HOH 66  174 61  HOH HOH A . 
B 2 HOH 67  175 62  HOH HOH A . 
B 2 HOH 68  176 63  HOH HOH A . 
B 2 HOH 69  177 64  HOH HOH A . 
B 2 HOH 70  178 65  HOH HOH A . 
B 2 HOH 71  179 66  HOH HOH A . 
B 2 HOH 72  180 67  HOH HOH A . 
B 2 HOH 73  181 68  HOH HOH A . 
B 2 HOH 74  182 69  HOH HOH A . 
B 2 HOH 75  183 70  HOH HOH A . 
B 2 HOH 76  184 71  HOH HOH A . 
B 2 HOH 77  185 72  HOH HOH A . 
B 2 HOH 78  186 73  HOH HOH A . 
B 2 HOH 79  187 74  HOH HOH A . 
B 2 HOH 80  188 76  HOH HOH A . 
B 2 HOH 81  189 77  HOH HOH A . 
B 2 HOH 82  190 78  HOH HOH A . 
B 2 HOH 83  191 79  HOH HOH A . 
B 2 HOH 84  192 80  HOH HOH A . 
B 2 HOH 85  193 81  HOH HOH A . 
B 2 HOH 86  194 82  HOH HOH A . 
B 2 HOH 87  195 83  HOH HOH A . 
B 2 HOH 88  196 84  HOH HOH A . 
B 2 HOH 89  197 85  HOH HOH A . 
B 2 HOH 90  198 86  HOH HOH A . 
B 2 HOH 91  199 87  HOH HOH A . 
B 2 HOH 92  200 88  HOH HOH A . 
B 2 HOH 93  201 89  HOH HOH A . 
B 2 HOH 94  202 92  HOH HOH A . 
B 2 HOH 95  203 93  HOH HOH A . 
B 2 HOH 96  204 94  HOH HOH A . 
B 2 HOH 97  205 95  HOH HOH A . 
B 2 HOH 98  206 96  HOH HOH A . 
B 2 HOH 99  207 99  HOH HOH A . 
B 2 HOH 100 208 100 HOH HOH A . 
B 2 HOH 101 209 102 HOH HOH A . 
B 2 HOH 102 210 103 HOH HOH A . 
# 
loop_
_software.name 
_software.classification 
_software.version 
_software.citation_id 
_software.pdbx_ordinal 
SBC-Collect 'data collection' .        ? 1 
SHELX       'model building'  .        ? 2 
ARP/wARP    'model building'  .        ? 3 
Coot        'model building'  .        ? 4 
REFMAC      refinement        5.5.0054 ? 5 
HKL-3000    'data reduction'  .        ? 6 
HKL-3000    'data scaling'    .        ? 7 
SHELX       phasing           .        ? 8 
# 
_cell.entry_id           3HQX 
_cell.length_a           65.050 
_cell.length_b           25.952 
_cell.length_c           55.230 
_cell.angle_alpha        90.00 
_cell.angle_beta         90.00 
_cell.angle_gamma        90.00 
_cell.Z_PDB              4 
_cell.pdbx_unique_axis   ? 
_cell.length_a_esd       ? 
_cell.length_b_esd       ? 
_cell.length_c_esd       ? 
_cell.angle_alpha_esd    ? 
_cell.angle_beta_esd     ? 
_cell.angle_gamma_esd    ? 
# 
_symmetry.entry_id                         3HQX 
_symmetry.space_group_name_H-M             'P 21 21 2' 
_symmetry.pdbx_full_space_group_name_H-M   ? 
_symmetry.cell_setting                     ? 
_symmetry.Int_Tables_number                18 
_symmetry.space_group_name_Hall            ? 
# 
_exptl.entry_id          3HQX 
_exptl.method            'X-RAY DIFFRACTION' 
_exptl.crystals_number   1 
# 
_exptl_crystal.id                    1 
_exptl_crystal.density_meas          ? 
_exptl_crystal.density_Matthews      1.87 
_exptl_crystal.density_percent_sol   34.29 
_exptl_crystal.description           ? 
_exptl_crystal.F_000                 ? 
_exptl_crystal.preparation           ? 
# 
_exptl_crystal_grow.crystal_id      1 
_exptl_crystal_grow.method          'VAPOR DIFFUSION, SITTING DROP' 
_exptl_crystal_grow.temp            289 
_exptl_crystal_grow.temp_details    ? 
_exptl_crystal_grow.pH              7.5 
_exptl_crystal_grow.pdbx_details    
;25% Peg 3350 
.2 M Lithium sulfate 
0.1 M Hepes pH7.5, VAPOR DIFFUSION, SITTING DROP, temperature 289K
;
_exptl_crystal_grow.pdbx_pH_range   ? 
# 
_diffrn.id                     1 
_diffrn.ambient_temp           100 
_diffrn.ambient_temp_details   ? 
_diffrn.crystal_id             1 
# 
_diffrn_detector.diffrn_id              1 
_diffrn_detector.detector               CCD 
_diffrn_detector.type                   'ADSC QUANTUM 210r' 
_diffrn_detector.pdbx_collection_date   2009-02-14 
_diffrn_detector.details                'double crystal' 
# 
_diffrn_radiation.diffrn_id                        1 
_diffrn_radiation.wavelength_id                    1 
_diffrn_radiation.pdbx_monochromatic_or_laue_m_l   M 
_diffrn_radiation.monochromator                    'double crystal' 
_diffrn_radiation.pdbx_diffrn_protocol             'SINGLE WAVELENGTH' 
_diffrn_radiation.pdbx_scattering_type             x-ray 
# 
_diffrn_radiation_wavelength.id           1 
_diffrn_radiation_wavelength.wavelength   0.9794 
_diffrn_radiation_wavelength.wt           1.0 
# 
_diffrn_source.diffrn_id                   1 
_diffrn_source.source                      SYNCHROTRON 
_diffrn_source.type                        'APS BEAMLINE 19-BM' 
_diffrn_source.pdbx_synchrotron_site       APS 
_diffrn_source.pdbx_synchrotron_beamline   19-BM 
_diffrn_source.pdbx_wavelength             ? 
_diffrn_source.pdbx_wavelength_list        0.9794 
# 
_reflns.entry_id                     3HQX 
_reflns.observed_criterion_sigma_I   2 
_reflns.observed_criterion_sigma_F   2 
_reflns.d_resolution_low             25.5 
_reflns.d_resolution_high            1.65 
_reflns.number_obs                   11471 
_reflns.number_all                   11655 
_reflns.percent_possible_obs         98.4 
_reflns.pdbx_Rmerge_I_obs            0.04 
_reflns.pdbx_Rsym_value              ? 
_reflns.pdbx_netI_over_sigmaI        51 
_reflns.B_iso_Wilson_estimate        29.5 
_reflns.pdbx_redundancy              4.6 
_reflns.R_free_details               ? 
_reflns.limit_h_max                  ? 
_reflns.limit_h_min                  ? 
_reflns.limit_k_max                  ? 
_reflns.limit_k_min                  ? 
_reflns.limit_l_max                  ? 
_reflns.limit_l_min                  ? 
_reflns.observed_criterion_F_max     ? 
_reflns.observed_criterion_F_min     ? 
_reflns.pdbx_chi_squared             ? 
_reflns.pdbx_scaling_rejects         ? 
_reflns.pdbx_ordinal                 1 
_reflns.pdbx_diffrn_id               1 
# 
_reflns_shell.d_res_high             1.65 
_reflns_shell.d_res_low              1.72 
_reflns_shell.percent_possible_all   95.3 
_reflns_shell.Rmerge_I_obs           0.115 
_reflns_shell.pdbx_Rsym_value        ? 
_reflns_shell.meanI_over_sigI_obs    13 
_reflns_shell.pdbx_redundancy        4.2 
_reflns_shell.percent_possible_obs   ? 
_reflns_shell.number_unique_all      1094 
_reflns_shell.number_measured_all    ? 
_reflns_shell.number_measured_obs    ? 
_reflns_shell.number_unique_obs      ? 
_reflns_shell.pdbx_chi_squared       ? 
_reflns_shell.pdbx_ordinal           1 
_reflns_shell.pdbx_diffrn_id         1 
# 
_refine.entry_id                                 3HQX 
_refine.ls_number_reflns_obs                     10901 
_refine.ls_number_reflns_all                     11446 
_refine.pdbx_ls_sigma_I                          2 
_refine.pdbx_ls_sigma_F                          2 
_refine.pdbx_data_cutoff_high_absF               ? 
_refine.pdbx_data_cutoff_low_absF                ? 
_refine.pdbx_data_cutoff_high_rms_absF           ? 
_refine.ls_d_res_low                             25.5 
_refine.ls_d_res_high                            1.66 
_refine.ls_percent_reflns_obs                    98.27 
_refine.ls_R_factor_obs                          0.16471 
_refine.ls_R_factor_all                          0.1700 
_refine.ls_R_factor_R_work                       0.16278 
_refine.ls_R_factor_R_free                       0.20150 
_refine.ls_R_factor_R_free_error                 ? 
_refine.ls_R_factor_R_free_error_details         ? 
_refine.ls_percent_reflns_R_free                 4.8 
_refine.ls_number_reflns_R_free                  545 
_refine.ls_number_parameters                     ? 
_refine.ls_number_restraints                     ? 
_refine.occupancy_min                            ? 
_refine.occupancy_max                            ? 
_refine.correlation_coeff_Fo_to_Fc               0.966 
_refine.correlation_coeff_Fo_to_Fc_free          0.946 
_refine.B_iso_mean                               8.882 
_refine.aniso_B[1][1]                            -1.45 
_refine.aniso_B[2][2]                            0.14 
_refine.aniso_B[3][3]                            1.31 
_refine.aniso_B[1][2]                            0.00 
_refine.aniso_B[1][3]                            0.00 
_refine.aniso_B[2][3]                            0.00 
_refine.solvent_model_details                    MASK 
_refine.solvent_model_param_ksol                 ? 
_refine.solvent_model_param_bsol                 ? 
_refine.pdbx_solvent_vdw_probe_radii             1.20 
_refine.pdbx_solvent_ion_probe_radii             0.80 
_refine.pdbx_solvent_shrinkage_radii             0.80 
_refine.pdbx_ls_cross_valid_method               THROUGHOUT 
_refine.details                                  'HYDROGENS HAVE BEEN ADDED IN THE RIDING POSITIONS' 
_refine.pdbx_starting_model                      ? 
_refine.pdbx_method_to_determine_struct          SAD 
_refine.pdbx_isotropic_thermal_model             ? 
_refine.pdbx_stereochemistry_target_values       'MAXIMUM LIKELIHOOD' 
_refine.pdbx_stereochem_target_val_spec_case     ? 
_refine.pdbx_R_Free_selection_details            RANDOM 
_refine.pdbx_overall_ESU_R                       0.100 
_refine.pdbx_overall_ESU_R_Free                  0.100 
_refine.overall_SU_ML                            0.058 
_refine.overall_SU_B                             3.746 
_refine.ls_redundancy_reflns_obs                 ? 
_refine.B_iso_min                                ? 
_refine.B_iso_max                                ? 
_refine.overall_SU_R_Cruickshank_DPI             ? 
_refine.overall_SU_R_free                        ? 
_refine.ls_wR_factor_R_free                      ? 
_refine.ls_wR_factor_R_work                      ? 
_refine.overall_FOM_free_R_set                   ? 
_refine.overall_FOM_work_R_set                   ? 
_refine.pdbx_overall_phase_error                 ? 
_refine.pdbx_refine_id                           'X-RAY DIFFRACTION' 
_refine.pdbx_TLS_residual_ADP_flag               'LIKELY RESIDUAL' 
_refine.pdbx_diffrn_id                           1 
_refine.pdbx_overall_SU_R_free_Cruickshank_DPI   ? 
_refine.pdbx_overall_SU_R_Blow_DPI               ? 
_refine.pdbx_overall_SU_R_free_Blow_DPI          ? 
# 
_refine_hist.pdbx_refine_id                   'X-RAY DIFFRACTION' 
_refine_hist.cycle_id                         LAST 
_refine_hist.pdbx_number_atoms_protein        829 
_refine_hist.pdbx_number_atoms_nucleic_acid   0 
_refine_hist.pdbx_number_atoms_ligand         0 
_refine_hist.number_atoms_solvent             102 
_refine_hist.number_atoms_total               931 
_refine_hist.d_res_high                       1.66 
_refine_hist.d_res_low                        25.5 
# 
loop_
_refine_ls_restr.type 
_refine_ls_restr.dev_ideal 
_refine_ls_restr.dev_ideal_target 
_refine_ls_restr.weight 
_refine_ls_restr.number 
_refine_ls_restr.pdbx_refine_id 
_refine_ls_restr.pdbx_restraint_function 
r_bond_refined_d             0.019  0.022  ? 846  'X-RAY DIFFRACTION' ? 
r_bond_other_d               0.001  0.020  ? 564  'X-RAY DIFFRACTION' ? 
r_angle_refined_deg          1.596  1.956  ? 1145 'X-RAY DIFFRACTION' ? 
r_angle_other_deg            0.914  3.000  ? 1385 'X-RAY DIFFRACTION' ? 
r_dihedral_angle_1_deg       7.077  5.000  ? 104  'X-RAY DIFFRACTION' ? 
r_dihedral_angle_2_deg       36.495 24.872 ? 39   'X-RAY DIFFRACTION' ? 
r_dihedral_angle_3_deg       12.050 15.000 ? 147  'X-RAY DIFFRACTION' ? 
r_dihedral_angle_4_deg       21.505 15.000 ? 3    'X-RAY DIFFRACTION' ? 
r_chiral_restr               0.105  0.200  ? 132  'X-RAY DIFFRACTION' ? 
r_gen_planes_refined         0.008  0.021  ? 932  'X-RAY DIFFRACTION' ? 
r_gen_planes_other           0.001  0.020  ? 167  'X-RAY DIFFRACTION' ? 
r_nbd_refined                ?      ?      ? ?    'X-RAY DIFFRACTION' ? 
r_nbd_other                  ?      ?      ? ?    'X-RAY DIFFRACTION' ? 
r_nbtor_refined              ?      ?      ? ?    'X-RAY DIFFRACTION' ? 
r_nbtor_other                ?      ?      ? ?    'X-RAY DIFFRACTION' ? 
r_xyhbond_nbd_refined        ?      ?      ? ?    'X-RAY DIFFRACTION' ? 
r_xyhbond_nbd_other          ?      ?      ? ?    'X-RAY DIFFRACTION' ? 
r_metal_ion_refined          ?      ?      ? ?    'X-RAY DIFFRACTION' ? 
r_metal_ion_other            ?      ?      ? ?    'X-RAY DIFFRACTION' ? 
r_symmetry_vdw_refined       ?      ?      ? ?    'X-RAY DIFFRACTION' ? 
r_symmetry_vdw_other         ?      ?      ? ?    'X-RAY DIFFRACTION' ? 
r_symmetry_hbond_refined     ?      ?      ? ?    'X-RAY DIFFRACTION' ? 
r_symmetry_hbond_other       ?      ?      ? ?    'X-RAY DIFFRACTION' ? 
r_symmetry_metal_ion_refined ?      ?      ? ?    'X-RAY DIFFRACTION' ? 
r_symmetry_metal_ion_other   ?      ?      ? ?    'X-RAY DIFFRACTION' ? 
r_mcbond_it                  1.143  1.500  ? 521  'X-RAY DIFFRACTION' ? 
r_mcbond_other               0.350  1.500  ? 212  'X-RAY DIFFRACTION' ? 
r_mcangle_it                 1.954  2.000  ? 851  'X-RAY DIFFRACTION' ? 
r_scbond_it                  2.623  3.000  ? 325  'X-RAY DIFFRACTION' ? 
r_scangle_it                 4.104  4.500  ? 294  'X-RAY DIFFRACTION' ? 
r_rigid_bond_restr           ?      ?      ? ?    'X-RAY DIFFRACTION' ? 
r_sphericity_free            ?      ?      ? ?    'X-RAY DIFFRACTION' ? 
r_sphericity_bonded          ?      ?      ? ?    'X-RAY DIFFRACTION' ? 
# 
_refine_ls_shell.pdbx_total_number_of_bins_used   20 
_refine_ls_shell.d_res_high                       1.659 
_refine_ls_shell.d_res_low                        1.702 
_refine_ls_shell.number_reflns_R_work             748 
_refine_ls_shell.R_factor_R_work                  0.188 
_refine_ls_shell.percent_reflns_obs               92.70 
_refine_ls_shell.R_factor_R_free                  0.147 
_refine_ls_shell.R_factor_R_free_error            ? 
_refine_ls_shell.percent_reflns_R_free            ? 
_refine_ls_shell.number_reflns_R_free             39 
_refine_ls_shell.number_reflns_all                ? 
_refine_ls_shell.R_factor_all                     ? 
_refine_ls_shell.number_reflns_obs                ? 
_refine_ls_shell.redundancy_reflns_obs            ? 
_refine_ls_shell.pdbx_refine_id                   'X-RAY DIFFRACTION' 
# 
_struct.entry_id                  3HQX 
_struct.title                     'Crystal structure of protein of unknown function (DUF1255,PF06865) from Acinetobacter sp. ADP1' 
_struct.pdbx_model_details        ? 
_struct.pdbx_CASP_flag            ? 
_struct.pdbx_model_type_details   ? 
# 
_struct_keywords.entry_id        3HQX 
_struct_keywords.pdbx_keywords   'structural genomics, unknown function' 
_struct_keywords.text            
;DUF1255, PF06865, PSI2, MCSG, Structural Genomics, Protein Structure Initiative, Midwest Center for Structural Genomics, unknown function
;
# 
loop_
_struct_asym.id 
_struct_asym.pdbx_blank_PDB_chainid_flag 
_struct_asym.pdbx_modified 
_struct_asym.entity_id 
_struct_asym.details 
A N N 1 ? 
B N N 2 ? 
# 
_struct_ref.id                         1 
_struct_ref.db_name                    UNP 
_struct_ref.db_code                    Y356_ACIAD 
_struct_ref.pdbx_db_accession          Q6FF51 
_struct_ref.entity_id                  1 
_struct_ref.pdbx_seq_one_letter_code   
;MSSAQFDHVTVIKKSNVYFGGLCISHTVQFEDGTKKTLGVILPTEQPLTFETHVPERMEIISGECRVKIADSTESELFRA
GQSFYVPGNSLFKIETDEVLDYVCHLEG
;
_struct_ref.pdbx_align_begin           1 
_struct_ref.pdbx_db_isoform            ? 
# 
_struct_ref_seq.align_id                      1 
_struct_ref_seq.ref_id                        1 
_struct_ref_seq.pdbx_PDB_id_code              3HQX 
_struct_ref_seq.pdbx_strand_id                A 
_struct_ref_seq.seq_align_beg                 4 
_struct_ref_seq.pdbx_seq_align_beg_ins_code   ? 
_struct_ref_seq.seq_align_end                 111 
_struct_ref_seq.pdbx_seq_align_end_ins_code   ? 
_struct_ref_seq.pdbx_db_accession             Q6FF51 
_struct_ref_seq.db_align_beg                  1 
_struct_ref_seq.pdbx_db_align_beg_ins_code    ? 
_struct_ref_seq.db_align_end                  108 
_struct_ref_seq.pdbx_db_align_end_ins_code    ? 
_struct_ref_seq.pdbx_auth_seq_align_beg       1 
_struct_ref_seq.pdbx_auth_seq_align_end       108 
# 
loop_
_struct_ref_seq_dif.align_id 
_struct_ref_seq_dif.pdbx_pdb_id_code 
_struct_ref_seq_dif.mon_id 
_struct_ref_seq_dif.pdbx_pdb_strand_id 
_struct_ref_seq_dif.seq_num 
_struct_ref_seq_dif.pdbx_pdb_ins_code 
_struct_ref_seq_dif.pdbx_seq_db_name 
_struct_ref_seq_dif.pdbx_seq_db_accession_code 
_struct_ref_seq_dif.db_mon_id 
_struct_ref_seq_dif.pdbx_seq_db_seq_num 
_struct_ref_seq_dif.details 
_struct_ref_seq_dif.pdbx_auth_seq_num 
_struct_ref_seq_dif.pdbx_ordinal 
1 3HQX SER A 1 ? UNP Q6FF51 ? ? 'expression tag' -2 1 
1 3HQX ASN A 2 ? UNP Q6FF51 ? ? 'expression tag' -1 2 
1 3HQX ALA A 3 ? UNP Q6FF51 ? ? 'expression tag' 0  3 
# 
_pdbx_struct_assembly.id                   1 
_pdbx_struct_assembly.details              software_defined_assembly 
_pdbx_struct_assembly.method_details       PISA 
_pdbx_struct_assembly.oligomeric_details   dimeric 
_pdbx_struct_assembly.oligomeric_count     2 
# 
loop_
_pdbx_struct_assembly_prop.biol_id 
_pdbx_struct_assembly_prop.type 
_pdbx_struct_assembly_prop.value 
_pdbx_struct_assembly_prop.details 
1 'ABSA (A^2)' 2320  ? 
1 MORE         -14   ? 
1 'SSA (A^2)'  10810 ? 
# 
_pdbx_struct_assembly_gen.assembly_id       1 
_pdbx_struct_assembly_gen.oper_expression   1,2 
_pdbx_struct_assembly_gen.asym_id_list      A,B 
# 
loop_
_pdbx_struct_oper_list.id 
_pdbx_struct_oper_list.type 
_pdbx_struct_oper_list.name 
_pdbx_struct_oper_list.symmetry_operation 
_pdbx_struct_oper_list.matrix[1][1] 
_pdbx_struct_oper_list.matrix[1][2] 
_pdbx_struct_oper_list.matrix[1][3] 
_pdbx_struct_oper_list.vector[1] 
_pdbx_struct_oper_list.matrix[2][1] 
_pdbx_struct_oper_list.matrix[2][2] 
_pdbx_struct_oper_list.matrix[2][3] 
_pdbx_struct_oper_list.vector[2] 
_pdbx_struct_oper_list.matrix[3][1] 
_pdbx_struct_oper_list.matrix[3][2] 
_pdbx_struct_oper_list.matrix[3][3] 
_pdbx_struct_oper_list.vector[3] 
1 'identity operation'         1_555 x,y,z   1.0000000000 0.0000000000 0.0000000000  0.0000000000  0.0000000000 1.0000000000  0.0000000000  0.0000000000 0.0000000000  0.0000000000  1.0000000000  0.0000000000   
2 'crystal symmetry operation' 2_555 -x,-y,z 0.5999988551 0.7248801224 -0.3384526290 -6.2589511063 0.7248801224 -0.6715927701 -0.1533360992 3.1303868382 -0.3384526290 -0.1533360992 -0.9284060850 -22.8840279124 
# 
_struct_biol.id        1 
_struct_biol.details   Unknown 
# 
loop_
_struct_conn.id 
_struct_conn.conn_type_id 
_struct_conn.pdbx_leaving_atom_flag 
_struct_conn.pdbx_PDB_id 
_struct_conn.ptnr1_label_asym_id 
_struct_conn.ptnr1_label_comp_id 
_struct_conn.ptnr1_label_seq_id 
_struct_conn.ptnr1_label_atom_id 
_struct_conn.pdbx_ptnr1_label_alt_id 
_struct_conn.pdbx_ptnr1_PDB_ins_code 
_struct_conn.pdbx_ptnr1_standard_comp_id 
_struct_conn.ptnr1_symmetry 
_struct_conn.ptnr2_label_asym_id 
_struct_conn.ptnr2_label_comp_id 
_struct_conn.ptnr2_label_seq_id 
_struct_conn.ptnr2_label_atom_id 
_struct_conn.pdbx_ptnr2_label_alt_id 
_struct_conn.pdbx_ptnr2_PDB_ins_code 
_struct_conn.ptnr1_auth_asym_id 
_struct_conn.ptnr1_auth_comp_id 
_struct_conn.ptnr1_auth_seq_id 
_struct_conn.ptnr2_auth_asym_id 
_struct_conn.ptnr2_auth_comp_id 
_struct_conn.ptnr2_auth_seq_id 
_struct_conn.ptnr2_symmetry 
_struct_conn.pdbx_ptnr3_label_atom_id 
_struct_conn.pdbx_ptnr3_label_seq_id 
_struct_conn.pdbx_ptnr3_label_comp_id 
_struct_conn.pdbx_ptnr3_label_asym_id 
_struct_conn.pdbx_ptnr3_label_alt_id 
_struct_conn.pdbx_ptnr3_PDB_ins_code 
_struct_conn.details 
_struct_conn.pdbx_dist_value 
_struct_conn.pdbx_value_order 
_struct_conn.pdbx_role 
covale1 covale both ? A ARG 60 C ? ? ? 1_555 A MSE 61 N ? ? A ARG 57 A MSE 58 1_555 ? ? ? ? ? ? ? 1.327 ? ? 
covale2 covale both ? A MSE 61 C ? ? ? 1_555 A GLU 62 N ? ? A MSE 58 A GLU 59 1_555 ? ? ? ? ? ? ? 1.324 ? ? 
# 
_struct_conn_type.id          covale 
_struct_conn_type.criteria    ? 
_struct_conn_type.reference   ? 
# 
_pdbx_modification_feature.ordinal                            1 
_pdbx_modification_feature.label_comp_id                      MSE 
_pdbx_modification_feature.label_asym_id                      A 
_pdbx_modification_feature.label_seq_id                       61 
_pdbx_modification_feature.label_alt_id                       ? 
_pdbx_modification_feature.modified_residue_label_comp_id     . 
_pdbx_modification_feature.modified_residue_label_asym_id     . 
_pdbx_modification_feature.modified_residue_label_seq_id      . 
_pdbx_modification_feature.modified_residue_label_alt_id      . 
_pdbx_modification_feature.auth_comp_id                       MSE 
_pdbx_modification_feature.auth_asym_id                       A 
_pdbx_modification_feature.auth_seq_id                        58 
_pdbx_modification_feature.PDB_ins_code                       ? 
_pdbx_modification_feature.symmetry                           1_555 
_pdbx_modification_feature.modified_residue_auth_comp_id      . 
_pdbx_modification_feature.modified_residue_auth_asym_id      . 
_pdbx_modification_feature.modified_residue_auth_seq_id       . 
_pdbx_modification_feature.modified_residue_PDB_ins_code      . 
_pdbx_modification_feature.modified_residue_symmetry          . 
_pdbx_modification_feature.comp_id_linking_atom               . 
_pdbx_modification_feature.modified_residue_id_linking_atom   . 
_pdbx_modification_feature.modified_residue_id                MET 
_pdbx_modification_feature.ref_pcm_id                         1 
_pdbx_modification_feature.ref_comp_id                        MSE 
_pdbx_modification_feature.type                               Selenomethionine 
_pdbx_modification_feature.category                           'Named protein modification' 
# 
loop_
_struct_sheet.id 
_struct_sheet.type 
_struct_sheet.number_strands 
_struct_sheet.details 
A ? 3 ? 
B ? 6 ? 
C ? 4 ? 
# 
loop_
_struct_sheet_order.sheet_id 
_struct_sheet_order.range_id_1 
_struct_sheet_order.range_id_2 
_struct_sheet_order.offset 
_struct_sheet_order.sense 
A 1 2 ? anti-parallel 
A 2 3 ? anti-parallel 
B 1 2 ? anti-parallel 
B 2 3 ? anti-parallel 
B 3 4 ? anti-parallel 
B 4 5 ? anti-parallel 
B 5 6 ? anti-parallel 
C 1 2 ? anti-parallel 
C 2 3 ? anti-parallel 
C 3 4 ? anti-parallel 
# 
loop_
_struct_sheet_range.sheet_id 
_struct_sheet_range.id 
_struct_sheet_range.beg_label_comp_id 
_struct_sheet_range.beg_label_asym_id 
_struct_sheet_range.beg_label_seq_id 
_struct_sheet_range.pdbx_beg_PDB_ins_code 
_struct_sheet_range.end_label_comp_id 
_struct_sheet_range.end_label_asym_id 
_struct_sheet_range.end_label_seq_id 
_struct_sheet_range.pdbx_end_PDB_ins_code 
_struct_sheet_range.beg_auth_comp_id 
_struct_sheet_range.beg_auth_asym_id 
_struct_sheet_range.beg_auth_seq_id 
_struct_sheet_range.end_auth_comp_id 
_struct_sheet_range.end_auth_asym_id 
_struct_sheet_range.end_auth_seq_id 
A 1 THR A 13  ? VAL A 14  ? THR A 10  VAL A 11  
A 2 CYS A 26  ? GLN A 32  ? CYS A 23  GLN A 29  
A 3 ASN A 19  ? TYR A 21  ? ASN A 16  TYR A 18  
B 1 THR A 13  ? VAL A 14  ? THR A 10  VAL A 11  
B 2 CYS A 26  ? GLN A 32  ? CYS A 23  GLN A 29  
B 3 LYS A 38  ? ILE A 44  ? LYS A 35  ILE A 41  
B 4 LEU A 103 ? LEU A 109 ? LEU A 100 LEU A 106 
B 5 GLU A 59  ? SER A 65  ? GLU A 56  SER A 62  
B 6 SER A 86  ? VAL A 89  ? SER A 83  VAL A 86  
C 1 LEU A 51  ? GLU A 54  ? LEU A 48  GLU A 51  
C 2 LEU A 94  ? GLU A 98  ? LEU A 91  GLU A 95  
C 3 GLU A 67  ? ILE A 72  ? GLU A 64  ILE A 69  
C 4 GLU A 79  ? ARG A 82  ? GLU A 76  ARG A 79  
# 
loop_
_pdbx_struct_sheet_hbond.sheet_id 
_pdbx_struct_sheet_hbond.range_id_1 
_pdbx_struct_sheet_hbond.range_id_2 
_pdbx_struct_sheet_hbond.range_1_label_atom_id 
_pdbx_struct_sheet_hbond.range_1_label_comp_id 
_pdbx_struct_sheet_hbond.range_1_label_asym_id 
_pdbx_struct_sheet_hbond.range_1_label_seq_id 
_pdbx_struct_sheet_hbond.range_1_PDB_ins_code 
_pdbx_struct_sheet_hbond.range_1_auth_atom_id 
_pdbx_struct_sheet_hbond.range_1_auth_comp_id 
_pdbx_struct_sheet_hbond.range_1_auth_asym_id 
_pdbx_struct_sheet_hbond.range_1_auth_seq_id 
_pdbx_struct_sheet_hbond.range_2_label_atom_id 
_pdbx_struct_sheet_hbond.range_2_label_comp_id 
_pdbx_struct_sheet_hbond.range_2_label_asym_id 
_pdbx_struct_sheet_hbond.range_2_label_seq_id 
_pdbx_struct_sheet_hbond.range_2_PDB_ins_code 
_pdbx_struct_sheet_hbond.range_2_auth_atom_id 
_pdbx_struct_sheet_hbond.range_2_auth_comp_id 
_pdbx_struct_sheet_hbond.range_2_auth_asym_id 
_pdbx_struct_sheet_hbond.range_2_auth_seq_id 
A 1 2 N THR A 13  ? N THR A 10  O GLN A 32  ? O GLN A 29  
A 2 3 O SER A 28  ? O SER A 25  N ASN A 19  ? N ASN A 16  
B 1 2 N THR A 13  ? N THR A 10  O GLN A 32  ? O GLN A 29  
B 2 3 N VAL A 31  ? N VAL A 28  O LYS A 39  ? O LYS A 36  
B 3 4 N ILE A 44  ? N ILE A 41  O LEU A 103 ? O LEU A 100 
B 4 5 O HIS A 108 ? O HIS A 105 N ARG A 60  ? N ARG A 57  
B 5 6 N GLU A 59  ? N GLU A 56  O VAL A 89  ? O VAL A 86  
C 1 2 N LEU A 51  ? N LEU A 48  O ILE A 97  ? O ILE A 94  
C 2 3 O LYS A 96  ? O LYS A 93  N LYS A 71  ? N LYS A 68  
C 3 4 N CYS A 68  ? N CYS A 65  O PHE A 81  ? O PHE A 78  
# 
_pdbx_entry_details.entry_id                   3HQX 
_pdbx_entry_details.compound_details           ? 
_pdbx_entry_details.source_details             ? 
_pdbx_entry_details.nonpolymer_details         ? 
_pdbx_entry_details.sequence_details           ? 
_pdbx_entry_details.has_ligand_of_interest     ? 
_pdbx_entry_details.has_protein_modification   Y 
# 
_pdbx_validate_close_contact.id               1 
_pdbx_validate_close_contact.PDB_model_num    1 
_pdbx_validate_close_contact.auth_atom_id_1   NZ 
_pdbx_validate_close_contact.auth_asym_id_1   A 
_pdbx_validate_close_contact.auth_comp_id_1   LYS 
_pdbx_validate_close_contact.auth_seq_id_1    35 
_pdbx_validate_close_contact.PDB_ins_code_1   ? 
_pdbx_validate_close_contact.label_alt_id_1   ? 
_pdbx_validate_close_contact.auth_atom_id_2   O 
_pdbx_validate_close_contact.auth_asym_id_2   A 
_pdbx_validate_close_contact.auth_comp_id_2   HOH 
_pdbx_validate_close_contact.auth_seq_id_2    118 
_pdbx_validate_close_contact.PDB_ins_code_2   ? 
_pdbx_validate_close_contact.label_alt_id_2   ? 
_pdbx_validate_close_contact.dist             2.17 
# 
loop_
_pdbx_validate_torsion.id 
_pdbx_validate_torsion.PDB_model_num 
_pdbx_validate_torsion.auth_comp_id 
_pdbx_validate_torsion.auth_asym_id 
_pdbx_validate_torsion.auth_seq_id 
_pdbx_validate_torsion.PDB_ins_code 
_pdbx_validate_torsion.label_alt_id 
_pdbx_validate_torsion.phi 
_pdbx_validate_torsion.psi 
1 1 HIS A 53 ? ? -95.32  -71.24  
2 1 ALA A 70 ? ? 60.58   -129.20 
3 1 SER A 90 ? ? -138.11 -154.82 
# 
_pdbx_SG_project.id                    1 
_pdbx_SG_project.project_name          'PSI, Protein Structure Initiative' 
_pdbx_SG_project.full_name_of_center   'Midwest Center for Structural Genomics' 
_pdbx_SG_project.initial_of_center     MCSG 
# 
_pdbx_struct_mod_residue.id               1 
_pdbx_struct_mod_residue.label_asym_id    A 
_pdbx_struct_mod_residue.label_comp_id    MSE 
_pdbx_struct_mod_residue.label_seq_id     61 
_pdbx_struct_mod_residue.auth_asym_id     A 
_pdbx_struct_mod_residue.auth_comp_id     MSE 
_pdbx_struct_mod_residue.auth_seq_id      58 
_pdbx_struct_mod_residue.PDB_ins_code     ? 
_pdbx_struct_mod_residue.parent_comp_id   MET 
_pdbx_struct_mod_residue.details          SELENOMETHIONINE 
# 
loop_
_pdbx_refine_tls.id 
_pdbx_refine_tls.details 
_pdbx_refine_tls.method 
_pdbx_refine_tls.origin_x 
_pdbx_refine_tls.origin_y 
_pdbx_refine_tls.origin_z 
_pdbx_refine_tls.T[1][1] 
_pdbx_refine_tls.T[2][2] 
_pdbx_refine_tls.T[3][3] 
_pdbx_refine_tls.T[1][2] 
_pdbx_refine_tls.T[1][3] 
_pdbx_refine_tls.T[2][3] 
_pdbx_refine_tls.L[1][1] 
_pdbx_refine_tls.L[2][2] 
_pdbx_refine_tls.L[3][3] 
_pdbx_refine_tls.L[1][2] 
_pdbx_refine_tls.L[1][3] 
_pdbx_refine_tls.L[2][3] 
_pdbx_refine_tls.S[1][1] 
_pdbx_refine_tls.S[1][2] 
_pdbx_refine_tls.S[1][3] 
_pdbx_refine_tls.S[2][1] 
_pdbx_refine_tls.S[2][2] 
_pdbx_refine_tls.S[2][3] 
_pdbx_refine_tls.S[3][1] 
_pdbx_refine_tls.S[3][2] 
_pdbx_refine_tls.S[3][3] 
_pdbx_refine_tls.pdbx_refine_id 
1  ? refined 9.1422   10.7419 -9.6876  0.1366 0.1397 0.1239 -0.0042 -0.0187 0.0304  6.4314  4.8805  2.1582 -4.6083 -3.4422 3.1606  0.1145  0.0108  0.2566  -0.0155 -0.0083 -0.1571 -0.0537 0.0244  -0.1063 'X-RAY DIFFRACTION' 
2  ? refined 0.0836   -5.0811 -11.4721 0.1057 0.0946 0.0954 -0.0005 -0.0048 -0.0155 2.1270  3.9193  4.3038 2.7511  -2.5803 -3.5482 0.0979  -0.0431 -0.0044 0.1677  -0.1184 0.0962  0.0463  0.0819  0.0205  'X-RAY DIFFRACTION' 
3  ? refined -4.8229  -3.2429 -8.2592  0.1151 0.1017 0.1053 -0.0003 -0.0044 -0.0073 8.3124  2.6022  4.3450 3.5911  -4.5681 -2.2974 0.0170  0.0745  -0.0784 0.0275  0.0469  0.1322  0.1446  -0.1889 -0.0639 'X-RAY DIFFRACTION' 
4  ? refined 12.3271  2.8982  -9.4884  0.1386 0.1194 0.1113 0.0157  -0.0046 0.0134  22.0531 3.3105  3.1095 6.3325  0.7623  1.3307  -0.1087 0.2605  0.0706  -0.1336 0.1187  -0.1355 -0.0531 0.0950  -0.0099 'X-RAY DIFFRACTION' 
5  ? refined 1.9769   0.8815  -4.6964  0.1156 0.0797 0.0749 -0.0006 -0.0044 -0.0066 13.9250 0.7910  0.7333 1.3534  -1.0183 -0.1688 0.0033  -0.0096 -0.3049 0.0466  -0.0393 -0.0195 0.1036  0.0357  0.0360  'X-RAY DIFFRACTION' 
6  ? refined -11.8139 -6.9455 3.1836   0.1840 0.1528 0.1273 -0.0792 0.0429  0.0118  11.1081 5.1551  3.5963 -3.1618 -3.3389 1.1539  0.0127  0.1350  -0.4090 0.3139  0.1009  0.4245  0.3217  -0.4377 -0.1137 'X-RAY DIFFRACTION' 
7  ? refined 4.8644   -8.8398 3.4994   0.2160 0.1241 0.0944 -0.0087 -0.0439 -0.0151 1.3290  7.4642  0.5095 -1.0697 -0.7855 0.0885  -0.0852 0.1434  0.0575  0.3965  0.0964  -0.3158 0.0344  -0.0992 -0.0112 'X-RAY DIFFRACTION' 
8  ? refined 3.3673   3.2646  3.2533   0.1318 0.1085 0.0699 -0.0131 -0.0169 -0.0087 4.6010  2.9599  6.4936 -1.6234 0.5094  1.1698  0.0604  0.0019  0.1491  0.3396  -0.0100 -0.2204 0.3682  0.1651  -0.0505 'X-RAY DIFFRACTION' 
9  ? refined -7.1707  5.4657  4.5604   0.1284 0.1140 0.0968 -0.0234 0.0188  -0.0033 0.3855  5.2748  3.9129 0.9781  -1.1034 -1.3609 0.0090  0.0252  0.0085  0.2767  -0.0676 0.1285  0.1052  -0.1141 0.0585  'X-RAY DIFFRACTION' 
10 ? refined -3.4613  -6.1316 14.5022  0.4115 0.1659 0.1609 -0.0473 0.0042  0.0514  11.6622 4.4182  7.2743 -4.1763 -0.5318 3.0557  0.0656  -0.6502 -0.9152 1.0173  0.0215  0.3758  0.8584  0.2207  -0.0871 'X-RAY DIFFRACTION' 
11 ? refined -6.3912  4.3879  11.0335  0.1685 0.1295 0.0611 -0.0513 0.0179  0.0052  3.8782  10.7531 3.6736 -0.1167 -0.6400 -2.4166 0.0982  -0.3532 -0.0798 0.5663  -0.1096 0.1963  0.1982  -0.0977 0.0114  'X-RAY DIFFRACTION' 
12 ? refined 2.5415   2.8740  7.9415   0.1627 0.0841 0.0465 -0.0200 -0.0285 -0.0091 6.5320  6.3753  2.4250 -4.0012 2.0942  -1.1808 0.0688  -0.0034 -0.1318 0.3736  0.0204  -0.0567 0.2413  -0.0042 -0.0893 'X-RAY DIFFRACTION' 
13 ? refined -2.6855  -5.9477 6.6325   0.2247 0.0947 0.0782 -0.0334 -0.0051 -0.0070 12.8181 6.3101  3.3921 -7.5207 3.8757  -2.2520 -0.2065 -0.3912 -0.2980 0.5150  0.2649  0.1523  0.2971  -0.1149 -0.0584 'X-RAY DIFFRACTION' 
14 ? refined -10.2138 5.1870  -1.3559  0.1069 0.1082 0.0999 -0.0070 -0.0010 -0.0090 8.0722  6.0098  6.8235 2.3663  -2.7343 -2.1240 0.0073  0.0929  0.2519  0.1054  0.0997  0.4017  -0.0779 -0.5256 -0.1069 'X-RAY DIFFRACTION' 
15 ? refined 4.7545   1.7104  -0.8429  0.1055 0.0896 0.0591 0.0005  -0.0005 -0.0013 10.9282 6.3563  7.0642 -0.1269 4.5779  0.5429  0.1960  -0.0641 -0.4562 0.1216  0.0099  -0.3059 0.4195  0.2723  -0.2059 'X-RAY DIFFRACTION' 
# 
loop_
_pdbx_refine_tls_group.pdbx_refine_id 
_pdbx_refine_tls_group.id 
_pdbx_refine_tls_group.refine_tls_id 
_pdbx_refine_tls_group.beg_auth_asym_id 
_pdbx_refine_tls_group.beg_auth_seq_id 
_pdbx_refine_tls_group.end_auth_asym_id 
_pdbx_refine_tls_group.end_auth_seq_id 
_pdbx_refine_tls_group.selection_details 
_pdbx_refine_tls_group.beg_label_asym_id 
_pdbx_refine_tls_group.beg_label_seq_id 
_pdbx_refine_tls_group.end_label_asym_id 
_pdbx_refine_tls_group.end_label_seq_id 
_pdbx_refine_tls_group.selection 
'X-RAY DIFFRACTION' 1  1  A 3   A 10  ? . . . . ? 
'X-RAY DIFFRACTION' 2  2  A 11  A 19  ? . . . . ? 
'X-RAY DIFFRACTION' 3  3  A 20  A 26  ? . . . . ? 
'X-RAY DIFFRACTION' 4  4  A 27  A 31  ? . . . . ? 
'X-RAY DIFFRACTION' 5  5  A 32  A 44  ? . . . . ? 
'X-RAY DIFFRACTION' 6  6  A 45  A 49  ? . . . . ? 
'X-RAY DIFFRACTION' 7  7  A 50  A 55  ? . . . . ? 
'X-RAY DIFFRACTION' 8  8  A 56  A 60  ? . . . . ? 
'X-RAY DIFFRACTION' 9  9  A 61  A 67  ? . . . . ? 
'X-RAY DIFFRACTION' 10 10 A 68  A 73  ? . . . . ? 
'X-RAY DIFFRACTION' 11 11 A 74  A 79  ? . . . . ? 
'X-RAY DIFFRACTION' 12 12 A 80  A 87  ? . . . . ? 
'X-RAY DIFFRACTION' 13 13 A 88  A 96  ? . . . . ? 
'X-RAY DIFFRACTION' 14 14 A 97  A 101 ? . . . . ? 
'X-RAY DIFFRACTION' 15 15 A 102 A 106 ? . . . . ? 
# 
loop_
_pdbx_unobs_or_zero_occ_residues.id 
_pdbx_unobs_or_zero_occ_residues.PDB_model_num 
_pdbx_unobs_or_zero_occ_residues.polymer_flag 
_pdbx_unobs_or_zero_occ_residues.occupancy_flag 
_pdbx_unobs_or_zero_occ_residues.auth_asym_id 
_pdbx_unobs_or_zero_occ_residues.auth_comp_id 
_pdbx_unobs_or_zero_occ_residues.auth_seq_id 
_pdbx_unobs_or_zero_occ_residues.PDB_ins_code 
_pdbx_unobs_or_zero_occ_residues.label_asym_id 
_pdbx_unobs_or_zero_occ_residues.label_comp_id 
_pdbx_unobs_or_zero_occ_residues.label_seq_id 
1 1 Y 1 A SER -2  ? A SER 1   
2 1 Y 1 A ASN -1  ? A ASN 2   
3 1 Y 1 A ALA 0   ? A ALA 3   
4 1 Y 1 A MSE 1   ? A MSE 4   
5 1 Y 1 A SER 2   ? A SER 5   
6 1 Y 1 A GLY 108 ? A GLY 111 
# 
loop_
_chem_comp_atom.comp_id 
_chem_comp_atom.atom_id 
_chem_comp_atom.type_symbol 
_chem_comp_atom.pdbx_aromatic_flag 
_chem_comp_atom.pdbx_stereo_config 
_chem_comp_atom.pdbx_ordinal 
ALA N    N  N N 1   
ALA CA   C  N S 2   
ALA C    C  N N 3   
ALA O    O  N N 4   
ALA CB   C  N N 5   
ALA OXT  O  N N 6   
ALA H    H  N N 7   
ALA H2   H  N N 8   
ALA HA   H  N N 9   
ALA HB1  H  N N 10  
ALA HB2  H  N N 11  
ALA HB3  H  N N 12  
ALA HXT  H  N N 13  
ARG N    N  N N 14  
ARG CA   C  N S 15  
ARG C    C  N N 16  
ARG O    O  N N 17  
ARG CB   C  N N 18  
ARG CG   C  N N 19  
ARG CD   C  N N 20  
ARG NE   N  N N 21  
ARG CZ   C  N N 22  
ARG NH1  N  N N 23  
ARG NH2  N  N N 24  
ARG OXT  O  N N 25  
ARG H    H  N N 26  
ARG H2   H  N N 27  
ARG HA   H  N N 28  
ARG HB2  H  N N 29  
ARG HB3  H  N N 30  
ARG HG2  H  N N 31  
ARG HG3  H  N N 32  
ARG HD2  H  N N 33  
ARG HD3  H  N N 34  
ARG HE   H  N N 35  
ARG HH11 H  N N 36  
ARG HH12 H  N N 37  
ARG HH21 H  N N 38  
ARG HH22 H  N N 39  
ARG HXT  H  N N 40  
ASN N    N  N N 41  
ASN CA   C  N S 42  
ASN C    C  N N 43  
ASN O    O  N N 44  
ASN CB   C  N N 45  
ASN CG   C  N N 46  
ASN OD1  O  N N 47  
ASN ND2  N  N N 48  
ASN OXT  O  N N 49  
ASN H    H  N N 50  
ASN H2   H  N N 51  
ASN HA   H  N N 52  
ASN HB2  H  N N 53  
ASN HB3  H  N N 54  
ASN HD21 H  N N 55  
ASN HD22 H  N N 56  
ASN HXT  H  N N 57  
ASP N    N  N N 58  
ASP CA   C  N S 59  
ASP C    C  N N 60  
ASP O    O  N N 61  
ASP CB   C  N N 62  
ASP CG   C  N N 63  
ASP OD1  O  N N 64  
ASP OD2  O  N N 65  
ASP OXT  O  N N 66  
ASP H    H  N N 67  
ASP H2   H  N N 68  
ASP HA   H  N N 69  
ASP HB2  H  N N 70  
ASP HB3  H  N N 71  
ASP HD2  H  N N 72  
ASP HXT  H  N N 73  
CYS N    N  N N 74  
CYS CA   C  N R 75  
CYS C    C  N N 76  
CYS O    O  N N 77  
CYS CB   C  N N 78  
CYS SG   S  N N 79  
CYS OXT  O  N N 80  
CYS H    H  N N 81  
CYS H2   H  N N 82  
CYS HA   H  N N 83  
CYS HB2  H  N N 84  
CYS HB3  H  N N 85  
CYS HG   H  N N 86  
CYS HXT  H  N N 87  
GLN N    N  N N 88  
GLN CA   C  N S 89  
GLN C    C  N N 90  
GLN O    O  N N 91  
GLN CB   C  N N 92  
GLN CG   C  N N 93  
GLN CD   C  N N 94  
GLN OE1  O  N N 95  
GLN NE2  N  N N 96  
GLN OXT  O  N N 97  
GLN H    H  N N 98  
GLN H2   H  N N 99  
GLN HA   H  N N 100 
GLN HB2  H  N N 101 
GLN HB3  H  N N 102 
GLN HG2  H  N N 103 
GLN HG3  H  N N 104 
GLN HE21 H  N N 105 
GLN HE22 H  N N 106 
GLN HXT  H  N N 107 
GLU N    N  N N 108 
GLU CA   C  N S 109 
GLU C    C  N N 110 
GLU O    O  N N 111 
GLU CB   C  N N 112 
GLU CG   C  N N 113 
GLU CD   C  N N 114 
GLU OE1  O  N N 115 
GLU OE2  O  N N 116 
GLU OXT  O  N N 117 
GLU H    H  N N 118 
GLU H2   H  N N 119 
GLU HA   H  N N 120 
GLU HB2  H  N N 121 
GLU HB3  H  N N 122 
GLU HG2  H  N N 123 
GLU HG3  H  N N 124 
GLU HE2  H  N N 125 
GLU HXT  H  N N 126 
GLY N    N  N N 127 
GLY CA   C  N N 128 
GLY C    C  N N 129 
GLY O    O  N N 130 
GLY OXT  O  N N 131 
GLY H    H  N N 132 
GLY H2   H  N N 133 
GLY HA2  H  N N 134 
GLY HA3  H  N N 135 
GLY HXT  H  N N 136 
HIS N    N  N N 137 
HIS CA   C  N S 138 
HIS C    C  N N 139 
HIS O    O  N N 140 
HIS CB   C  N N 141 
HIS CG   C  Y N 142 
HIS ND1  N  Y N 143 
HIS CD2  C  Y N 144 
HIS CE1  C  Y N 145 
HIS NE2  N  Y N 146 
HIS OXT  O  N N 147 
HIS H    H  N N 148 
HIS H2   H  N N 149 
HIS HA   H  N N 150 
HIS HB2  H  N N 151 
HIS HB3  H  N N 152 
HIS HD1  H  N N 153 
HIS HD2  H  N N 154 
HIS HE1  H  N N 155 
HIS HE2  H  N N 156 
HIS HXT  H  N N 157 
HOH O    O  N N 158 
HOH H1   H  N N 159 
HOH H2   H  N N 160 
ILE N    N  N N 161 
ILE CA   C  N S 162 
ILE C    C  N N 163 
ILE O    O  N N 164 
ILE CB   C  N S 165 
ILE CG1  C  N N 166 
ILE CG2  C  N N 167 
ILE CD1  C  N N 168 
ILE OXT  O  N N 169 
ILE H    H  N N 170 
ILE H2   H  N N 171 
ILE HA   H  N N 172 
ILE HB   H  N N 173 
ILE HG12 H  N N 174 
ILE HG13 H  N N 175 
ILE HG21 H  N N 176 
ILE HG22 H  N N 177 
ILE HG23 H  N N 178 
ILE HD11 H  N N 179 
ILE HD12 H  N N 180 
ILE HD13 H  N N 181 
ILE HXT  H  N N 182 
LEU N    N  N N 183 
LEU CA   C  N S 184 
LEU C    C  N N 185 
LEU O    O  N N 186 
LEU CB   C  N N 187 
LEU CG   C  N N 188 
LEU CD1  C  N N 189 
LEU CD2  C  N N 190 
LEU OXT  O  N N 191 
LEU H    H  N N 192 
LEU H2   H  N N 193 
LEU HA   H  N N 194 
LEU HB2  H  N N 195 
LEU HB3  H  N N 196 
LEU HG   H  N N 197 
LEU HD11 H  N N 198 
LEU HD12 H  N N 199 
LEU HD13 H  N N 200 
LEU HD21 H  N N 201 
LEU HD22 H  N N 202 
LEU HD23 H  N N 203 
LEU HXT  H  N N 204 
LYS N    N  N N 205 
LYS CA   C  N S 206 
LYS C    C  N N 207 
LYS O    O  N N 208 
LYS CB   C  N N 209 
LYS CG   C  N N 210 
LYS CD   C  N N 211 
LYS CE   C  N N 212 
LYS NZ   N  N N 213 
LYS OXT  O  N N 214 
LYS H    H  N N 215 
LYS H2   H  N N 216 
LYS HA   H  N N 217 
LYS HB2  H  N N 218 
LYS HB3  H  N N 219 
LYS HG2  H  N N 220 
LYS HG3  H  N N 221 
LYS HD2  H  N N 222 
LYS HD3  H  N N 223 
LYS HE2  H  N N 224 
LYS HE3  H  N N 225 
LYS HZ1  H  N N 226 
LYS HZ2  H  N N 227 
LYS HZ3  H  N N 228 
LYS HXT  H  N N 229 
MSE N    N  N N 230 
MSE CA   C  N S 231 
MSE C    C  N N 232 
MSE O    O  N N 233 
MSE OXT  O  N N 234 
MSE CB   C  N N 235 
MSE CG   C  N N 236 
MSE SE   SE N N 237 
MSE CE   C  N N 238 
MSE H    H  N N 239 
MSE H2   H  N N 240 
MSE HA   H  N N 241 
MSE HXT  H  N N 242 
MSE HB2  H  N N 243 
MSE HB3  H  N N 244 
MSE HG2  H  N N 245 
MSE HG3  H  N N 246 
MSE HE1  H  N N 247 
MSE HE2  H  N N 248 
MSE HE3  H  N N 249 
PHE N    N  N N 250 
PHE CA   C  N S 251 
PHE C    C  N N 252 
PHE O    O  N N 253 
PHE CB   C  N N 254 
PHE CG   C  Y N 255 
PHE CD1  C  Y N 256 
PHE CD2  C  Y N 257 
PHE CE1  C  Y N 258 
PHE CE2  C  Y N 259 
PHE CZ   C  Y N 260 
PHE OXT  O  N N 261 
PHE H    H  N N 262 
PHE H2   H  N N 263 
PHE HA   H  N N 264 
PHE HB2  H  N N 265 
PHE HB3  H  N N 266 
PHE HD1  H  N N 267 
PHE HD2  H  N N 268 
PHE HE1  H  N N 269 
PHE HE2  H  N N 270 
PHE HZ   H  N N 271 
PHE HXT  H  N N 272 
PRO N    N  N N 273 
PRO CA   C  N S 274 
PRO C    C  N N 275 
PRO O    O  N N 276 
PRO CB   C  N N 277 
PRO CG   C  N N 278 
PRO CD   C  N N 279 
PRO OXT  O  N N 280 
PRO H    H  N N 281 
PRO HA   H  N N 282 
PRO HB2  H  N N 283 
PRO HB3  H  N N 284 
PRO HG2  H  N N 285 
PRO HG3  H  N N 286 
PRO HD2  H  N N 287 
PRO HD3  H  N N 288 
PRO HXT  H  N N 289 
SER N    N  N N 290 
SER CA   C  N S 291 
SER C    C  N N 292 
SER O    O  N N 293 
SER CB   C  N N 294 
SER OG   O  N N 295 
SER OXT  O  N N 296 
SER H    H  N N 297 
SER H2   H  N N 298 
SER HA   H  N N 299 
SER HB2  H  N N 300 
SER HB3  H  N N 301 
SER HG   H  N N 302 
SER HXT  H  N N 303 
THR N    N  N N 304 
THR CA   C  N S 305 
THR C    C  N N 306 
THR O    O  N N 307 
THR CB   C  N R 308 
THR OG1  O  N N 309 
THR CG2  C  N N 310 
THR OXT  O  N N 311 
THR H    H  N N 312 
THR H2   H  N N 313 
THR HA   H  N N 314 
THR HB   H  N N 315 
THR HG1  H  N N 316 
THR HG21 H  N N 317 
THR HG22 H  N N 318 
THR HG23 H  N N 319 
THR HXT  H  N N 320 
TYR N    N  N N 321 
TYR CA   C  N S 322 
TYR C    C  N N 323 
TYR O    O  N N 324 
TYR CB   C  N N 325 
TYR CG   C  Y N 326 
TYR CD1  C  Y N 327 
TYR CD2  C  Y N 328 
TYR CE1  C  Y N 329 
TYR CE2  C  Y N 330 
TYR CZ   C  Y N 331 
TYR OH   O  N N 332 
TYR OXT  O  N N 333 
TYR H    H  N N 334 
TYR H2   H  N N 335 
TYR HA   H  N N 336 
TYR HB2  H  N N 337 
TYR HB3  H  N N 338 
TYR HD1  H  N N 339 
TYR HD2  H  N N 340 
TYR HE1  H  N N 341 
TYR HE2  H  N N 342 
TYR HH   H  N N 343 
TYR HXT  H  N N 344 
VAL N    N  N N 345 
VAL CA   C  N S 346 
VAL C    C  N N 347 
VAL O    O  N N 348 
VAL CB   C  N N 349 
VAL CG1  C  N N 350 
VAL CG2  C  N N 351 
VAL OXT  O  N N 352 
VAL H    H  N N 353 
VAL H2   H  N N 354 
VAL HA   H  N N 355 
VAL HB   H  N N 356 
VAL HG11 H  N N 357 
VAL HG12 H  N N 358 
VAL HG13 H  N N 359 
VAL HG21 H  N N 360 
VAL HG22 H  N N 361 
VAL HG23 H  N N 362 
VAL HXT  H  N N 363 
# 
loop_
_chem_comp_bond.comp_id 
_chem_comp_bond.atom_id_1 
_chem_comp_bond.atom_id_2 
_chem_comp_bond.value_order 
_chem_comp_bond.pdbx_aromatic_flag 
_chem_comp_bond.pdbx_stereo_config 
_chem_comp_bond.pdbx_ordinal 
ALA N   CA   sing N N 1   
ALA N   H    sing N N 2   
ALA N   H2   sing N N 3   
ALA CA  C    sing N N 4   
ALA CA  CB   sing N N 5   
ALA CA  HA   sing N N 6   
ALA C   O    doub N N 7   
ALA C   OXT  sing N N 8   
ALA CB  HB1  sing N N 9   
ALA CB  HB2  sing N N 10  
ALA CB  HB3  sing N N 11  
ALA OXT HXT  sing N N 12  
ARG N   CA   sing N N 13  
ARG N   H    sing N N 14  
ARG N   H2   sing N N 15  
ARG CA  C    sing N N 16  
ARG CA  CB   sing N N 17  
ARG CA  HA   sing N N 18  
ARG C   O    doub N N 19  
ARG C   OXT  sing N N 20  
ARG CB  CG   sing N N 21  
ARG CB  HB2  sing N N 22  
ARG CB  HB3  sing N N 23  
ARG CG  CD   sing N N 24  
ARG CG  HG2  sing N N 25  
ARG CG  HG3  sing N N 26  
ARG CD  NE   sing N N 27  
ARG CD  HD2  sing N N 28  
ARG CD  HD3  sing N N 29  
ARG NE  CZ   sing N N 30  
ARG NE  HE   sing N N 31  
ARG CZ  NH1  sing N N 32  
ARG CZ  NH2  doub N N 33  
ARG NH1 HH11 sing N N 34  
ARG NH1 HH12 sing N N 35  
ARG NH2 HH21 sing N N 36  
ARG NH2 HH22 sing N N 37  
ARG OXT HXT  sing N N 38  
ASN N   CA   sing N N 39  
ASN N   H    sing N N 40  
ASN N   H2   sing N N 41  
ASN CA  C    sing N N 42  
ASN CA  CB   sing N N 43  
ASN CA  HA   sing N N 44  
ASN C   O    doub N N 45  
ASN C   OXT  sing N N 46  
ASN CB  CG   sing N N 47  
ASN CB  HB2  sing N N 48  
ASN CB  HB3  sing N N 49  
ASN CG  OD1  doub N N 50  
ASN CG  ND2  sing N N 51  
ASN ND2 HD21 sing N N 52  
ASN ND2 HD22 sing N N 53  
ASN OXT HXT  sing N N 54  
ASP N   CA   sing N N 55  
ASP N   H    sing N N 56  
ASP N   H2   sing N N 57  
ASP CA  C    sing N N 58  
ASP CA  CB   sing N N 59  
ASP CA  HA   sing N N 60  
ASP C   O    doub N N 61  
ASP C   OXT  sing N N 62  
ASP CB  CG   sing N N 63  
ASP CB  HB2  sing N N 64  
ASP CB  HB3  sing N N 65  
ASP CG  OD1  doub N N 66  
ASP CG  OD2  sing N N 67  
ASP OD2 HD2  sing N N 68  
ASP OXT HXT  sing N N 69  
CYS N   CA   sing N N 70  
CYS N   H    sing N N 71  
CYS N   H2   sing N N 72  
CYS CA  C    sing N N 73  
CYS CA  CB   sing N N 74  
CYS CA  HA   sing N N 75  
CYS C   O    doub N N 76  
CYS C   OXT  sing N N 77  
CYS CB  SG   sing N N 78  
CYS CB  HB2  sing N N 79  
CYS CB  HB3  sing N N 80  
CYS SG  HG   sing N N 81  
CYS OXT HXT  sing N N 82  
GLN N   CA   sing N N 83  
GLN N   H    sing N N 84  
GLN N   H2   sing N N 85  
GLN CA  C    sing N N 86  
GLN CA  CB   sing N N 87  
GLN CA  HA   sing N N 88  
GLN C   O    doub N N 89  
GLN C   OXT  sing N N 90  
GLN CB  CG   sing N N 91  
GLN CB  HB2  sing N N 92  
GLN CB  HB3  sing N N 93  
GLN CG  CD   sing N N 94  
GLN CG  HG2  sing N N 95  
GLN CG  HG3  sing N N 96  
GLN CD  OE1  doub N N 97  
GLN CD  NE2  sing N N 98  
GLN NE2 HE21 sing N N 99  
GLN NE2 HE22 sing N N 100 
GLN OXT HXT  sing N N 101 
GLU N   CA   sing N N 102 
GLU N   H    sing N N 103 
GLU N   H2   sing N N 104 
GLU CA  C    sing N N 105 
GLU CA  CB   sing N N 106 
GLU CA  HA   sing N N 107 
GLU C   O    doub N N 108 
GLU C   OXT  sing N N 109 
GLU CB  CG   sing N N 110 
GLU CB  HB2  sing N N 111 
GLU CB  HB3  sing N N 112 
GLU CG  CD   sing N N 113 
GLU CG  HG2  sing N N 114 
GLU CG  HG3  sing N N 115 
GLU CD  OE1  doub N N 116 
GLU CD  OE2  sing N N 117 
GLU OE2 HE2  sing N N 118 
GLU OXT HXT  sing N N 119 
GLY N   CA   sing N N 120 
GLY N   H    sing N N 121 
GLY N   H2   sing N N 122 
GLY CA  C    sing N N 123 
GLY CA  HA2  sing N N 124 
GLY CA  HA3  sing N N 125 
GLY C   O    doub N N 126 
GLY C   OXT  sing N N 127 
GLY OXT HXT  sing N N 128 
HIS N   CA   sing N N 129 
HIS N   H    sing N N 130 
HIS N   H2   sing N N 131 
HIS CA  C    sing N N 132 
HIS CA  CB   sing N N 133 
HIS CA  HA   sing N N 134 
HIS C   O    doub N N 135 
HIS C   OXT  sing N N 136 
HIS CB  CG   sing N N 137 
HIS CB  HB2  sing N N 138 
HIS CB  HB3  sing N N 139 
HIS CG  ND1  sing Y N 140 
HIS CG  CD2  doub Y N 141 
HIS ND1 CE1  doub Y N 142 
HIS ND1 HD1  sing N N 143 
HIS CD2 NE2  sing Y N 144 
HIS CD2 HD2  sing N N 145 
HIS CE1 NE2  sing Y N 146 
HIS CE1 HE1  sing N N 147 
HIS NE2 HE2  sing N N 148 
HIS OXT HXT  sing N N 149 
HOH O   H1   sing N N 150 
HOH O   H2   sing N N 151 
ILE N   CA   sing N N 152 
ILE N   H    sing N N 153 
ILE N   H2   sing N N 154 
ILE CA  C    sing N N 155 
ILE CA  CB   sing N N 156 
ILE CA  HA   sing N N 157 
ILE C   O    doub N N 158 
ILE C   OXT  sing N N 159 
ILE CB  CG1  sing N N 160 
ILE CB  CG2  sing N N 161 
ILE CB  HB   sing N N 162 
ILE CG1 CD1  sing N N 163 
ILE CG1 HG12 sing N N 164 
ILE CG1 HG13 sing N N 165 
ILE CG2 HG21 sing N N 166 
ILE CG2 HG22 sing N N 167 
ILE CG2 HG23 sing N N 168 
ILE CD1 HD11 sing N N 169 
ILE CD1 HD12 sing N N 170 
ILE CD1 HD13 sing N N 171 
ILE OXT HXT  sing N N 172 
LEU N   CA   sing N N 173 
LEU N   H    sing N N 174 
LEU N   H2   sing N N 175 
LEU CA  C    sing N N 176 
LEU CA  CB   sing N N 177 
LEU CA  HA   sing N N 178 
LEU C   O    doub N N 179 
LEU C   OXT  sing N N 180 
LEU CB  CG   sing N N 181 
LEU CB  HB2  sing N N 182 
LEU CB  HB3  sing N N 183 
LEU CG  CD1  sing N N 184 
LEU CG  CD2  sing N N 185 
LEU CG  HG   sing N N 186 
LEU CD1 HD11 sing N N 187 
LEU CD1 HD12 sing N N 188 
LEU CD1 HD13 sing N N 189 
LEU CD2 HD21 sing N N 190 
LEU CD2 HD22 sing N N 191 
LEU CD2 HD23 sing N N 192 
LEU OXT HXT  sing N N 193 
LYS N   CA   sing N N 194 
LYS N   H    sing N N 195 
LYS N   H2   sing N N 196 
LYS CA  C    sing N N 197 
LYS CA  CB   sing N N 198 
LYS CA  HA   sing N N 199 
LYS C   O    doub N N 200 
LYS C   OXT  sing N N 201 
LYS CB  CG   sing N N 202 
LYS CB  HB2  sing N N 203 
LYS CB  HB3  sing N N 204 
LYS CG  CD   sing N N 205 
LYS CG  HG2  sing N N 206 
LYS CG  HG3  sing N N 207 
LYS CD  CE   sing N N 208 
LYS CD  HD2  sing N N 209 
LYS CD  HD3  sing N N 210 
LYS CE  NZ   sing N N 211 
LYS CE  HE2  sing N N 212 
LYS CE  HE3  sing N N 213 
LYS NZ  HZ1  sing N N 214 
LYS NZ  HZ2  sing N N 215 
LYS NZ  HZ3  sing N N 216 
LYS OXT HXT  sing N N 217 
MSE N   CA   sing N N 218 
MSE N   H    sing N N 219 
MSE N   H2   sing N N 220 
MSE CA  C    sing N N 221 
MSE CA  CB   sing N N 222 
MSE CA  HA   sing N N 223 
MSE C   O    doub N N 224 
MSE C   OXT  sing N N 225 
MSE OXT HXT  sing N N 226 
MSE CB  CG   sing N N 227 
MSE CB  HB2  sing N N 228 
MSE CB  HB3  sing N N 229 
MSE CG  SE   sing N N 230 
MSE CG  HG2  sing N N 231 
MSE CG  HG3  sing N N 232 
MSE SE  CE   sing N N 233 
MSE CE  HE1  sing N N 234 
MSE CE  HE2  sing N N 235 
MSE CE  HE3  sing N N 236 
PHE N   CA   sing N N 237 
PHE N   H    sing N N 238 
PHE N   H2   sing N N 239 
PHE CA  C    sing N N 240 
PHE CA  CB   sing N N 241 
PHE CA  HA   sing N N 242 
PHE C   O    doub N N 243 
PHE C   OXT  sing N N 244 
PHE CB  CG   sing N N 245 
PHE CB  HB2  sing N N 246 
PHE CB  HB3  sing N N 247 
PHE CG  CD1  doub Y N 248 
PHE CG  CD2  sing Y N 249 
PHE CD1 CE1  sing Y N 250 
PHE CD1 HD1  sing N N 251 
PHE CD2 CE2  doub Y N 252 
PHE CD2 HD2  sing N N 253 
PHE CE1 CZ   doub Y N 254 
PHE CE1 HE1  sing N N 255 
PHE CE2 CZ   sing Y N 256 
PHE CE2 HE2  sing N N 257 
PHE CZ  HZ   sing N N 258 
PHE OXT HXT  sing N N 259 
PRO N   CA   sing N N 260 
PRO N   CD   sing N N 261 
PRO N   H    sing N N 262 
PRO CA  C    sing N N 263 
PRO CA  CB   sing N N 264 
PRO CA  HA   sing N N 265 
PRO C   O    doub N N 266 
PRO C   OXT  sing N N 267 
PRO CB  CG   sing N N 268 
PRO CB  HB2  sing N N 269 
PRO CB  HB3  sing N N 270 
PRO CG  CD   sing N N 271 
PRO CG  HG2  sing N N 272 
PRO CG  HG3  sing N N 273 
PRO CD  HD2  sing N N 274 
PRO CD  HD3  sing N N 275 
PRO OXT HXT  sing N N 276 
SER N   CA   sing N N 277 
SER N   H    sing N N 278 
SER N   H2   sing N N 279 
SER CA  C    sing N N 280 
SER CA  CB   sing N N 281 
SER CA  HA   sing N N 282 
SER C   O    doub N N 283 
SER C   OXT  sing N N 284 
SER CB  OG   sing N N 285 
SER CB  HB2  sing N N 286 
SER CB  HB3  sing N N 287 
SER OG  HG   sing N N 288 
SER OXT HXT  sing N N 289 
THR N   CA   sing N N 290 
THR N   H    sing N N 291 
THR N   H2   sing N N 292 
THR CA  C    sing N N 293 
THR CA  CB   sing N N 294 
THR CA  HA   sing N N 295 
THR C   O    doub N N 296 
THR C   OXT  sing N N 297 
THR CB  OG1  sing N N 298 
THR CB  CG2  sing N N 299 
THR CB  HB   sing N N 300 
THR OG1 HG1  sing N N 301 
THR CG2 HG21 sing N N 302 
THR CG2 HG22 sing N N 303 
THR CG2 HG23 sing N N 304 
THR OXT HXT  sing N N 305 
TYR N   CA   sing N N 306 
TYR N   H    sing N N 307 
TYR N   H2   sing N N 308 
TYR CA  C    sing N N 309 
TYR CA  CB   sing N N 310 
TYR CA  HA   sing N N 311 
TYR C   O    doub N N 312 
TYR C   OXT  sing N N 313 
TYR CB  CG   sing N N 314 
TYR CB  HB2  sing N N 315 
TYR CB  HB3  sing N N 316 
TYR CG  CD1  doub Y N 317 
TYR CG  CD2  sing Y N 318 
TYR CD1 CE1  sing Y N 319 
TYR CD1 HD1  sing N N 320 
TYR CD2 CE2  doub Y N 321 
TYR CD2 HD2  sing N N 322 
TYR CE1 CZ   doub Y N 323 
TYR CE1 HE1  sing N N 324 
TYR CE2 CZ   sing Y N 325 
TYR CE2 HE2  sing N N 326 
TYR CZ  OH   sing N N 327 
TYR OH  HH   sing N N 328 
TYR OXT HXT  sing N N 329 
VAL N   CA   sing N N 330 
VAL N   H    sing N N 331 
VAL N   H2   sing N N 332 
VAL CA  C    sing N N 333 
VAL CA  CB   sing N N 334 
VAL CA  HA   sing N N 335 
VAL C   O    doub N N 336 
VAL C   OXT  sing N N 337 
VAL CB  CG1  sing N N 338 
VAL CB  CG2  sing N N 339 
VAL CB  HB   sing N N 340 
VAL CG1 HG11 sing N N 341 
VAL CG1 HG12 sing N N 342 
VAL CG1 HG13 sing N N 343 
VAL CG2 HG21 sing N N 344 
VAL CG2 HG22 sing N N 345 
VAL CG2 HG23 sing N N 346 
VAL OXT HXT  sing N N 347 
# 
_atom_sites.entry_id                    3HQX 
_atom_sites.fract_transf_matrix[1][1]   0.00506867 
_atom_sites.fract_transf_matrix[1][2]   -0.00479138 
_atom_sites.fract_transf_matrix[1][3]   0.01369965 
_atom_sites.fract_transf_matrix[2][1]   -0.01164248 
_atom_sites.fract_transf_matrix[2][2]   0.03311720 
_atom_sites.fract_transf_matrix[2][3]   0.01589012 
_atom_sites.fract_transf_matrix[3][1]   -0.01619449 
_atom_sites.fract_transf_matrix[3][2]   -0.00733692 
_atom_sites.fract_transf_matrix[3][3]   0.00342567 
_atom_sites.fract_transf_vector[1]      0.180113 
_atom_sites.fract_transf_vector[2]      0.093545 
_atom_sites.fract_transf_vector[3]      0.726615 
# 
loop_
_atom_type.symbol 
C  
N  
O  
S  
SE 
# 
loop_
_atom_site.group_PDB 
_atom_site.id 
_atom_site.type_symbol 
_atom_site.label_atom_id 
_atom_site.label_alt_id 
_atom_site.label_comp_id 
_atom_site.label_asym_id 
_atom_site.label_entity_id 
_atom_site.label_seq_id 
_atom_site.pdbx_PDB_ins_code 
_atom_site.Cartn_x 
_atom_site.Cartn_y 
_atom_site.Cartn_z 
_atom_site.occupancy 
_atom_site.B_iso_or_equiv 
_atom_site.pdbx_formal_charge 
_atom_site.auth_seq_id 
_atom_site.auth_comp_id 
_atom_site.auth_asym_id 
_atom_site.auth_atom_id 
_atom_site.pdbx_PDB_model_num 
ATOM   1   N  N   . SER A 1 6   ? 6.227   14.669  -2.132  1.00 16.99 ? 3   SER A N   1 
ATOM   2   C  CA  . SER A 1 6   ? 5.660   15.473  -3.264  1.00 14.38 ? 3   SER A CA  1 
ATOM   3   C  C   . SER A 1 6   ? 4.615   14.655  -3.995  1.00 11.71 ? 3   SER A C   1 
ATOM   4   O  O   . SER A 1 6   ? 4.281   13.507  -3.622  1.00 11.41 ? 3   SER A O   1 
ATOM   5   C  CB  . SER A 1 6   ? 6.715   16.113  -4.216  1.00 16.31 ? 3   SER A CB  1 
ATOM   6   O  OG  . SER A 1 6   ? 7.009   15.307  -5.401  1.00 20.29 ? 3   SER A OG  1 
ATOM   7   N  N   . ALA A 1 7   ? 4.063   15.280  -5.026  1.00 7.10  ? 4   ALA A N   1 
ATOM   8   C  CA  . ALA A 1 7   ? 2.925   14.756  -5.743  1.00 5.75  ? 4   ALA A CA  1 
ATOM   9   C  C   . ALA A 1 7   ? 3.370   13.798  -6.865  1.00 4.22  ? 4   ALA A C   1 
ATOM   10  O  O   . ALA A 1 7   ? 2.504   13.241  -7.526  1.00 5.22  ? 4   ALA A O   1 
ATOM   11  C  CB  . ALA A 1 7   ? 2.071   15.899  -6.312  1.00 6.45  ? 4   ALA A CB  1 
ATOM   12  N  N   . GLN A 1 8   ? 4.672   13.659  -7.076  1.00 5.24  ? 5   GLN A N   1 
ATOM   13  C  CA  . GLN A 1 8   ? 5.145   12.836  -8.198  1.00 4.55  ? 5   GLN A CA  1 
ATOM   14  C  C   . GLN A 1 8   ? 6.461   12.192  -7.860  1.00 5.11  ? 5   GLN A C   1 
ATOM   15  O  O   . GLN A 1 8   ? 7.178   12.649  -6.987  1.00 5.79  ? 5   GLN A O   1 
ATOM   16  C  CB  . GLN A 1 8   ? 5.293   13.668  -9.476  1.00 5.89  ? 5   GLN A CB  1 
ATOM   17  C  CG  . GLN A 1 8   ? 6.366   14.733  -9.403  1.00 7.57  ? 5   GLN A CG  1 
ATOM   18  C  CD  . GLN A 1 8   ? 6.171   15.817  -10.428 1.00 9.34  ? 5   GLN A CD  1 
ATOM   19  O  OE1 . GLN A 1 8   ? 5.057   16.334  -10.596 1.00 12.57 ? 5   GLN A OE1 1 
ATOM   20  N  NE2 . GLN A 1 8   ? 7.237   16.185  -11.123 1.00 8.46  ? 5   GLN A NE2 1 
ATOM   21  N  N   . PHE A 1 9   ? 6.780   11.142  -8.602  1.00 5.96  ? 6   PHE A N   1 
ATOM   22  C  CA  . PHE A 1 9   ? 8.130   10.575  -8.627  1.00 6.29  ? 6   PHE A CA  1 
ATOM   23  C  C   . PHE A 1 9   ? 8.825   11.054  -9.882  1.00 7.01  ? 6   PHE A C   1 
ATOM   24  O  O   . PHE A 1 9   ? 8.211   11.052  -10.911 1.00 8.61  ? 6   PHE A O   1 
ATOM   25  C  CB  . PHE A 1 9   ? 8.061   9.027   -8.701  1.00 7.62  ? 6   PHE A CB  1 
ATOM   26  C  CG  . PHE A 1 9   ? 7.557   8.365   -7.416  1.00 7.55  ? 6   PHE A CG  1 
ATOM   27  C  CD1 . PHE A 1 9   ? 8.136   8.633   -6.212  1.00 6.25  ? 6   PHE A CD1 1 
ATOM   28  C  CD2 . PHE A 1 9   ? 6.527   7.446   -7.464  1.00 10.11 ? 6   PHE A CD2 1 
ATOM   29  C  CE1 . PHE A 1 9   ? 7.653   8.025   -5.015  1.00 8.71  ? 6   PHE A CE1 1 
ATOM   30  C  CE2 . PHE A 1 9   ? 6.052   6.820   -6.281  1.00 9.60  ? 6   PHE A CE2 1 
ATOM   31  C  CZ  . PHE A 1 9   ? 6.628   7.123   -5.095  1.00 8.00  ? 6   PHE A CZ  1 
ATOM   32  N  N   . ASP A 1 10  ? 10.072  11.472  -9.768  1.00 6.36  ? 7   ASP A N   1 
ATOM   33  C  CA  . ASP A 1 10  ? 10.836  11.926  -10.923 1.00 8.49  ? 7   ASP A CA  1 
ATOM   34  C  C   . ASP A 1 10  ? 12.005  10.966  -11.187 1.00 7.45  ? 7   ASP A C   1 
ATOM   35  O  O   . ASP A 1 10  ? 12.553  10.383  -10.243 1.00 8.56  ? 7   ASP A O   1 
ATOM   36  C  CB  . ASP A 1 10  ? 11.405  13.291  -10.616 1.00 9.14  ? 7   ASP A CB  1 
ATOM   37  C  CG  . ASP A 1 10  ? 10.361  14.356  -10.610 1.00 13.35 ? 7   ASP A CG  1 
ATOM   38  O  OD1 . ASP A 1 10  ? 9.464   14.278  -11.483 1.00 12.95 ? 7   ASP A OD1 1 
ATOM   39  O  OD2 . ASP A 1 10  ? 10.474  15.245  -9.738  1.00 15.34 ? 7   ASP A OD2 1 
ATOM   40  N  N   . HIS A 1 11  ? 12.412  10.848  -12.451 1.00 9.47  ? 8   HIS A N   1 
ATOM   41  C  CA  . HIS A 1 11  ? 13.580  10.060  -12.839 1.00 9.34  ? 8   HIS A CA  1 
ATOM   42  C  C   . HIS A 1 11  ? 13.451  8.597   -12.461 1.00 8.39  ? 8   HIS A C   1 
ATOM   43  O  O   . HIS A 1 11  ? 14.408  7.965   -11.948 1.00 8.88  ? 8   HIS A O   1 
ATOM   44  C  CB  . HIS A 1 11  ? 14.825  10.648  -12.161 1.00 10.92 ? 8   HIS A CB  1 
ATOM   45  C  CG  . HIS A 1 11  ? 14.993  12.105  -12.412 1.00 13.21 ? 8   HIS A CG  1 
ATOM   46  N  ND1 . HIS A 1 11  ? 15.159  12.612  -13.678 1.00 19.06 ? 8   HIS A ND1 1 
ATOM   47  C  CD2 . HIS A 1 11  ? 14.994  13.168  -11.577 1.00 18.33 ? 8   HIS A CD2 1 
ATOM   48  C  CE1 . HIS A 1 11  ? 15.263  13.927  -13.616 1.00 22.51 ? 8   HIS A CE1 1 
ATOM   49  N  NE2 . HIS A 1 11  ? 15.159  14.292  -12.350 1.00 22.27 ? 8   HIS A NE2 1 
ATOM   50  N  N   . VAL A 1 12  ? 12.274  8.048   -12.721 1.00 6.65  ? 9   VAL A N   1 
ATOM   51  C  CA  . VAL A 1 12  ? 12.014  6.641   -12.360 1.00 5.59  ? 9   VAL A CA  1 
ATOM   52  C  C   . VAL A 1 12  ? 11.773  5.766   -13.617 1.00 6.05  ? 9   VAL A C   1 
ATOM   53  O  O   . VAL A 1 12  ? 11.447  6.244   -14.697 1.00 5.79  ? 9   VAL A O   1 
ATOM   54  C  CB  . VAL A 1 12  ? 10.882  6.482   -11.337 1.00 6.29  ? 9   VAL A CB  1 
ATOM   55  C  CG1 . VAL A 1 12  ? 11.231  7.105   -10.027 1.00 5.48  ? 9   VAL A CG1 1 
ATOM   56  C  CG2 . VAL A 1 12  ? 9.506   7.001   -11.947 1.00 5.50  ? 9   VAL A CG2 1 
ATOM   57  N  N   . THR A 1 13  ? 11.865  4.454   -13.384 1.00 5.25  ? 10  THR A N   1 
ATOM   58  C  CA  . THR A 1 13  ? 11.404  3.424   -14.289 1.00 5.47  ? 10  THR A CA  1 
ATOM   59  C  C   . THR A 1 13  ? 10.086  2.920   -13.763 1.00 5.31  ? 10  THR A C   1 
ATOM   60  O  O   . THR A 1 13  ? 9.900   2.700   -12.535 1.00 6.85  ? 10  THR A O   1 
ATOM   61  C  CB  . THR A 1 13  ? 12.414  2.261   -14.372 1.00 6.24  ? 10  THR A CB  1 
ATOM   62  O  OG1 . THR A 1 13  ? 13.572  2.702   -15.098 1.00 9.74  ? 10  THR A OG1 1 
ATOM   63  C  CG2 . THR A 1 13  ? 11.846  1.049   -15.120 1.00 6.44  ? 10  THR A CG2 1 
ATOM   64  N  N   . VAL A 1 14  ? 9.125   2.722   -14.661 1.00 6.17  ? 11  VAL A N   1 
ATOM   65  C  CA  . VAL A 1 14  ? 7.861   2.159   -14.275 1.00 7.63  ? 11  VAL A CA  1 
ATOM   66  C  C   . VAL A 1 14  ? 7.630   0.923   -15.143 1.00 8.29  ? 11  VAL A C   1 
ATOM   67  O  O   . VAL A 1 14  ? 7.706   1.001   -16.377 1.00 8.82  ? 11  VAL A O   1 
ATOM   68  C  CB  . VAL A 1 14  ? 6.681   3.142   -14.433 1.00 8.37  ? 11  VAL A CB  1 
ATOM   69  C  CG1 . VAL A 1 14  ? 5.366   2.467   -13.979 1.00 9.08  ? 11  VAL A CG1 1 
ATOM   70  C  CG2 . VAL A 1 14  ? 6.960   4.387   -13.661 1.00 11.49 ? 11  VAL A CG2 1 
ATOM   71  N  N   . ILE A 1 15  ? 7.324   -0.190  -14.494 1.00 6.52  ? 12  ILE A N   1 
ATOM   72  C  CA  . ILE A 1 15  ? 6.993   -1.437  -15.214 1.00 7.81  ? 12  ILE A CA  1 
ATOM   73  C  C   . ILE A 1 15  ? 5.546   -1.349  -15.684 1.00 8.09  ? 12  ILE A C   1 
ATOM   74  O  O   . ILE A 1 15  ? 4.616   -1.059  -14.901 1.00 9.24  ? 12  ILE A O   1 
ATOM   75  C  CB  . ILE A 1 15  ? 7.248   -2.698  -14.355 1.00 8.41  ? 12  ILE A CB  1 
ATOM   76  C  CG1 . ILE A 1 15  ? 8.672   -2.664  -13.829 1.00 12.24 ? 12  ILE A CG1 1 
ATOM   77  C  CG2 . ILE A 1 15  ? 6.856   -3.970  -15.112 1.00 9.98  ? 12  ILE A CG2 1 
ATOM   78  C  CD1 . ILE A 1 15  ? 9.717   -2.648  -14.818 1.00 12.82 ? 12  ILE A CD1 1 
ATOM   79  N  N   . LYS A 1 16  ? 5.332   -1.600  -16.968 1.00 8.30  ? 13  LYS A N   1 
ATOM   80  C  CA  . LYS A 1 16  ? 3.978   -1.365  -17.545 1.00 8.27  ? 13  LYS A CA  1 
ATOM   81  C  C   . LYS A 1 16  ? 2.894   -2.327  -17.021 1.00 8.58  ? 13  LYS A C   1 
ATOM   82  O  O   . LYS A 1 16  ? 1.760   -1.915  -16.770 1.00 9.02  ? 13  LYS A O   1 
ATOM   83  C  CB  . LYS A 1 16  ? 4.072   -1.428  -19.054 1.00 8.27  ? 13  LYS A CB  1 
ATOM   84  C  CG  . LYS A 1 16  ? 4.943   -0.327  -19.664 1.00 7.83  ? 13  LYS A CG  1 
ATOM   85  C  CD  . LYS A 1 16  ? 5.018   -0.416  -21.137 1.00 10.01 ? 13  LYS A CD  1 
ATOM   86  C  CE  . LYS A 1 16  ? 6.045   0.493   -21.763 1.00 9.39  ? 13  LYS A CE  1 
ATOM   87  N  NZ  . LYS A 1 16  ? 6.181   0.391   -23.266 1.00 8.94  ? 13  LYS A NZ  1 
ATOM   88  N  N   . LYS A 1 17  ? 3.206   -3.613  -16.909 1.00 7.47  ? 14  LYS A N   1 
ATOM   89  C  CA  . LYS A 1 17  ? 2.210   -4.585  -16.474 1.00 6.92  ? 14  LYS A CA  1 
ATOM   90  C  C   . LYS A 1 17  ? 1.848   -4.399  -15.007 1.00 7.46  ? 14  LYS A C   1 
ATOM   91  O  O   . LYS A 1 17  ? 2.736   -4.477  -14.107 1.00 8.42  ? 14  LYS A O   1 
ATOM   92  C  CB  . LYS A 1 17  ? 2.685   -6.014  -16.765 1.00 6.43  ? 14  LYS A CB  1 
ATOM   93  C  CG  . LYS A 1 17  ? 1.823   -7.107  -16.257 1.00 4.91  ? 14  LYS A CG  1 
ATOM   94  C  CD  . LYS A 1 17  ? 0.521   -7.262  -17.142 1.00 6.78  ? 14  LYS A CD  1 
ATOM   95  C  CE  . LYS A 1 17  ? -0.559  -8.087  -16.468 1.00 6.25  ? 14  LYS A CE  1 
ATOM   96  N  NZ  . LYS A 1 17  ? -1.407  -7.301  -15.480 1.00 6.66  ? 14  LYS A NZ  1 
ATOM   97  N  N   . SER A 1 18  ? 0.554   -4.201  -14.760 1.00 6.96  ? 15  SER A N   1 
ATOM   98  C  CA  . SER A 1 18  ? 0.045   -4.050  -13.382 1.00 7.62  ? 15  SER A CA  1 
ATOM   99  C  C   . SER A 1 18  ? 0.021   -5.366  -12.643 1.00 6.91  ? 15  SER A C   1 
ATOM   100 O  O   . SER A 1 18  ? 0.083   -6.448  -13.254 1.00 6.77  ? 15  SER A O   1 
ATOM   101 C  CB  . SER A 1 18  ? -1.367  -3.476  -13.414 1.00 6.78  ? 15  SER A CB  1 
ATOM   102 O  OG  . SER A 1 18  ? -2.235  -4.410  -13.994 1.00 7.94  ? 15  SER A OG  1 
ATOM   103 N  N   . ASN A 1 19  ? -0.077  -5.254  -11.311 1.00 7.48  ? 16  ASN A N   1 
ATOM   104 C  CA  . ASN A 1 19  ? -0.387  -6.369  -10.432 1.00 7.13  ? 16  ASN A CA  1 
ATOM   105 C  C   . ASN A 1 19  ? -1.764  -6.138  -9.842  1.00 7.26  ? 16  ASN A C   1 
ATOM   106 O  O   . ASN A 1 19  ? -2.002  -5.103  -9.225  1.00 7.77  ? 16  ASN A O   1 
ATOM   107 C  CB  . ASN A 1 19  ? 0.693   -6.476  -9.359  1.00 8.10  ? 16  ASN A CB  1 
ATOM   108 C  CG  . ASN A 1 19  ? 2.047   -6.809  -9.957  1.00 8.59  ? 16  ASN A CG  1 
ATOM   109 O  OD1 . ASN A 1 19  ? 2.228   -7.885  -10.577 1.00 9.73  ? 16  ASN A OD1 1 
ATOM   110 N  ND2 . ASN A 1 19  ? 2.978   -5.826  -9.934  1.00 11.16 ? 16  ASN A ND2 1 
ATOM   111 N  N   . VAL A 1 20  ? -2.671  -7.090  -10.032 1.00 6.62  ? 17  VAL A N   1 
ATOM   112 C  CA  . VAL A 1 20  ? -4.052  -6.953  -9.614  1.00 6.78  ? 17  VAL A CA  1 
ATOM   113 C  C   . VAL A 1 20  ? -4.463  -8.103  -8.693  1.00 7.31  ? 17  VAL A C   1 
ATOM   114 O  O   . VAL A 1 20  ? -4.220  -9.283  -9.031  1.00 8.51  ? 17  VAL A O   1 
ATOM   115 C  CB  . VAL A 1 20  ? -4.995  -6.902  -10.833 1.00 6.18  ? 17  VAL A CB  1 
ATOM   116 C  CG1 . VAL A 1 20  ? -6.490  -6.831  -10.397 1.00 9.00  ? 17  VAL A CG1 1 
ATOM   117 C  CG2 . VAL A 1 20  ? -4.621  -5.674  -11.716 1.00 8.24  ? 17  VAL A CG2 1 
ATOM   118 N  N   . TYR A 1 21  ? -5.058  -7.740  -7.559  1.00 7.49  ? 18  TYR A N   1 
ATOM   119 C  CA  . TYR A 1 21  ? -5.502  -8.740  -6.576  1.00 6.44  ? 18  TYR A CA  1 
ATOM   120 C  C   . TYR A 1 21  ? -6.900  -8.460  -6.117  1.00 7.92  ? 18  TYR A C   1 
ATOM   121 O  O   . TYR A 1 21  ? -7.517  -7.434  -6.447  1.00 7.44  ? 18  TYR A O   1 
ATOM   122 C  CB  . TYR A 1 21  ? -4.541  -8.801  -5.349  1.00 7.54  ? 18  TYR A CB  1 
ATOM   123 C  CG  . TYR A 1 21  ? -3.103  -9.006  -5.796  1.00 7.93  ? 18  TYR A CG  1 
ATOM   124 C  CD1 . TYR A 1 21  ? -2.691  -10.230 -6.274  1.00 8.13  ? 18  TYR A CD1 1 
ATOM   125 C  CD2 . TYR A 1 21  ? -2.154  -7.987  -5.715  1.00 7.46  ? 18  TYR A CD2 1 
ATOM   126 C  CE1 . TYR A 1 21  ? -1.406  -10.443 -6.712  1.00 8.36  ? 18  TYR A CE1 1 
ATOM   127 C  CE2 . TYR A 1 21  ? -0.890  -8.194  -6.203  1.00 9.00  ? 18  TYR A CE2 1 
ATOM   128 C  CZ  . TYR A 1 21  ? -0.518  -9.434  -6.689  1.00 8.51  ? 18  TYR A CZ  1 
ATOM   129 O  OH  . TYR A 1 21  ? 0.762   -9.630  -7.135  1.00 7.59  ? 18  TYR A OH  1 
ATOM   130 N  N   . PHE A 1 22  ? -7.414  -9.468  -5.389  1.00 9.38  ? 19  PHE A N   1 
ATOM   131 C  CA  . PHE A 1 22  ? -8.742  -9.411  -4.735  1.00 10.40 ? 19  PHE A CA  1 
ATOM   132 C  C   . PHE A 1 22  ? -9.845  -9.126  -5.739  1.00 12.45 ? 19  PHE A C   1 
ATOM   133 O  O   . PHE A 1 22  ? -10.787 -8.333  -5.473  1.00 13.56 ? 19  PHE A O   1 
ATOM   134 C  CB  . PHE A 1 22  ? -8.784  -8.403  -3.614  1.00 10.50 ? 19  PHE A CB  1 
ATOM   135 C  CG  . PHE A 1 22  ? -7.627  -8.503  -2.647  1.00 11.60 ? 19  PHE A CG  1 
ATOM   136 C  CD1 . PHE A 1 22  ? -7.591  -9.497  -1.664  1.00 18.51 ? 19  PHE A CD1 1 
ATOM   137 C  CD2 . PHE A 1 22  ? -6.601  -7.577  -2.705  1.00 15.26 ? 19  PHE A CD2 1 
ATOM   138 C  CE1 . PHE A 1 22  ? -6.503  -9.557  -0.777  1.00 16.94 ? 19  PHE A CE1 1 
ATOM   139 C  CE2 . PHE A 1 22  ? -5.533  -7.661  -1.839  1.00 20.00 ? 19  PHE A CE2 1 
ATOM   140 C  CZ  . PHE A 1 22  ? -5.500  -8.642  -0.885  1.00 17.08 ? 19  PHE A CZ  1 
ATOM   141 N  N   . GLY A 1 23  ? -9.703  -9.746  -6.903  1.00 11.55 ? 20  GLY A N   1 
ATOM   142 C  CA  . GLY A 1 23  ? -10.739 -9.687  -7.937  1.00 13.23 ? 20  GLY A CA  1 
ATOM   143 C  C   . GLY A 1 23  ? -10.909 -8.281  -8.482  1.00 13.09 ? 20  GLY A C   1 
ATOM   144 O  O   . GLY A 1 23  ? -12.025 -7.909  -8.861  1.00 13.64 ? 20  GLY A O   1 
ATOM   145 N  N   . GLY A 1 24  ? -9.812  -7.500  -8.459  1.00 11.40 ? 21  GLY A N   1 
ATOM   146 C  CA  . GLY A 1 24  ? -9.736  -6.153  -8.982  1.00 11.73 ? 21  GLY A CA  1 
ATOM   147 C  C   . GLY A 1 24  ? -9.866  -5.042  -7.952  1.00 11.21 ? 21  GLY A C   1 
ATOM   148 O  O   . GLY A 1 24  ? -10.068 -3.864  -8.300  1.00 16.53 ? 21  GLY A O   1 
ATOM   149 N  N   . LEU A 1 25  ? -9.789  -5.383  -6.671  1.00 9.08  ? 22  LEU A N   1 
ATOM   150 C  CA  . LEU A 1 25  ? -9.831  -4.322  -5.652  1.00 7.01  ? 22  LEU A CA  1 
ATOM   151 C  C   . LEU A 1 25  ? -8.483  -3.707  -5.300  1.00 7.44  ? 22  LEU A C   1 
ATOM   152 O  O   . LEU A 1 25  ? -8.468  -2.629  -4.704  1.00 8.99  ? 22  LEU A O   1 
ATOM   153 C  CB  . LEU A 1 25  ? -10.463 -4.817  -4.352  1.00 6.23  ? 22  LEU A CB  1 
ATOM   154 C  CG  . LEU A 1 25  ? -11.920 -5.176  -4.485  1.00 5.67  ? 22  LEU A CG  1 
ATOM   155 C  CD1 . LEU A 1 25  ? -12.362 -5.834  -3.194  1.00 8.95  ? 22  LEU A CD1 1 
ATOM   156 C  CD2 . LEU A 1 25  ? -12.768 -3.937  -4.823  1.00 9.32  ? 22  LEU A CD2 1 
ATOM   157 N  N   . CYS A 1 26  ? -7.387  -4.337  -5.664  1.00 6.95  ? 23  CYS A N   1 
ATOM   158 C  CA  . CYS A 1 26  ? -6.060  -3.694  -5.518  1.00 7.50  ? 23  CYS A CA  1 
ATOM   159 C  C   . CYS A 1 26  ? -5.316  -3.771  -6.838  1.00 7.00  ? 23  CYS A C   1 
ATOM   160 O  O   . CYS A 1 26  ? -5.159  -4.853  -7.396  1.00 7.40  ? 23  CYS A O   1 
ATOM   161 C  CB  . CYS A 1 26  ? -5.251  -4.366  -4.429  1.00 8.15  ? 23  CYS A CB  1 
ATOM   162 S  SG  . CYS A 1 26  ? -3.651  -3.592  -4.135  1.00 12.21 ? 23  CYS A SG  1 
ATOM   163 N  N   . ILE A 1 27  ? -4.890  -2.609  -7.354  1.00 6.02  ? 24  ILE A N   1 
ATOM   164 C  CA  . ILE A 1 27  ? -4.202  -2.487  -8.642  1.00 6.32  ? 24  ILE A CA  1 
ATOM   165 C  C   . ILE A 1 27  ? -2.925  -1.631  -8.438  1.00 6.96  ? 24  ILE A C   1 
ATOM   166 O  O   . ILE A 1 27  ? -3.004  -0.538  -7.933  1.00 6.81  ? 24  ILE A O   1 
ATOM   167 C  CB  . ILE A 1 27  ? -5.092  -1.792  -9.661  1.00 6.97  ? 24  ILE A CB  1 
ATOM   168 C  CG1 . ILE A 1 27  ? -6.484  -2.461  -9.797  1.00 8.22  ? 24  ILE A CG1 1 
ATOM   169 C  CG2 . ILE A 1 27  ? -4.367  -1.692  -11.039 1.00 8.61  ? 24  ILE A CG2 1 
ATOM   170 C  CD1 . ILE A 1 27  ? -7.617  -1.854  -8.821  1.00 15.85 ? 24  ILE A CD1 1 
ATOM   171 N  N   . SER A 1 28  ? -1.780  -2.178  -8.805  1.00 6.72  ? 25  SER A N   1 
ATOM   172 C  CA  . SER A 1 28  ? -0.530  -1.461  -8.560  1.00 8.27  ? 25  SER A CA  1 
ATOM   173 C  C   . SER A 1 28  ? 0.480   -1.644  -9.675  1.00 7.30  ? 25  SER A C   1 
ATOM   174 O  O   . SER A 1 28  ? 0.365   -2.580  -10.478 1.00 8.81  ? 25  SER A O   1 
ATOM   175 C  CB  . SER A 1 28  ? 0.047   -1.830  -7.221  1.00 8.24  ? 25  SER A CB  1 
ATOM   176 O  OG  . SER A 1 28  ? 0.515   -3.163  -7.170  1.00 11.14 ? 25  SER A OG  1 
ATOM   177 N  N   . HIS A 1 29  ? 1.463   -0.774  -9.688  1.00 6.80  ? 26  HIS A N   1 
ATOM   178 C  CA  . HIS A 1 29  ? 2.649   -0.892  -10.566 1.00 7.07  ? 26  HIS A CA  1 
ATOM   179 C  C   . HIS A 1 29  ? 3.918   -0.710  -9.747  1.00 7.83  ? 26  HIS A C   1 
ATOM   180 O  O   . HIS A 1 29  ? 3.921   -0.041  -8.701  1.00 7.56  ? 26  HIS A O   1 
ATOM   181 C  CB  . HIS A 1 29  ? 2.639   0.166   -11.633 1.00 7.65  ? 26  HIS A CB  1 
ATOM   182 C  CG  . HIS A 1 29  ? 1.544   -0.017  -12.660 1.00 6.47  ? 26  HIS A CG  1 
ATOM   183 N  ND1 . HIS A 1 29  ? 0.266   0.424   -12.429 1.00 8.10  ? 26  HIS A ND1 1 
ATOM   184 C  CD2 . HIS A 1 29  ? 1.545   -0.538  -13.913 1.00 6.04  ? 26  HIS A CD2 1 
ATOM   185 C  CE1 . HIS A 1 29  ? -0.485  0.161   -13.497 1.00 8.43  ? 26  HIS A CE1 1 
ATOM   186 N  NE2 . HIS A 1 29  ? 0.264   -0.428  -14.411 1.00 9.28  ? 26  HIS A NE2 1 
ATOM   187 N  N   . THR A 1 30  ? 4.963   -1.348  -10.247 1.00 4.56  ? 27  THR A N   1 
ATOM   188 C  CA  . THR A 1 30  ? 6.291   -1.238  -9.682  1.00 5.08  ? 27  THR A CA  1 
ATOM   189 C  C   . THR A 1 30  ? 6.981   -0.038  -10.247 1.00 5.52  ? 27  THR A C   1 
ATOM   190 O  O   . THR A 1 30  ? 7.039   0.156   -11.444 1.00 5.42  ? 27  THR A O   1 
ATOM   191 C  CB  . THR A 1 30  ? 7.117   -2.461  -9.993  1.00 5.41  ? 27  THR A CB  1 
ATOM   192 O  OG1 . THR A 1 30  ? 6.458   -3.593  -9.401  1.00 6.64  ? 27  THR A OG1 1 
ATOM   193 C  CG2 . THR A 1 30  ? 8.532   -2.340  -9.421  1.00 5.17  ? 27  THR A CG2 1 
ATOM   194 N  N   . VAL A 1 31  ? 7.610   0.715   -9.337  1.00 6.84  ? 28  VAL A N   1 
ATOM   195 C  CA  . VAL A 1 31  ? 8.417   1.906   -9.670  1.00 6.73  ? 28  VAL A CA  1 
ATOM   196 C  C   . VAL A 1 31  ? 9.858   1.676   -9.143  1.00 7.52  ? 28  VAL A C   1 
ATOM   197 O  O   . VAL A 1 31  ? 10.034  1.273   -8.006  1.00 8.00  ? 28  VAL A O   1 
ATOM   198 C  CB  . VAL A 1 31  ? 7.836   3.161   -9.006  1.00 8.15  ? 28  VAL A CB  1 
ATOM   199 C  CG1 . VAL A 1 31  ? 8.698   4.346   -9.275  1.00 8.88  ? 28  VAL A CG1 1 
ATOM   200 C  CG2 . VAL A 1 31  ? 6.412   3.415   -9.497  1.00 6.04  ? 28  VAL A CG2 1 
ATOM   201 N  N   . GLN A 1 32  ? 10.842  1.870   -10.003 1.00 5.78  ? 29  GLN A N   1 
ATOM   202 C  CA  . GLN A 1 32  ? 12.254  1.618   -9.679  1.00 7.45  ? 29  GLN A CA  1 
ATOM   203 C  C   . GLN A 1 32  ? 13.050  2.898   -9.826  1.00 6.47  ? 29  GLN A C   1 
ATOM   204 O  O   . GLN A 1 32  ? 12.929  3.655   -10.795 1.00 6.05  ? 29  GLN A O   1 
ATOM   205 C  CB  . GLN A 1 32  ? 12.857  0.554   -10.593 1.00 7.39  ? 29  GLN A CB  1 
ATOM   206 C  CG  . GLN A 1 32  ? 12.112  -0.743  -10.436 1.00 12.04 ? 29  GLN A CG  1 
ATOM   207 C  CD  . GLN A 1 32  ? 12.380  -1.804  -11.497 1.00 19.84 ? 29  GLN A CD  1 
ATOM   208 O  OE1 . GLN A 1 32  ? 12.502  -1.530  -12.707 1.00 23.06 ? 29  GLN A OE1 1 
ATOM   209 N  NE2 . GLN A 1 32  ? 12.424  -3.067  -11.036 1.00 23.04 ? 29  GLN A NE2 1 
ATOM   210 N  N   . PHE A 1 33  ? 13.862  3.156   -8.819  1.00 6.40  ? 30  PHE A N   1 
ATOM   211 C  CA  . PHE A 1 33  ? 14.592  4.397   -8.708  1.00 5.98  ? 30  PHE A CA  1 
ATOM   212 C  C   . PHE A 1 33  ? 16.042  4.248   -9.201  1.00 6.34  ? 30  PHE A C   1 
ATOM   213 O  O   . PHE A 1 33  ? 16.505  3.127   -9.393  1.00 5.72  ? 30  PHE A O   1 
ATOM   214 C  CB  . PHE A 1 33  ? 14.511  4.898   -7.237  1.00 6.59  ? 30  PHE A CB  1 
ATOM   215 C  CG  . PHE A 1 33  ? 13.129  5.286   -6.831  1.00 6.15  ? 30  PHE A CG  1 
ATOM   216 C  CD1 . PHE A 1 33  ? 12.761  6.591   -6.882  1.00 9.75  ? 30  PHE A CD1 1 
ATOM   217 C  CD2 . PHE A 1 33  ? 12.181  4.345   -6.539  1.00 10.08 ? 30  PHE A CD2 1 
ATOM   218 C  CE1 . PHE A 1 33  ? 11.522  6.945   -6.609  1.00 7.66  ? 30  PHE A CE1 1 
ATOM   219 C  CE2 . PHE A 1 33  ? 10.913  4.719   -6.261  1.00 11.48 ? 30  PHE A CE2 1 
ATOM   220 C  CZ  . PHE A 1 33  ? 10.606  6.031   -6.274  1.00 7.54  ? 30  PHE A CZ  1 
ATOM   221 N  N   . GLU A 1 34  ? 16.711  5.380   -9.471  1.00 5.80  ? 31  GLU A N   1 
ATOM   222 C  CA  . GLU A 1 34  ? 18.044  5.448   -10.008 1.00 6.81  ? 31  GLU A CA  1 
ATOM   223 C  C   . GLU A 1 34  ? 19.067  4.717   -9.134  1.00 5.09  ? 31  GLU A C   1 
ATOM   224 O  O   . GLU A 1 34  ? 20.006  4.164   -9.656  1.00 5.52  ? 31  GLU A O   1 
ATOM   225 C  CB  . GLU A 1 34  ? 18.501  6.900   -10.251 1.00 8.31  ? 31  GLU A CB  1 
ATOM   226 C  CG  . GLU A 1 34  ? 17.922  7.501   -11.563 1.00 13.30 ? 31  GLU A CG  1 
ATOM   227 C  CD  . GLU A 1 34  ? 18.416  8.927   -11.879 1.00 19.00 ? 31  GLU A CD  1 
ATOM   228 O  OE1 . GLU A 1 34  ? 19.131  9.554   -11.043 1.00 21.42 ? 31  GLU A OE1 1 
ATOM   229 O  OE2 . GLU A 1 34  ? 18.077  9.426   -12.984 1.00 24.80 ? 31  GLU A OE2 1 
ATOM   230 N  N   . ASP A 1 35  ? 18.794  4.672   -7.847  1.00 7.12  ? 32  ASP A N   1 
ATOM   231 C  CA  . ASP A 1 35  ? 19.674  3.992   -6.885  1.00 6.98  ? 32  ASP A CA  1 
ATOM   232 C  C   . ASP A 1 35  ? 19.386  2.492   -6.761  1.00 7.29  ? 32  ASP A C   1 
ATOM   233 O  O   . ASP A 1 35  ? 20.037  1.805   -5.941  1.00 6.97  ? 32  ASP A O   1 
ATOM   234 C  CB  . ASP A 1 35  ? 19.605  4.658   -5.496  1.00 8.25  ? 32  ASP A CB  1 
ATOM   235 C  CG  . ASP A 1 35  ? 18.262  4.472   -4.785  1.00 8.09  ? 32  ASP A CG  1 
ATOM   236 O  OD1 . ASP A 1 35  ? 17.333  3.863   -5.339  1.00 7.36  ? 32  ASP A OD1 1 
ATOM   237 O  OD2 . ASP A 1 35  ? 18.132  4.966   -3.652  1.00 10.68 ? 32  ASP A OD2 1 
ATOM   238 N  N   . GLY A 1 36  ? 18.477  1.975   -7.584  1.00 7.31  ? 33  GLY A N   1 
ATOM   239 C  CA  . GLY A 1 36  ? 18.136  0.543   -7.600  1.00 8.07  ? 33  GLY A CA  1 
ATOM   240 C  C   . GLY A 1 36  ? 17.051  0.118   -6.636  1.00 7.29  ? 33  GLY A C   1 
ATOM   241 O  O   . GLY A 1 36  ? 16.669  -1.019  -6.674  1.00 8.20  ? 33  GLY A O   1 
ATOM   242 N  N   . THR A 1 37  ? 16.528  1.011   -5.808  1.00 7.15  ? 34  THR A N   1 
ATOM   243 C  CA  . THR A 1 37  ? 15.396  0.714   -4.902  1.00 7.33  ? 34  THR A CA  1 
ATOM   244 C  C   . THR A 1 37  ? 14.067  0.724   -5.610  1.00 8.26  ? 34  THR A C   1 
ATOM   245 O  O   . THR A 1 37  ? 13.976  1.247   -6.728  1.00 9.26  ? 34  THR A O   1 
ATOM   246 C  CB  . THR A 1 37  ? 15.363  1.615   -3.702  1.00 8.25  ? 34  THR A CB  1 
ATOM   247 O  OG1 . THR A 1 37  ? 15.169  2.950   -4.125  1.00 8.25  ? 34  THR A OG1 1 
ATOM   248 C  CG2 . THR A 1 37  ? 16.714  1.512   -2.906  1.00 7.35  ? 34  THR A CG2 1 
ATOM   249 N  N   . LYS A 1 38  ? 13.092  0.061   -5.007  1.00 8.83  ? 35  LYS A N   1 
ATOM   250 C  CA  . LYS A 1 38  ? 11.796  -0.116  -5.635  1.00 8.94  ? 35  LYS A CA  1 
ATOM   251 C  C   . LYS A 1 38  ? 10.680  0.281   -4.674  1.00 8.04  ? 35  LYS A C   1 
ATOM   252 O  O   . LYS A 1 38  ? 10.815  0.130   -3.457  1.00 7.59  ? 35  LYS A O   1 
ATOM   253 C  CB  . LYS A 1 38  ? 11.589  -1.561  -6.069  1.00 11.64 ? 35  LYS A CB  1 
ATOM   254 C  CG  . LYS A 1 38  ? 12.586  -2.050  -7.092  1.00 16.76 ? 35  LYS A CG  1 
ATOM   255 C  CD  . LYS A 1 38  ? 13.551  -3.063  -6.521  1.00 24.36 ? 35  LYS A CD  1 
ATOM   256 C  CE  . LYS A 1 38  ? 14.352  -3.703  -7.667  1.00 25.53 ? 35  LYS A CE  1 
ATOM   257 N  NZ  . LYS A 1 38  ? 13.501  -4.643  -8.472  1.00 27.48 ? 35  LYS A NZ  1 
ATOM   258 N  N   . LYS A 1 39  ? 9.567   0.742   -5.242  1.00 5.83  ? 36  LYS A N   1 
ATOM   259 C  CA  . LYS A 1 39  ? 8.340   1.050   -4.520  1.00 6.49  ? 36  LYS A CA  1 
ATOM   260 C  C   . LYS A 1 39  ? 7.173   0.554   -5.361  1.00 6.55  ? 36  LYS A C   1 
ATOM   261 O  O   . LYS A 1 39  ? 7.371   0.223   -6.524  1.00 7.28  ? 36  LYS A O   1 
ATOM   262 C  CB  . LYS A 1 39  ? 8.172   2.548   -4.292  1.00 6.76  ? 36  LYS A CB  1 
ATOM   263 C  CG  . LYS A 1 39  ? 9.297   3.155   -3.422  1.00 7.64  ? 36  LYS A CG  1 
ATOM   264 C  CD  . LYS A 1 39  ? 9.103   4.639   -3.191  1.00 8.17  ? 36  LYS A CD  1 
ATOM   265 C  CE  . LYS A 1 39  ? 10.345  5.300   -2.616  1.00 11.50 ? 36  LYS A CE  1 
ATOM   266 N  NZ  . LYS A 1 39  ? 10.875  4.617   -1.339  1.00 10.09 ? 36  LYS A NZ  1 
ATOM   267 N  N   . THR A 1 40  ? 6.032   0.395   -4.733  1.00 7.39  ? 37  THR A N   1 
ATOM   268 C  CA  . THR A 1 40  ? 4.770   0.065   -5.435  1.00 8.27  ? 37  THR A CA  1 
ATOM   269 C  C   . THR A 1 40  ? 3.905   1.305   -5.356  1.00 7.06  ? 37  THR A C   1 
ATOM   270 O  O   . THR A 1 40  ? 3.792   1.912   -4.279  1.00 9.93  ? 37  THR A O   1 
ATOM   271 C  CB  . THR A 1 40  ? 4.079   -1.067  -4.680  1.00 9.94  ? 37  THR A CB  1 
ATOM   272 O  OG1 . THR A 1 40  ? 4.975   -2.207  -4.726  1.00 15.87 ? 37  THR A OG1 1 
ATOM   273 C  CG2 . THR A 1 40  ? 2.857   -1.470  -5.354  1.00 15.04 ? 37  THR A CG2 1 
ATOM   274 N  N   . LEU A 1 41  ? 3.342   1.704   -6.477  1.00 6.11  ? 38  LEU A N   1 
ATOM   275 C  CA  . LEU A 1 41  ? 2.330   2.763   -6.589  1.00 5.05  ? 38  LEU A CA  1 
ATOM   276 C  C   . LEU A 1 41  ? 0.986   2.113   -6.838  1.00 5.31  ? 38  LEU A C   1 
ATOM   277 O  O   . LEU A 1 41  ? 0.817   1.458   -7.840  1.00 5.98  ? 38  LEU A O   1 
ATOM   278 C  CB  . LEU A 1 41  ? 2.701   3.735   -7.728  1.00 7.41  ? 38  LEU A CB  1 
ATOM   279 C  CG  . LEU A 1 41  ? 1.741   4.885   -7.987  1.00 8.26  ? 38  LEU A CG  1 
ATOM   280 C  CD1 . LEU A 1 41  ? 1.455   5.811   -6.754  1.00 8.74  ? 38  LEU A CD1 1 
ATOM   281 C  CD2 . LEU A 1 41  ? 2.262   5.725   -9.170  1.00 8.68  ? 38  LEU A CD2 1 
ATOM   282 N  N   . GLY A 1 42  ? 0.065   2.243   -5.912  1.00 7.03  ? 39  GLY A N   1 
ATOM   283 C  CA  . GLY A 1 42  ? -1.153  1.432   -6.022  1.00 8.03  ? 39  GLY A CA  1 
ATOM   284 C  C   . GLY A 1 42  ? -2.438  2.138   -5.632  1.00 7.14  ? 39  GLY A C   1 
ATOM   285 O  O   . GLY A 1 42  ? -2.406  3.252   -5.104  1.00 5.42  ? 39  GLY A O   1 
ATOM   286 N  N   . VAL A 1 43  ? -3.539  1.441   -5.939  1.00 6.22  ? 40  VAL A N   1 
ATOM   287 C  CA  . VAL A 1 43  ? -4.882  1.877   -5.653  1.00 7.00  ? 40  VAL A CA  1 
ATOM   288 C  C   . VAL A 1 43  ? -5.600  0.690   -5.007  1.00 5.48  ? 40  VAL A C   1 
ATOM   289 O  O   . VAL A 1 43  ? -5.468  -0.461  -5.458  1.00 7.01  ? 40  VAL A O   1 
ATOM   290 C  CB  . VAL A 1 43  ? -5.608  2.329   -6.932  1.00 8.51  ? 40  VAL A CB  1 
ATOM   291 C  CG1 . VAL A 1 43  ? -7.116  2.569   -6.650  1.00 12.17 ? 40  VAL A CG1 1 
ATOM   292 C  CG2 . VAL A 1 43  ? -4.904  3.584   -7.533  1.00 7.27  ? 40  VAL A CG2 1 
ATOM   293 N  N   . ILE A 1 44  ? -6.321  0.990   -3.955  1.00 7.31  ? 41  ILE A N   1 
ATOM   294 C  CA  . ILE A 1 44  ? -7.291  0.044   -3.367  1.00 6.27  ? 41  ILE A CA  1 
ATOM   295 C  C   . ILE A 1 44  ? -8.650  0.692   -3.570  1.00 6.30  ? 41  ILE A C   1 
ATOM   296 O  O   . ILE A 1 44  ? -8.869  1.862   -3.202  1.00 7.30  ? 41  ILE A O   1 
ATOM   297 C  CB  . ILE A 1 44  ? -7.055  -0.218  -1.880  1.00 6.82  ? 41  ILE A CB  1 
ATOM   298 C  CG1 . ILE A 1 44  ? -5.732  -0.954  -1.700  1.00 8.49  ? 41  ILE A CG1 1 
ATOM   299 C  CG2 . ILE A 1 44  ? -8.215  -1.120  -1.308  1.00 6.96  ? 41  ILE A CG2 1 
ATOM   300 C  CD1 . ILE A 1 44  ? -5.325  -1.182  -0.286  1.00 8.54  ? 41  ILE A CD1 1 
ATOM   301 N  N   . LEU A 1 45  ? -9.577  -0.085  -4.133  1.00 7.83  ? 42  LEU A N   1 
ATOM   302 C  CA  . LEU A 1 45  ? -10.932 0.359   -4.353  1.00 8.33  ? 42  LEU A CA  1 
ATOM   303 C  C   . LEU A 1 45  ? -11.814 -0.024  -3.166  1.00 8.26  ? 42  LEU A C   1 
ATOM   304 O  O   . LEU A 1 45  ? -11.430 -0.850  -2.385  1.00 8.91  ? 42  LEU A O   1 
ATOM   305 C  CB  . LEU A 1 45  ? -11.437 -0.292  -5.619  1.00 9.86  ? 42  LEU A CB  1 
ATOM   306 C  CG  . LEU A 1 45  ? -10.755 0.054   -6.928  1.00 10.88 ? 42  LEU A CG  1 
ATOM   307 C  CD1 . LEU A 1 45  ? -11.393 -0.752  -8.040  1.00 12.12 ? 42  LEU A CD1 1 
ATOM   308 C  CD2 . LEU A 1 45  ? -10.901 1.526   -7.194  1.00 11.98 ? 42  LEU A CD2 1 
ATOM   309 N  N   . PRO A 1 46  ? -12.975 0.603   -3.038  1.00 8.55  ? 43  PRO A N   1 
ATOM   310 C  CA  . PRO A 1 46  ? -13.824 0.375   -1.865  1.00 9.07  ? 43  PRO A CA  1 
ATOM   311 C  C   . PRO A 1 46  ? -14.080 -1.103  -1.607  1.00 10.04 ? 43  PRO A C   1 
ATOM   312 O  O   . PRO A 1 46  ? -14.373 -1.880  -2.528  1.00 9.95  ? 43  PRO A O   1 
ATOM   313 C  CB  . PRO A 1 46  ? -15.091 1.168   -2.202  1.00 9.27  ? 43  PRO A CB  1 
ATOM   314 C  CG  . PRO A 1 46  ? -14.616 2.229   -3.040  1.00 9.97  ? 43  PRO A CG  1 
ATOM   315 C  CD  . PRO A 1 46  ? -13.520 1.652   -3.889  1.00 8.89  ? 43  PRO A CD  1 
ATOM   316 N  N   . THR A 1 47  ? -13.912 -1.500  -0.349  1.00 10.59 ? 44  THR A N   1 
ATOM   317 C  CA  . THR A 1 47  ? -13.880 -2.907  0.046   1.00 11.83 ? 44  THR A CA  1 
ATOM   318 C  C   . THR A 1 47  ? -15.169 -3.190  0.838   1.00 12.35 ? 44  THR A C   1 
ATOM   319 O  O   . THR A 1 47  ? -15.750 -2.261  1.401   1.00 14.63 ? 44  THR A O   1 
ATOM   320 C  CB  . THR A 1 47  ? -12.681 -3.204  1.005   1.00 11.66 ? 44  THR A CB  1 
ATOM   321 O  OG1 . THR A 1 47  ? -12.731 -2.315  2.128   1.00 14.47 ? 44  THR A OG1 1 
ATOM   322 C  CG2 . THR A 1 47  ? -11.334 -3.066  0.355   1.00 10.71 ? 44  THR A CG2 1 
ATOM   323 N  N   . GLU A 1 48  ? -15.618 -4.415  0.832   1.00 13.61 ? 45  GLU A N   1 
ATOM   324 C  CA  . GLU A 1 48  ? -16.711 -4.825  1.732   1.00 14.91 ? 45  GLU A CA  1 
ATOM   325 C  C   . GLU A 1 48  ? -16.169 -5.507  2.952   1.00 15.46 ? 45  GLU A C   1 
ATOM   326 O  O   . GLU A 1 48  ? -16.714 -5.366  3.990   1.00 17.72 ? 45  GLU A O   1 
ATOM   327 C  CB  . GLU A 1 48  ? -17.719 -5.747  1.044   1.00 16.00 ? 45  GLU A CB  1 
ATOM   328 C  CG  . GLU A 1 48  ? -18.728 -5.025  0.229   1.00 20.06 ? 45  GLU A CG  1 
ATOM   329 C  CD  . GLU A 1 48  ? -19.757 -5.969  -0.334  1.00 26.19 ? 45  GLU A CD  1 
ATOM   330 O  OE1 . GLU A 1 48  ? -20.674 -5.509  -1.000  1.00 26.60 ? 45  GLU A OE1 1 
ATOM   331 O  OE2 . GLU A 1 48  ? -19.637 -7.187  -0.099  1.00 31.09 ? 45  GLU A OE2 1 
ATOM   332 N  N   . GLN A 1 49  ? -15.099 -6.264  2.804   1.00 15.52 ? 46  GLN A N   1 
ATOM   333 C  CA  . GLN A 1 49  ? -14.431 -6.933  3.913   1.00 14.58 ? 46  GLN A CA  1 
ATOM   334 C  C   . GLN A 1 49  ? -12.954 -6.577  3.780   1.00 14.21 ? 46  GLN A C   1 
ATOM   335 O  O   . GLN A 1 49  ? -12.503 -6.186  2.660   1.00 14.13 ? 46  GLN A O   1 
ATOM   336 C  CB  . GLN A 1 49  ? -14.582 -8.453  3.866   1.00 15.45 ? 46  GLN A CB  1 
ATOM   337 C  CG  . GLN A 1 49  ? -16.032 -8.980  3.833   1.00 14.41 ? 46  GLN A CG  1 
ATOM   338 C  CD  . GLN A 1 49  ? -16.845 -8.580  5.070   1.00 15.29 ? 46  GLN A CD  1 
ATOM   339 O  OE1 . GLN A 1 49  ? -16.338 -8.618  6.207   1.00 11.31 ? 46  GLN A OE1 1 
ATOM   340 N  NE2 . GLN A 1 49  ? -18.115 -8.186  4.846   1.00 10.96 ? 46  GLN A NE2 1 
ATOM   341 N  N   . PRO A 1 50  ? -12.205 -6.677  4.894   1.00 13.36 ? 47  PRO A N   1 
ATOM   342 C  CA  . PRO A 1 50  ? -10.779 -6.359  4.860   1.00 12.88 ? 47  PRO A CA  1 
ATOM   343 C  C   . PRO A 1 50  ? -9.969  -7.205  3.906   1.00 12.36 ? 47  PRO A C   1 
ATOM   344 O  O   . PRO A 1 50  ? -10.250 -8.437  3.732   1.00 11.99 ? 47  PRO A O   1 
ATOM   345 C  CB  . PRO A 1 50  ? -10.306 -6.576  6.294   1.00 12.96 ? 47  PRO A CB  1 
ATOM   346 C  CG  . PRO A 1 50  ? -11.545 -6.505  7.128   1.00 14.49 ? 47  PRO A CG  1 
ATOM   347 C  CD  . PRO A 1 50  ? -12.630 -7.085  6.246   1.00 14.31 ? 47  PRO A CD  1 
ATOM   348 N  N   . LEU A 1 51  ? -8.990  -6.538  3.279   1.00 10.10 ? 48  LEU A N   1 
ATOM   349 C  CA  . LEU A 1 51  ? -8.053  -7.185  2.402   1.00 9.85  ? 48  LEU A CA  1 
ATOM   350 C  C   . LEU A 1 51  ? -6.749  -7.504  3.144   1.00 9.88  ? 48  LEU A C   1 
ATOM   351 O  O   . LEU A 1 51  ? -6.156  -6.615  3.767   1.00 11.02 ? 48  LEU A O   1 
ATOM   352 C  CB  . LEU A 1 51  ? -7.781  -6.303  1.191   1.00 10.29 ? 48  LEU A CB  1 
ATOM   353 C  CG  . LEU A 1 51  ? -9.030  -5.794  0.479   1.00 12.01 ? 48  LEU A CG  1 
ATOM   354 C  CD1 . LEU A 1 51  ? -8.471  -4.961  -0.705  1.00 11.24 ? 48  LEU A CD1 1 
ATOM   355 C  CD2 . LEU A 1 51  ? -9.977  -6.977  0.038   1.00 9.92  ? 48  LEU A CD2 1 
ATOM   356 N  N   . THR A 1 52  ? -6.271  -8.750  3.052   1.00 9.84  ? 49  THR A N   1 
ATOM   357 C  CA  . THR A 1 52  ? -5.043  -9.164  3.773   1.00 9.45  ? 49  THR A CA  1 
ATOM   358 C  C   . THR A 1 52  ? -3.842  -9.125  2.853   1.00 10.23 ? 49  THR A C   1 
ATOM   359 O  O   . THR A 1 52  ? -3.848  -9.776  1.805   1.00 10.96 ? 49  THR A O   1 
ATOM   360 C  CB  . THR A 1 52  ? -5.137  -10.590 4.466   1.00 10.43 ? 49  THR A CB  1 
ATOM   361 O  OG1 . THR A 1 52  ? -6.239  -10.641 5.395   1.00 11.18 ? 49  THR A OG1 1 
ATOM   362 C  CG2 . THR A 1 52  ? -3.898  -10.883 5.265   1.00 9.72  ? 49  THR A CG2 1 
ATOM   363 N  N   . PHE A 1 53  ? -2.784  -8.413  3.274   1.00 7.95  ? 50  PHE A N   1 
ATOM   364 C  CA  . PHE A 1 53  ? -1.487  -8.485  2.639   1.00 9.63  ? 50  PHE A CA  1 
ATOM   365 C  C   . PHE A 1 53  ? -0.470  -9.017  3.591   1.00 10.29 ? 50  PHE A C   1 
ATOM   366 O  O   . PHE A 1 53  ? -0.544  -8.720  4.804   1.00 10.11 ? 50  PHE A O   1 
ATOM   367 C  CB  . PHE A 1 53  ? -1.038  -7.095  2.236   1.00 10.26 ? 50  PHE A CB  1 
ATOM   368 C  CG  . PHE A 1 53  ? -1.901  -6.457  1.204   1.00 9.93  ? 50  PHE A CG  1 
ATOM   369 C  CD1 . PHE A 1 53  ? -1.634  -6.665  -0.116  1.00 13.73 ? 50  PHE A CD1 1 
ATOM   370 C  CD2 . PHE A 1 53  ? -3.003  -5.699  1.564   1.00 9.26  ? 50  PHE A CD2 1 
ATOM   371 C  CE1 . PHE A 1 53  ? -2.430  -6.065  -1.074  1.00 14.83 ? 50  PHE A CE1 1 
ATOM   372 C  CE2 . PHE A 1 53  ? -3.771  -5.115  0.638   1.00 7.98  ? 50  PHE A CE2 1 
ATOM   373 C  CZ  . PHE A 1 53  ? -3.486  -5.275  -0.678  1.00 14.13 ? 50  PHE A CZ  1 
ATOM   374 N  N   . GLU A 1 54  ? 0.461   -9.823  3.053   1.00 10.36 ? 51  GLU A N   1 
ATOM   375 C  CA  . GLU A 1 54  ? 1.506   -10.480 3.849   1.00 11.04 ? 51  GLU A CA  1 
ATOM   376 C  C   . GLU A 1 54  ? 2.894   -9.993  3.453   1.00 10.91 ? 51  GLU A C   1 
ATOM   377 O  O   . GLU A 1 54  ? 3.201   -9.793  2.243   1.00 12.61 ? 51  GLU A O   1 
ATOM   378 C  CB  . GLU A 1 54  ? 1.377   -12.025 3.760   1.00 10.85 ? 51  GLU A CB  1 
ATOM   379 C  CG  . GLU A 1 54  ? 0.002   -12.487 4.231   1.00 13.40 ? 51  GLU A CG  1 
ATOM   380 C  CD  . GLU A 1 54  ? -0.170  -13.994 4.281   1.00 17.31 ? 51  GLU A CD  1 
ATOM   381 O  OE1 . GLU A 1 54  ? 0.848   -14.684 4.148   1.00 19.48 ? 51  GLU A OE1 1 
ATOM   382 O  OE2 . GLU A 1 54  ? -1.339  -14.468 4.438   1.00 17.31 ? 51  GLU A OE2 1 
ATOM   383 N  N   . THR A 1 55  ? 3.740   -9.736  4.440   1.00 12.33 ? 52  THR A N   1 
ATOM   384 C  CA  . THR A 1 55  ? 5.048   -9.170  4.151   1.00 14.11 ? 52  THR A CA  1 
ATOM   385 C  C   . THR A 1 55  ? 6.157   -10.177 4.356   1.00 14.78 ? 52  THR A C   1 
ATOM   386 O  O   . THR A 1 55  ? 6.073   -10.984 5.257   1.00 15.87 ? 52  THR A O   1 
ATOM   387 C  CB  . THR A 1 55  ? 5.319   -7.983  5.092   1.00 14.68 ? 52  THR A CB  1 
ATOM   388 O  OG1 . THR A 1 55  ? 5.225   -8.428  6.464   1.00 14.93 ? 52  THR A OG1 1 
ATOM   389 C  CG2 . THR A 1 55  ? 4.321   -6.906  4.831   1.00 17.21 ? 52  THR A CG2 1 
ATOM   390 N  N   . HIS A 1 56  ? 7.172   -10.141 3.490   1.00 15.34 ? 53  HIS A N   1 
ATOM   391 C  CA  . HIS A 1 56  ? 8.442   -10.809 3.746   1.00 15.67 ? 53  HIS A CA  1 
ATOM   392 C  C   . HIS A 1 56  ? 9.366   -9.747  4.345   1.00 15.95 ? 53  HIS A C   1 
ATOM   393 O  O   . HIS A 1 56  ? 9.583   -9.741  5.543   1.00 17.80 ? 53  HIS A O   1 
ATOM   394 C  CB  . HIS A 1 56  ? 8.950   -11.443 2.471   1.00 16.10 ? 53  HIS A CB  1 
ATOM   395 C  CG  . HIS A 1 56  ? 8.108   -12.589 2.014   1.00 13.88 ? 53  HIS A CG  1 
ATOM   396 N  ND1 . HIS A 1 56  ? 8.424   -13.351 0.912   1.00 11.39 ? 53  HIS A ND1 1 
ATOM   397 C  CD2 . HIS A 1 56  ? 6.987   -13.137 2.545   1.00 13.01 ? 53  HIS A CD2 1 
ATOM   398 C  CE1 . HIS A 1 56  ? 7.520   -14.307 0.769   1.00 11.48 ? 53  HIS A CE1 1 
ATOM   399 N  NE2 . HIS A 1 56  ? 6.618   -14.178 1.729   1.00 12.67 ? 53  HIS A NE2 1 
ATOM   400 N  N   . VAL A 1 57  ? 9.820   -8.783  3.558   1.00 15.71 ? 54  VAL A N   1 
ATOM   401 C  CA  . VAL A 1 57  ? 10.626  -7.700  4.112   1.00 14.98 ? 54  VAL A CA  1 
ATOM   402 C  C   . VAL A 1 57  ? 9.689   -6.641  4.731   1.00 13.49 ? 54  VAL A C   1 
ATOM   403 O  O   . VAL A 1 57  ? 8.529   -6.579  4.407   1.00 12.53 ? 54  VAL A O   1 
ATOM   404 C  CB  . VAL A 1 57  ? 11.562  -7.047  3.044   1.00 16.59 ? 54  VAL A CB  1 
ATOM   405 C  CG1 . VAL A 1 57  ? 12.497  -8.116  2.420   1.00 18.01 ? 54  VAL A CG1 1 
ATOM   406 C  CG2 . VAL A 1 57  ? 10.771  -6.319  1.964   1.00 16.21 ? 54  VAL A CG2 1 
ATOM   407 N  N   . PRO A 1 58  ? 10.181  -5.866  5.683   1.00 12.84 ? 55  PRO A N   1 
ATOM   408 C  CA  . PRO A 1 58  ? 9.336   -4.804  6.254   1.00 13.11 ? 55  PRO A CA  1 
ATOM   409 C  C   . PRO A 1 58  ? 8.889   -3.802  5.196   1.00 12.16 ? 55  PRO A C   1 
ATOM   410 O  O   . PRO A 1 58  ? 9.601   -3.604  4.218   1.00 13.00 ? 55  PRO A O   1 
ATOM   411 C  CB  . PRO A 1 58  ? 10.278  -4.116  7.202   1.00 13.35 ? 55  PRO A CB  1 
ATOM   412 C  CG  . PRO A 1 58  ? 11.233  -5.134  7.583   1.00 13.75 ? 55  PRO A CG  1 
ATOM   413 C  CD  . PRO A 1 58  ? 11.466  -5.979  6.391   1.00 13.20 ? 55  PRO A CD  1 
ATOM   414 N  N   . GLU A 1 59  ? 7.779   -3.094  5.457   1.00 11.50 ? 56  GLU A N   1 
ATOM   415 C  CA  . GLU A 1 59  ? 7.185   -2.210  4.500   1.00 11.28 ? 56  GLU A CA  1 
ATOM   416 C  C   . GLU A 1 59  ? 6.701   -0.947  5.211   1.00 10.15 ? 56  GLU A C   1 
ATOM   417 O  O   . GLU A 1 59  ? 6.268   -1.025  6.337   1.00 9.64  ? 56  GLU A O   1 
ATOM   418 C  CB  . GLU A 1 59  ? 5.967   -2.898  3.823   1.00 11.46 ? 56  GLU A CB  1 
ATOM   419 C  CG  . GLU A 1 59  ? 6.337   -3.929  2.816   1.00 15.75 ? 56  GLU A CG  1 
ATOM   420 C  CD  . GLU A 1 59  ? 5.118   -4.619  2.201   1.00 14.65 ? 56  GLU A CD  1 
ATOM   421 O  OE1 . GLU A 1 59  ? 3.965   -4.247  2.537   1.00 16.93 ? 56  GLU A OE1 1 
ATOM   422 O  OE2 . GLU A 1 59  ? 5.323   -5.575  1.446   1.00 18.30 ? 56  GLU A OE2 1 
ATOM   423 N  N   . ARG A 1 60  ? 6.769   0.202   4.542   1.00 9.40  ? 57  ARG A N   1 
ATOM   424 C  CA  . ARG A 1 60  ? 5.995   1.365   4.974   1.00 8.49  ? 57  ARG A CA  1 
ATOM   425 C  C   . ARG A 1 60  ? 4.925   1.681   3.930   1.00 7.46  ? 57  ARG A C   1 
ATOM   426 O  O   . ARG A 1 60  ? 5.233   1.839   2.769   1.00 7.49  ? 57  ARG A O   1 
ATOM   427 C  CB  . ARG A 1 60  ? 6.869   2.600   5.218   1.00 7.07  ? 57  ARG A CB  1 
ATOM   428 C  CG  . ARG A 1 60  ? 6.110   3.824   5.575   1.00 7.99  ? 57  ARG A CG  1 
ATOM   429 C  CD  . ARG A 1 60  ? 7.017   4.992   5.961   1.00 9.19  ? 57  ARG A CD  1 
ATOM   430 N  NE  . ARG A 1 60  ? 7.864   5.520   4.867   1.00 7.88  ? 57  ARG A NE  1 
ATOM   431 C  CZ  . ARG A 1 60  ? 7.597   6.590   4.112   1.00 8.11  ? 57  ARG A CZ  1 
ATOM   432 N  NH1 . ARG A 1 60  ? 6.446   7.239   4.201   1.00 9.93  ? 57  ARG A NH1 1 
ATOM   433 N  NH2 . ARG A 1 60  ? 8.499   7.016   3.204   1.00 7.85  ? 57  ARG A NH2 1 
HETATM 434 N  N   . MSE A 1 61  ? 3.677   1.737   4.376   1.00 7.99  ? 58  MSE A N   1 
HETATM 435 C  CA  . MSE A 1 61  ? 2.549   2.105   3.532   1.00 7.47  ? 58  MSE A CA  1 
HETATM 436 C  C   . MSE A 1 61  ? 2.236   3.574   3.763   1.00 7.44  ? 58  MSE A C   1 
HETATM 437 O  O   . MSE A 1 61  ? 1.971   3.996   4.896   1.00 7.20  ? 58  MSE A O   1 
HETATM 438 C  CB  . MSE A 1 61  ? 1.331   1.275   3.906   1.00 7.82  ? 58  MSE A CB  1 
HETATM 439 C  CG  . MSE A 1 61  ? 1.377   -0.134  3.377   1.00 8.40  ? 58  MSE A CG  1 
HETATM 440 SE SE  . MSE A 1 61  ? 1.013   -0.259  1.488   0.70 12.93 ? 58  MSE A SE  1 
HETATM 441 C  CE  . MSE A 1 61  ? -0.939  0.120   1.629   1.00 13.39 ? 58  MSE A CE  1 
ATOM   442 N  N   . GLU A 1 62  ? 2.354   4.368   2.710   1.00 6.01  ? 59  GLU A N   1 
ATOM   443 C  CA  . GLU A 1 62  ? 2.108   5.795   2.764   1.00 5.42  ? 59  GLU A CA  1 
ATOM   444 C  C   . GLU A 1 62  ? 0.803   6.052   2.037   1.00 6.42  ? 59  GLU A C   1 
ATOM   445 O  O   . GLU A 1 62  ? 0.666   5.668   0.872   1.00 6.75  ? 59  GLU A O   1 
ATOM   446 C  CB  . GLU A 1 62  ? 3.259   6.544   2.054   1.00 5.38  ? 59  GLU A CB  1 
ATOM   447 C  CG  . GLU A 1 62  ? 3.034   8.059   1.951   1.00 4.83  ? 59  GLU A CG  1 
ATOM   448 C  CD  . GLU A 1 62  ? 4.076   8.790   1.153   1.00 8.89  ? 59  GLU A CD  1 
ATOM   449 O  OE1 . GLU A 1 62  ? 5.026   8.161   0.619   1.00 6.80  ? 59  GLU A OE1 1 
ATOM   450 O  OE2 . GLU A 1 62  ? 3.944   10.037  1.064   1.00 10.08 ? 59  GLU A OE2 1 
ATOM   451 N  N   . ILE A 1 63  ? -0.120  6.752   2.696   1.00 5.51  ? 60  ILE A N   1 
ATOM   452 C  CA  . ILE A 1 63  ? -1.371  7.089   2.050   1.00 4.89  ? 60  ILE A CA  1 
ATOM   453 C  C   . ILE A 1 63  ? -1.161  8.388   1.289   1.00 4.82  ? 60  ILE A C   1 
ATOM   454 O  O   . ILE A 1 63  ? -0.817  9.418   1.863   1.00 5.01  ? 60  ILE A O   1 
ATOM   455 C  CB  . ILE A 1 63  ? -2.535  7.212   3.055   1.00 5.03  ? 60  ILE A CB  1 
ATOM   456 C  CG1 . ILE A 1 63  ? -2.739  5.912   3.903   1.00 4.43  ? 60  ILE A CG1 1 
ATOM   457 C  CG2 . ILE A 1 63  ? -3.845  7.526   2.320   1.00 4.73  ? 60  ILE A CG2 1 
ATOM   458 C  CD1 . ILE A 1 63  ? -2.685  4.597   3.094   1.00 7.67  ? 60  ILE A CD1 1 
ATOM   459 N  N   . ILE A 1 64  ? -1.455  8.328   0.012   1.00 3.54  ? 61  ILE A N   1 
ATOM   460 C  CA  . ILE A 1 64  ? -1.362  9.452   -0.919  1.00 5.58  ? 61  ILE A CA  1 
ATOM   461 C  C   . ILE A 1 64  ? -2.731  10.210  -1.030  1.00 6.03  ? 61  ILE A C   1 
ATOM   462 O  O   . ILE A 1 64  ? -2.743  11.445  -1.125  1.00 6.64  ? 61  ILE A O   1 
ATOM   463 C  CB  . ILE A 1 64  ? -0.866  8.980   -2.341  1.00 6.36  ? 61  ILE A CB  1 
ATOM   464 C  CG1 . ILE A 1 64  ? 0.553   8.409   -2.309  1.00 8.24  ? 61  ILE A CG1 1 
ATOM   465 C  CG2 . ILE A 1 64  ? -1.006  10.131  -3.372  1.00 7.34  ? 61  ILE A CG2 1 
ATOM   466 C  CD1 . ILE A 1 64  ? 1.602   9.260   -1.643  1.00 11.09 ? 61  ILE A CD1 1 
ATOM   467 N  N   . SER A 1 65  ? -3.836  9.440   -1.052  1.00 4.96  ? 62  SER A N   1 
ATOM   468 C  CA  . SER A 1 65  ? -5.183  9.958   -1.123  1.00 5.37  ? 62  SER A CA  1 
ATOM   469 C  C   . SER A 1 65  ? -6.160  9.015   -0.463  1.00 6.15  ? 62  SER A C   1 
ATOM   470 O  O   . SER A 1 65  ? -6.069  7.798   -0.658  1.00 5.78  ? 62  SER A O   1 
ATOM   471 C  CB  . SER A 1 65  ? -5.563  10.173  -2.562  1.00 6.23  ? 62  SER A CB  1 
ATOM   472 O  OG  . SER A 1 65  ? -6.879  10.758  -2.684  1.00 8.79  ? 62  SER A OG  1 
ATOM   473 N  N   . GLY A 1 66  ? -7.095  9.566   0.311   1.00 4.81  ? 63  GLY A N   1 
ATOM   474 C  CA  . GLY A 1 66  ? -8.131  8.741   0.909   1.00 4.75  ? 63  GLY A CA  1 
ATOM   475 C  C   . GLY A 1 66  ? -7.936  8.501   2.375   1.00 5.52  ? 63  GLY A C   1 
ATOM   476 O  O   . GLY A 1 66  ? -7.164  9.194   3.081   1.00 6.17  ? 63  GLY A O   1 
ATOM   477 N  N   . GLU A 1 67  ? -8.686  7.523   2.825   1.00 6.86  ? 64  GLU A N   1 
ATOM   478 C  CA  . GLU A 1 67  ? -8.854  7.197   4.242   1.00 6.26  ? 64  GLU A CA  1 
ATOM   479 C  C   . GLU A 1 67  ? -8.975  5.696   4.324   1.00 6.63  ? 64  GLU A C   1 
ATOM   480 O  O   . GLU A 1 67  ? -9.736  5.096   3.537   1.00 7.34  ? 64  GLU A O   1 
ATOM   481 C  CB  . GLU A 1 67  ? -10.154 7.807   4.779   1.00 7.15  ? 64  GLU A CB  1 
ATOM   482 C  CG  . GLU A 1 67  ? -10.521 7.372   6.207   1.00 8.30  ? 64  GLU A CG  1 
ATOM   483 C  CD  . GLU A 1 67  ? -11.711 8.075   6.707   1.00 11.46 ? 64  GLU A CD  1 
ATOM   484 O  OE1 . GLU A 1 67  ? -11.777 9.310   6.607   1.00 12.49 ? 64  GLU A OE1 1 
ATOM   485 O  OE2 . GLU A 1 67  ? -12.636 7.375   7.179   1.00 12.97 ? 64  GLU A OE2 1 
ATOM   486 N  N   . CYS A 1 68  ? -8.252  5.078   5.260   1.00 5.07  ? 65  CYS A N   1 
ATOM   487 C  CA  . CYS A 1 68  ? -8.392  3.612   5.448   1.00 5.94  ? 65  CYS A CA  1 
ATOM   488 C  C   . CYS A 1 68  ? -8.347  3.260   6.913   1.00 7.04  ? 65  CYS A C   1 
ATOM   489 O  O   . CYS A 1 68  ? -7.891  4.025   7.736   1.00 6.03  ? 65  CYS A O   1 
ATOM   490 C  CB  . CYS A 1 68  ? -7.302  2.810   4.683   1.00 5.68  ? 65  CYS A CB  1 
ATOM   491 S  SG  . CYS A 1 68  ? -5.636  3.198   5.156   1.00 7.69  ? 65  CYS A SG  1 
ATOM   492 N  N   . ARG A 1 69  ? -8.799  2.058   7.214   1.00 7.32  ? 66  ARG A N   1 
ATOM   493 C  CA  . ARG A 1 69  ? -8.639  1.448   8.529   1.00 8.10  ? 66  ARG A CA  1 
ATOM   494 C  C   . ARG A 1 69  ? -7.850  0.165   8.383   1.00 8.31  ? 66  ARG A C   1 
ATOM   495 O  O   . ARG A 1 69  ? -8.136  -0.637  7.497   1.00 8.45  ? 66  ARG A O   1 
ATOM   496 C  CB  . ARG A 1 69  ? -10.010 1.234   9.175   1.00 8.66  ? 66  ARG A CB  1 
ATOM   497 C  CG  . ARG A 1 69  ? -10.545 2.538   9.693   1.00 9.32  ? 66  ARG A CG  1 
ATOM   498 C  CD  . ARG A 1 69  ? -11.944 2.481   10.215  1.00 16.60 ? 66  ARG A CD  1 
ATOM   499 N  NE  . ARG A 1 69  ? -12.409 3.748   10.773  1.00 18.69 ? 66  ARG A NE  1 
ATOM   500 C  CZ  . ARG A 1 69  ? -12.914 4.766   10.072  1.00 24.68 ? 66  ARG A CZ  1 
ATOM   501 N  NH1 . ARG A 1 69  ? -12.936 4.758   8.703   1.00 26.21 ? 66  ARG A NH1 1 
ATOM   502 N  NH2 . ARG A 1 69  ? -13.328 5.842   10.748  1.00 25.41 ? 66  ARG A NH2 1 
ATOM   503 N  N   . VAL A 1 70  ? -6.850  -0.001  9.232   1.00 8.18  ? 67  VAL A N   1 
ATOM   504 C  CA  . VAL A 1 70  ? -5.906  -1.117  9.104   1.00 8.17  ? 67  VAL A CA  1 
ATOM   505 C  C   . VAL A 1 70  ? -5.684  -1.791  10.435  1.00 8.87  ? 67  VAL A C   1 
ATOM   506 O  O   . VAL A 1 70  ? -5.507  -1.123  11.440  1.00 7.44  ? 67  VAL A O   1 
ATOM   507 C  CB  . VAL A 1 70  ? -4.520  -0.627  8.591   1.00 9.43  ? 67  VAL A CB  1 
ATOM   508 C  CG1 . VAL A 1 70  ? -3.637  -1.798  8.322   1.00 8.86  ? 67  VAL A CG1 1 
ATOM   509 C  CG2 . VAL A 1 70  ? -4.687  0.164   7.308   1.00 10.33 ? 67  VAL A CG2 1 
ATOM   510 N  N   . LYS A 1 71  ? -5.638  -3.123  10.410  1.00 9.53  ? 68  LYS A N   1 
ATOM   511 C  CA  . LYS A 1 71  ? -5.164  -3.895  11.552  1.00 10.71 ? 68  LYS A CA  1 
ATOM   512 C  C   . LYS A 1 71  ? -3.835  -4.454  11.163  1.00 10.35 ? 68  LYS A C   1 
ATOM   513 O  O   . LYS A 1 71  ? -3.737  -5.275  10.190  1.00 9.95  ? 68  LYS A O   1 
ATOM   514 C  CB  . LYS A 1 71  ? -6.076  -5.066  11.854  1.00 11.22 ? 68  LYS A CB  1 
ATOM   515 C  CG  . LYS A 1 71  ? -7.356  -4.660  12.461  1.00 14.14 ? 68  LYS A CG  1 
ATOM   516 C  CD  . LYS A 1 71  ? -8.083  -5.871  12.972  1.00 17.89 ? 68  LYS A CD  1 
ATOM   517 C  CE  . LYS A 1 71  ? -9.306  -5.468  13.772  1.00 21.49 ? 68  LYS A CE  1 
ATOM   518 N  NZ  . LYS A 1 71  ? -10.332 -4.708  12.985  1.00 22.18 ? 68  LYS A NZ  1 
ATOM   519 N  N   . ILE A 1 72  ? -2.820  -4.039  11.917  1.00 11.50 ? 69  ILE A N   1 
ATOM   520 C  CA  . ILE A 1 72  ? -1.439  -4.397  11.629  1.00 12.50 ? 69  ILE A CA  1 
ATOM   521 C  C   . ILE A 1 72  ? -0.956  -5.539  12.497  1.00 13.31 ? 69  ILE A C   1 
ATOM   522 O  O   . ILE A 1 72  ? -1.092  -5.495  13.751  1.00 12.94 ? 69  ILE A O   1 
ATOM   523 C  CB  . ILE A 1 72  ? -0.489  -3.207  11.840  1.00 12.48 ? 69  ILE A CB  1 
ATOM   524 C  CG1 . ILE A 1 72  ? -0.917  -2.039  10.938  1.00 12.46 ? 69  ILE A CG1 1 
ATOM   525 C  CG2 . ILE A 1 72  ? 0.924   -3.611  11.522  1.00 13.46 ? 69  ILE A CG2 1 
ATOM   526 C  CD1 . ILE A 1 72  ? -0.245  -0.694  11.292  1.00 13.52 ? 69  ILE A CD1 1 
ATOM   527 N  N   . ALA A 1 73  ? -0.339  -6.521  11.844  1.00 13.65 ? 70  ALA A N   1 
ATOM   528 C  CA  . ALA A 1 73  ? 0.338   -7.583  12.561  1.00 15.82 ? 70  ALA A CA  1 
ATOM   529 C  C   . ALA A 1 73  ? -0.716  -8.284  13.409  1.00 17.24 ? 70  ALA A C   1 
ATOM   530 O  O   . ALA A 1 73  ? -1.781  -8.648  12.871  1.00 17.67 ? 70  ALA A O   1 
ATOM   531 C  CB  . ALA A 1 73  ? 1.501   -7.010  13.391  1.00 15.23 ? 70  ALA A CB  1 
ATOM   532 N  N   . ASP A 1 74  ? -0.467  -8.470  14.712  1.00 19.98 ? 71  ASP A N   1 
ATOM   533 C  CA  . ASP A 1 74  ? -1.470  -9.094  15.576  1.00 21.32 ? 71  ASP A CA  1 
ATOM   534 C  C   . ASP A 1 74  ? -2.227  -8.096  16.454  1.00 22.28 ? 71  ASP A C   1 
ATOM   535 O  O   . ASP A 1 74  ? -2.721  -8.453  17.519  1.00 22.46 ? 71  ASP A O   1 
ATOM   536 C  CB  . ASP A 1 74  ? -0.823  -10.219 16.410  1.00 22.01 ? 71  ASP A CB  1 
ATOM   537 C  CG  . ASP A 1 74  ? -0.518  -11.468 15.563  1.00 24.09 ? 71  ASP A CG  1 
ATOM   538 O  OD1 . ASP A 1 74  ? -0.566  -11.366 14.308  1.00 28.84 ? 71  ASP A OD1 1 
ATOM   539 O  OD2 . ASP A 1 74  ? -0.238  -12.548 16.140  1.00 27.10 ? 71  ASP A OD2 1 
ATOM   540 N  N   . SER A 1 75  ? -2.349  -6.847  16.002  1.00 22.69 ? 72  SER A N   1 
ATOM   541 C  CA  . SER A 1 75  ? -3.228  -5.893  16.665  1.00 22.93 ? 72  SER A CA  1 
ATOM   542 C  C   . SER A 1 75  ? -4.678  -6.311  16.478  1.00 22.70 ? 72  SER A C   1 
ATOM   543 O  O   . SER A 1 75  ? -5.030  -6.884  15.456  1.00 22.16 ? 72  SER A O   1 
ATOM   544 C  CB  . SER A 1 75  ? -3.043  -4.481  16.106  1.00 23.66 ? 72  SER A CB  1 
ATOM   545 O  OG  . SER A 1 75  ? -4.115  -3.644  16.548  1.00 25.72 ? 72  SER A OG  1 
ATOM   546 N  N   . THR A 1 76  ? -5.517  -5.948  17.444  1.00 22.67 ? 73  THR A N   1 
ATOM   547 C  CA  . THR A 1 76  ? -6.933  -6.333  17.466  1.00 22.02 ? 73  THR A CA  1 
ATOM   548 C  C   . THR A 1 76  ? -7.954  -5.193  17.217  1.00 21.67 ? 73  THR A C   1 
ATOM   549 O  O   . THR A 1 76  ? -9.150  -5.456  17.033  1.00 22.10 ? 73  THR A O   1 
ATOM   550 C  CB  . THR A 1 76  ? -7.256  -7.052  18.795  1.00 22.21 ? 73  THR A CB  1 
ATOM   551 O  OG1 . THR A 1 76  ? -6.737  -6.290  19.889  1.00 21.83 ? 73  THR A OG1 1 
ATOM   552 C  CG2 . THR A 1 76  ? -6.592  -8.412  18.796  1.00 22.95 ? 73  THR A CG2 1 
ATOM   553 N  N   . GLU A 1 77  ? -7.521  -3.938  17.220  1.00 20.70 ? 74  GLU A N   1 
ATOM   554 C  CA  . GLU A 1 77  ? -8.405  -2.872  16.741  1.00 20.09 ? 74  GLU A CA  1 
ATOM   555 C  C   . GLU A 1 77  ? -7.730  -2.154  15.560  1.00 18.07 ? 74  GLU A C   1 
ATOM   556 O  O   . GLU A 1 77  ? -6.491  -2.111  15.422  1.00 17.52 ? 74  GLU A O   1 
ATOM   557 C  CB  . GLU A 1 77  ? -8.861  -1.868  17.831  1.00 20.30 ? 74  GLU A CB  1 
ATOM   558 C  CG  . GLU A 1 77  ? -10.143 -2.285  18.673  1.00 24.22 ? 74  GLU A CG  1 
ATOM   559 C  CD  . GLU A 1 77  ? -10.604 -1.213  19.719  1.00 26.58 ? 74  GLU A CD  1 
ATOM   560 O  OE1 . GLU A 1 77  ? -11.174 -0.161  19.334  1.00 28.36 ? 74  GLU A OE1 1 
ATOM   561 O  OE2 . GLU A 1 77  ? -10.428 -1.440  20.938  1.00 30.03 ? 74  GLU A OE2 1 
ATOM   562 N  N   . SER A 1 78  ? -8.612  -1.669  14.688  1.00 17.18 ? 75  SER A N   1 
ATOM   563 C  CA  . SER A 1 78  ? -8.264  -0.978  13.488  1.00 16.21 ? 75  SER A CA  1 
ATOM   564 C  C   . SER A 1 78  ? -7.714  0.370   13.883  1.00 14.59 ? 75  SER A C   1 
ATOM   565 O  O   . SER A 1 78  ? -8.156  0.983   14.880  1.00 14.79 ? 75  SER A O   1 
ATOM   566 C  CB  . SER A 1 78  ? -9.491  -0.729  12.607  1.00 16.47 ? 75  SER A CB  1 
ATOM   567 O  OG  . SER A 1 78  ? -9.664  -1.742  11.637  1.00 22.93 ? 75  SER A OG  1 
ATOM   568 N  N   . GLU A 1 79  ? -6.766  0.835   13.086  1.00 11.53 ? 76  GLU A N   1 
ATOM   569 C  CA  . GLU A 1 79  ? -6.168  2.155   13.209  1.00 10.80 ? 76  GLU A CA  1 
ATOM   570 C  C   . GLU A 1 79  ? -6.538  2.899   11.902  1.00 10.22 ? 76  GLU A C   1 
ATOM   571 O  O   . GLU A 1 79  ? -6.571  2.329   10.814  1.00 9.80  ? 76  GLU A O   1 
ATOM   572 C  CB  . GLU A 1 79  ? -4.644  2.063   13.285  1.00 11.46 ? 76  GLU A CB  1 
ATOM   573 C  CG  . GLU A 1 79  ? -4.081  1.310   14.546  1.00 14.32 ? 76  GLU A CG  1 
ATOM   574 C  CD  . GLU A 1 79  ? -2.580  1.034   14.449  1.00 16.97 ? 76  GLU A CD  1 
ATOM   575 O  OE1 . GLU A 1 79  ? -1.783  1.996   14.265  1.00 18.56 ? 76  GLU A OE1 1 
ATOM   576 O  OE2 . GLU A 1 79  ? -2.171  -0.139  14.587  1.00 20.09 ? 76  GLU A OE2 1 
ATOM   577 N  N   . LEU A 1 80  ? -6.781  4.184   12.045  1.00 9.27  ? 77  LEU A N   1 
ATOM   578 C  CA  . LEU A 1 80  ? -7.224  5.054   10.968  1.00 8.73  ? 77  LEU A CA  1 
ATOM   579 C  C   . LEU A 1 80  ? -6.034  5.825   10.384  1.00 9.19  ? 77  LEU A C   1 
ATOM   580 O  O   . LEU A 1 80  ? -5.263  6.411   11.110  1.00 8.66  ? 77  LEU A O   1 
ATOM   581 C  CB  . LEU A 1 80  ? -8.200  6.085   11.521  1.00 8.73  ? 77  LEU A CB  1 
ATOM   582 C  CG  . LEU A 1 80  ? -8.760  7.168   10.583  1.00 9.62  ? 77  LEU A CG  1 
ATOM   583 C  CD1 . LEU A 1 80  ? -9.709  6.605   9.598   1.00 10.68 ? 77  LEU A CD1 1 
ATOM   584 C  CD2 . LEU A 1 80  ? -9.499  8.185   11.483  1.00 11.84 ? 77  LEU A CD2 1 
ATOM   585 N  N   . PHE A 1 81  ? -5.953  5.841   9.066   1.00 9.37  ? 78  PHE A N   1 
ATOM   586 C  CA  . PHE A 1 81  ? -4.947  6.615   8.357   1.00 9.11  ? 78  PHE A CA  1 
ATOM   587 C  C   . PHE A 1 81  ? -5.586  7.402   7.258   1.00 9.55  ? 78  PHE A C   1 
ATOM   588 O  O   . PHE A 1 81  ? -6.456  6.876   6.533   1.00 10.03 ? 78  PHE A O   1 
ATOM   589 C  CB  . PHE A 1 81  ? -3.894  5.663   7.777   1.00 9.49  ? 78  PHE A CB  1 
ATOM   590 C  CG  . PHE A 1 81  ? -3.217  4.857   8.820   1.00 8.86  ? 78  PHE A CG  1 
ATOM   591 C  CD1 . PHE A 1 81  ? -2.211  5.397   9.599   1.00 9.75  ? 78  PHE A CD1 1 
ATOM   592 C  CD2 . PHE A 1 81  ? -3.668  3.593   9.133   1.00 10.72 ? 78  PHE A CD2 1 
ATOM   593 C  CE1 . PHE A 1 81  ? -1.634  4.658   10.627  1.00 10.08 ? 78  PHE A CE1 1 
ATOM   594 C  CE2 . PHE A 1 81  ? -3.084  2.870   10.158  1.00 10.86 ? 78  PHE A CE2 1 
ATOM   595 C  CZ  . PHE A 1 81  ? -2.082  3.398   10.897  1.00 9.90  ? 78  PHE A CZ  1 
ATOM   596 N  N   . ARG A 1 82  ? -5.119  8.638   7.088   1.00 9.09  ? 79  ARG A N   1 
ATOM   597 C  CA  . ARG A 1 82  ? -5.573  9.511   6.005   1.00 8.03  ? 79  ARG A CA  1 
ATOM   598 C  C   . ARG A 1 82  ? -4.382  10.009  5.216   1.00 6.86  ? 79  ARG A C   1 
ATOM   599 O  O   . ARG A 1 82  ? -3.202  9.794   5.575   1.00 7.87  ? 79  ARG A O   1 
ATOM   600 C  CB  . ARG A 1 82  ? -6.416  10.682  6.531   1.00 8.35  ? 79  ARG A CB  1 
ATOM   601 C  CG  . ARG A 1 82  ? -7.749  10.281  7.105   1.00 11.00 ? 79  ARG A CG  1 
ATOM   602 C  CD  . ARG A 1 82  ? -8.611  11.444  7.651   1.00 10.06 ? 79  ARG A CD  1 
ATOM   603 N  NE  . ARG A 1 82  ? -9.940  10.953  7.992   1.00 8.87  ? 79  ARG A NE  1 
ATOM   604 C  CZ  . ARG A 1 82  ? -10.562 11.084  9.168   1.00 10.32 ? 79  ARG A CZ  1 
ATOM   605 N  NH1 . ARG A 1 82  ? -9.977  11.715  10.183  1.00 7.77  ? 79  ARG A NH1 1 
ATOM   606 N  NH2 . ARG A 1 82  ? -11.792 10.588  9.302   1.00 13.15 ? 79  ARG A NH2 1 
ATOM   607 N  N   . ALA A 1 83  ? -4.681  10.683  4.109   1.00 6.45  ? 80  ALA A N   1 
ATOM   608 C  CA  . ALA A 1 83  ? -3.630  11.171  3.241   1.00 6.43  ? 80  ALA A CA  1 
ATOM   609 C  C   . ALA A 1 83  ? -2.558  11.958  3.984   1.00 6.45  ? 80  ALA A C   1 
ATOM   610 O  O   . ALA A 1 83  ? -2.842  12.846  4.841   1.00 6.94  ? 80  ALA A O   1 
ATOM   611 C  CB  . ALA A 1 83  ? -4.222  12.022  2.074   1.00 6.12  ? 80  ALA A CB  1 
ATOM   612 N  N   . GLY A 1 84  ? -1.312  11.571  3.698   1.00 7.00  ? 81  GLY A N   1 
ATOM   613 C  CA  . GLY A 1 84  ? -0.154  12.164  4.304   1.00 7.75  ? 81  GLY A CA  1 
ATOM   614 C  C   . GLY A 1 84  ? 0.433   11.338  5.437   1.00 9.83  ? 81  GLY A C   1 
ATOM   615 O  O   . GLY A 1 84  ? 1.561   11.577  5.866   1.00 12.41 ? 81  GLY A O   1 
ATOM   616 N  N   . GLN A 1 85  ? -0.323  10.385  5.920   1.00 8.19  ? 82  GLN A N   1 
ATOM   617 C  CA  . GLN A 1 85  ? 0.116   9.518   6.999   1.00 8.92  ? 82  GLN A CA  1 
ATOM   618 C  C   . GLN A 1 85  ? 0.641   8.209   6.456   1.00 9.11  ? 82  GLN A C   1 
ATOM   619 O  O   . GLN A 1 85  ? 0.243   7.771   5.375   1.00 9.72  ? 82  GLN A O   1 
ATOM   620 C  CB  . GLN A 1 85  ? -1.066  9.289   7.915   1.00 9.45  ? 82  GLN A CB  1 
ATOM   621 C  CG  . GLN A 1 85  ? -1.527  10.559  8.578   1.00 7.85  ? 82  GLN A CG  1 
ATOM   622 C  CD  . GLN A 1 85  ? -2.673  10.374  9.551   1.00 9.77  ? 82  GLN A CD  1 
ATOM   623 O  OE1 . GLN A 1 85  ? -3.626  9.635   9.277   1.00 9.17  ? 82  GLN A OE1 1 
ATOM   624 N  NE2 . GLN A 1 85  ? -2.642  11.154  10.662  1.00 10.45 ? 82  GLN A NE2 1 
ATOM   625 N  N   . SER A 1 86  ? 1.509   7.576   7.237   1.00 8.08  ? 83  SER A N   1 
ATOM   626 C  CA  . SER A 1 86  ? 2.076   6.276   6.943   1.00 7.22  ? 83  SER A CA  1 
ATOM   627 C  C   . SER A 1 86  ? 1.879   5.306   8.078   1.00 8.16  ? 83  SER A C   1 
ATOM   628 O  O   . SER A 1 86  ? 1.620   5.698   9.254   1.00 8.50  ? 83  SER A O   1 
ATOM   629 C  CB  . SER A 1 86  ? 3.579   6.378   6.651   1.00 8.67  ? 83  SER A CB  1 
ATOM   630 O  OG  . SER A 1 86  ? 3.832   7.162   5.497   1.00 9.12  ? 83  SER A OG  1 
ATOM   631 N  N   . PHE A 1 87  ? 1.984   4.008   7.738   1.00 8.37  ? 84  PHE A N   1 
ATOM   632 C  CA  . PHE A 1 87  ? 2.114   2.981   8.762   1.00 8.89  ? 84  PHE A CA  1 
ATOM   633 C  C   . PHE A 1 87  ? 3.212   1.991   8.393   1.00 9.45  ? 84  PHE A C   1 
ATOM   634 O  O   . PHE A 1 87  ? 3.542   1.811   7.236   1.00 9.47  ? 84  PHE A O   1 
ATOM   635 C  CB  . PHE A 1 87  ? 0.787   2.288   9.105   1.00 9.75  ? 84  PHE A CB  1 
ATOM   636 C  CG  . PHE A 1 87  ? 0.140   1.549   7.977   1.00 8.03  ? 84  PHE A CG  1 
ATOM   637 C  CD1 . PHE A 1 87  ? 0.475   0.213   7.730   1.00 6.95  ? 84  PHE A CD1 1 
ATOM   638 C  CD2 . PHE A 1 87  ? -0.800  2.158   7.156   1.00 8.52  ? 84  PHE A CD2 1 
ATOM   639 C  CE1 . PHE A 1 87  ? -0.171  -0.500  6.694   1.00 9.82  ? 84  PHE A CE1 1 
ATOM   640 C  CE2 . PHE A 1 87  ? -1.394  1.498   6.147   1.00 7.38  ? 84  PHE A CE2 1 
ATOM   641 C  CZ  . PHE A 1 87  ? -1.089  0.158   5.905   1.00 7.46  ? 84  PHE A CZ  1 
ATOM   642 N  N   . TYR A 1 88  ? 3.797   1.403   9.431   1.00 9.11  ? 85  TYR A N   1 
ATOM   643 C  CA  . TYR A 1 88  ? 4.895   0.451   9.272   1.00 10.27 ? 85  TYR A CA  1 
ATOM   644 C  C   . TYR A 1 88  ? 4.401   -0.964  9.506   1.00 10.42 ? 85  TYR A C   1 
ATOM   645 O  O   . TYR A 1 88  ? 3.706   -1.210  10.484  1.00 10.68 ? 85  TYR A O   1 
ATOM   646 C  CB  . TYR A 1 88  ? 5.998   0.783   10.280  1.00 10.44 ? 85  TYR A CB  1 
ATOM   647 C  CG  . TYR A 1 88  ? 7.165   -0.158  10.262  1.00 11.40 ? 85  TYR A CG  1 
ATOM   648 C  CD1 . TYR A 1 88  ? 8.159   -0.038  9.308   1.00 10.49 ? 85  TYR A CD1 1 
ATOM   649 C  CD2 . TYR A 1 88  ? 7.267   -1.170  11.215  1.00 12.66 ? 85  TYR A CD2 1 
ATOM   650 C  CE1 . TYR A 1 88  ? 9.240   -0.921  9.281   1.00 12.43 ? 85  TYR A CE1 1 
ATOM   651 C  CE2 . TYR A 1 88  ? 8.350   -2.056  11.209  1.00 10.50 ? 85  TYR A CE2 1 
ATOM   652 C  CZ  . TYR A 1 88  ? 9.322   -1.925  10.243  1.00 12.37 ? 85  TYR A CZ  1 
ATOM   653 O  OH  . TYR A 1 88  ? 10.418  -2.796  10.260  1.00 13.74 ? 85  TYR A OH  1 
ATOM   654 N  N   . VAL A 1 89  ? 4.836   -1.891  8.644   1.00 11.68 ? 86  VAL A N   1 
ATOM   655 C  CA  . VAL A 1 89  ? 4.513   -3.302  8.800   1.00 11.64 ? 86  VAL A CA  1 
ATOM   656 C  C   . VAL A 1 89  ? 5.820   -4.046  8.927   1.00 11.66 ? 86  VAL A C   1 
ATOM   657 O  O   . VAL A 1 89  ? 6.663   -3.981  8.048   1.00 11.62 ? 86  VAL A O   1 
ATOM   658 C  CB  . VAL A 1 89  ? 3.692   -3.819  7.604   1.00 11.51 ? 86  VAL A CB  1 
ATOM   659 C  CG1 . VAL A 1 89  ? 3.155   -5.260  7.861   1.00 11.04 ? 86  VAL A CG1 1 
ATOM   660 C  CG2 . VAL A 1 89  ? 2.533   -2.802  7.263   1.00 11.37 ? 86  VAL A CG2 1 
ATOM   661 N  N   . PRO A 1 90  ? 6.003   -4.754  10.053  1.00 12.44 ? 87  PRO A N   1 
ATOM   662 C  CA  . PRO A 1 90  ? 7.199   -5.566  10.168  1.00 13.18 ? 87  PRO A CA  1 
ATOM   663 C  C   . PRO A 1 90  ? 7.336   -6.623  9.081   1.00 12.44 ? 87  PRO A C   1 
ATOM   664 O  O   . PRO A 1 90  ? 6.354   -7.004  8.446   1.00 11.76 ? 87  PRO A O   1 
ATOM   665 C  CB  . PRO A 1 90  ? 7.064   -6.230  11.547  1.00 12.99 ? 87  PRO A CB  1 
ATOM   666 C  CG  . PRO A 1 90  ? 5.722   -5.847  12.096  1.00 14.22 ? 87  PRO A CG  1 
ATOM   667 C  CD  . PRO A 1 90  ? 5.029   -4.973  11.128  1.00 12.32 ? 87  PRO A CD  1 
ATOM   668 N  N   . GLY A 1 91  ? 8.564   -7.087  8.896   1.00 12.96 ? 88  GLY A N   1 
ATOM   669 C  CA  . GLY A 1 91  ? 8.826   -8.220  8.002   1.00 12.72 ? 88  GLY A CA  1 
ATOM   670 C  C   . GLY A 1 91  ? 8.171   -9.468  8.562   1.00 13.41 ? 88  GLY A C   1 
ATOM   671 O  O   . GLY A 1 91  ? 7.882   -9.560  9.754   1.00 13.10 ? 88  GLY A O   1 
ATOM   672 N  N   . ASN A 1 92  ? 7.916   -10.434 7.692   1.00 13.48 ? 89  ASN A N   1 
ATOM   673 C  CA  . ASN A 1 92  ? 7.278   -11.691 8.079   1.00 15.53 ? 89  ASN A CA  1 
ATOM   674 C  C   . ASN A 1 92  ? 5.981   -11.512 8.842   1.00 14.92 ? 89  ASN A C   1 
ATOM   675 O  O   . ASN A 1 92  ? 5.716   -12.205 9.789   1.00 15.85 ? 89  ASN A O   1 
ATOM   676 C  CB  . ASN A 1 92  ? 8.239   -12.560 8.875   1.00 16.08 ? 89  ASN A CB  1 
ATOM   677 C  CG  . ASN A 1 92  ? 9.485   -12.895 8.111   1.00 19.12 ? 89  ASN A CG  1 
ATOM   678 O  OD1 . ASN A 1 92  ? 9.461   -13.082 6.885   1.00 21.11 ? 89  ASN A OD1 1 
ATOM   679 N  ND2 . ASN A 1 92  ? 10.595  -13.007 8.837   1.00 24.87 ? 89  ASN A ND2 1 
ATOM   680 N  N   . SER A 1 93  ? 5.172   -10.558 8.426   1.00 14.19 ? 90  SER A N   1 
ATOM   681 C  CA  . SER A 1 93  ? 3.950   -10.255 9.130   1.00 14.39 ? 90  SER A CA  1 
ATOM   682 C  C   . SER A 1 93  ? 2.850   -10.021 8.093   1.00 14.13 ? 90  SER A C   1 
ATOM   683 O  O   . SER A 1 93  ? 2.925   -10.578 6.975   1.00 13.78 ? 90  SER A O   1 
ATOM   684 C  CB  . SER A 1 93  ? 4.187   -9.030  10.028  1.00 14.45 ? 90  SER A CB  1 
ATOM   685 O  OG  . SER A 1 93  ? 3.111   -8.809  10.919  1.00 16.07 ? 90  SER A OG  1 
ATOM   686 N  N   . LEU A 1 94  ? 1.837   -9.252  8.483   1.00 12.92 ? 91  LEU A N   1 
ATOM   687 C  CA  . LEU A 1 94  ? 0.664   -8.985  7.657   1.00 13.03 ? 91  LEU A CA  1 
ATOM   688 C  C   . LEU A 1 94  ? -0.095  -7.756  8.138   1.00 12.57 ? 91  LEU A C   1 
ATOM   689 O  O   . LEU A 1 94  ? 0.113   -7.250  9.254   1.00 11.07 ? 91  LEU A O   1 
ATOM   690 C  CB  . LEU A 1 94  ? -0.312  -10.174 7.647   1.00 13.71 ? 91  LEU A CB  1 
ATOM   691 C  CG  . LEU A 1 94  ? -1.107  -10.588 8.894   1.00 13.86 ? 91  LEU A CG  1 
ATOM   692 C  CD1 . LEU A 1 94  ? -2.181  -9.677  9.190   1.00 17.19 ? 91  LEU A CD1 1 
ATOM   693 C  CD2 . LEU A 1 94  ? -1.730  -11.968 8.688   1.00 14.40 ? 91  LEU A CD2 1 
ATOM   694 N  N   . PHE A 1 95  ? -0.984  -7.295  7.277   1.00 12.11 ? 92  PHE A N   1 
ATOM   695 C  CA  . PHE A 1 95  ? -1.936  -6.257  7.622   1.00 11.30 ? 92  PHE A CA  1 
ATOM   696 C  C   . PHE A 1 95  ? -3.234  -6.485  6.873   1.00 9.57  ? 92  PHE A C   1 
ATOM   697 O  O   . PHE A 1 95  ? -3.223  -7.114  5.826   1.00 10.94 ? 92  PHE A O   1 
ATOM   698 C  CB  . PHE A 1 95  ? -1.339  -4.842  7.417   1.00 11.33 ? 92  PHE A CB  1 
ATOM   699 C  CG  . PHE A 1 95  ? -1.100  -4.431  5.984   1.00 10.57 ? 92  PHE A CG  1 
ATOM   700 C  CD1 . PHE A 1 95  ? -2.054  -3.710  5.316   1.00 8.99  ? 92  PHE A CD1 1 
ATOM   701 C  CD2 . PHE A 1 95  ? 0.064   -4.711  5.336   1.00 11.30 ? 92  PHE A CD2 1 
ATOM   702 C  CE1 . PHE A 1 95  ? -1.850  -3.242  4.050   1.00 10.19 ? 92  PHE A CE1 1 
ATOM   703 C  CE2 . PHE A 1 95  ? 0.275   -4.229  4.045   1.00 10.49 ? 92  PHE A CE2 1 
ATOM   704 C  CZ  . PHE A 1 95  ? -0.700  -3.517  3.412   1.00 9.74  ? 92  PHE A CZ  1 
ATOM   705 N  N   . LYS A 1 96  ? -4.333  -5.985  7.435   1.00 8.82  ? 93  LYS A N   1 
ATOM   706 C  CA  . LYS A 1 96  ? -5.668  -6.135  6.880   1.00 9.36  ? 93  LYS A CA  1 
ATOM   707 C  C   . LYS A 1 96  ? -6.252  -4.754  6.761   1.00 9.51  ? 93  LYS A C   1 
ATOM   708 O  O   . LYS A 1 96  ? -6.297  -4.035  7.756   1.00 9.53  ? 93  LYS A O   1 
ATOM   709 C  CB  . LYS A 1 96  ? -6.545  -6.992  7.783   1.00 8.98  ? 93  LYS A CB  1 
ATOM   710 C  CG  . LYS A 1 96  ? -5.947  -8.377  8.109   1.00 11.60 ? 93  LYS A CG  1 
ATOM   711 C  CD  . LYS A 1 96  ? -6.936  -9.265  8.865   1.00 15.79 ? 93  LYS A CD  1 
ATOM   712 C  CE  . LYS A 1 96  ? -6.420  -10.660 8.932   1.00 20.15 ? 93  LYS A CE  1 
ATOM   713 N  NZ  . LYS A 1 96  ? -4.990  -10.632 9.348   1.00 22.96 ? 93  LYS A NZ  1 
ATOM   714 N  N   . ILE A 1 97  ? -6.636  -4.381  5.545   1.00 8.79  ? 94  ILE A N   1 
ATOM   715 C  CA  . ILE A 1 97  ? -6.954  -3.024  5.211   1.00 9.11  ? 94  ILE A CA  1 
ATOM   716 C  C   . ILE A 1 97  ? -8.359  -2.933  4.618   1.00 8.58  ? 94  ILE A C   1 
ATOM   717 O  O   . ILE A 1 97  ? -8.793  -3.805  3.829   1.00 8.63  ? 94  ILE A O   1 
ATOM   718 C  CB  . ILE A 1 97  ? -5.876  -2.427  4.275   1.00 9.07  ? 94  ILE A CB  1 
ATOM   719 C  CG1 . ILE A 1 97  ? -6.118  -0.925  4.001   1.00 9.30  ? 94  ILE A CG1 1 
ATOM   720 C  CG2 . ILE A 1 97  ? -5.804  -3.208  2.948   1.00 9.84  ? 94  ILE A CG2 1 
ATOM   721 C  CD1 . ILE A 1 97  ? -4.834  -0.167  3.501   1.00 8.02  ? 94  ILE A CD1 1 
ATOM   722 N  N   . GLU A 1 98  ? -9.078  -1.899  5.025   1.00 8.85  ? 95  GLU A N   1 
ATOM   723 C  CA  . GLU A 1 98  ? -10.413 -1.606  4.473   1.00 9.34  ? 95  GLU A CA  1 
ATOM   724 C  C   . GLU A 1 98  ? -10.495 -0.125  4.094   1.00 7.91  ? 95  GLU A C   1 
ATOM   725 O  O   . GLU A 1 98  ? -9.856  0.727   4.714   1.00 6.28  ? 95  GLU A O   1 
ATOM   726 C  CB  . GLU A 1 98  ? -11.550 -2.052  5.427   1.00 11.15 ? 95  GLU A CB  1 
ATOM   727 C  CG  . GLU A 1 98  ? -11.240 -1.889  6.849   1.00 16.36 ? 95  GLU A CG  1 
ATOM   728 C  CD  . GLU A 1 98  ? -12.297 -2.471  7.783   1.00 19.72 ? 95  GLU A CD  1 
ATOM   729 O  OE1 . GLU A 1 98  ? -12.564 -3.678  7.751   1.00 24.44 ? 95  GLU A OE1 1 
ATOM   730 O  OE2 . GLU A 1 98  ? -12.848 -1.704  8.554   1.00 23.12 ? 95  GLU A OE2 1 
ATOM   731 N  N   . THR A 1 99  ? -11.304 0.162   3.082   1.00 8.52  ? 96  THR A N   1 
ATOM   732 C  CA  . THR A 1 99  ? -11.550 1.517   2.692   1.00 8.13  ? 96  THR A CA  1 
ATOM   733 C  C   . THR A 1 99  ? -12.927 1.660   2.075   1.00 8.73  ? 96  THR A C   1 
ATOM   734 O  O   . THR A 1 99  ? -13.440 0.684   1.515   1.00 10.43 ? 96  THR A O   1 
ATOM   735 C  CB  . THR A 1 99  ? -10.460 2.013   1.678   1.00 8.65  ? 96  THR A CB  1 
ATOM   736 O  OG1 . THR A 1 99  ? -10.687 3.398   1.428   1.00 8.38  ? 96  THR A OG1 1 
ATOM   737 C  CG2 . THR A 1 99  ? -10.469 1.179   0.359   1.00 9.01  ? 96  THR A CG2 1 
ATOM   738 N  N   . ASP A 1 100 ? -13.532 2.833   2.214   1.00 7.26  ? 97  ASP A N   1 
ATOM   739 C  CA  . ASP A 1 100 ? -14.889 3.111   1.630   1.00 8.26  ? 97  ASP A CA  1 
ATOM   740 C  C   . ASP A 1 100 ? -14.824 3.978   0.359   1.00 7.90  ? 97  ASP A C   1 
ATOM   741 O  O   . ASP A 1 100 ? -15.851 4.277   -0.278  1.00 7.84  ? 97  ASP A O   1 
ATOM   742 C  CB  . ASP A 1 100 ? -15.777 3.821   2.668   1.00 8.52  ? 97  ASP A CB  1 
ATOM   743 C  CG  . ASP A 1 100 ? -16.045 2.969   3.900   1.00 12.55 ? 97  ASP A CG  1 
ATOM   744 O  OD1 . ASP A 1 100 ? -16.064 1.722   3.788   1.00 15.44 ? 97  ASP A OD1 1 
ATOM   745 O  OD2 . ASP A 1 100 ? -16.267 3.569   4.985   1.00 19.50 ? 97  ASP A OD2 1 
ATOM   746 N  N   . GLU A 1 101 ? -13.614 4.435   0.032   1.00 7.94  ? 98  GLU A N   1 
ATOM   747 C  CA  . GLU A 1 101 ? -13.373 5.299   -1.117  1.00 8.18  ? 98  GLU A CA  1 
ATOM   748 C  C   . GLU A 1 101 ? -12.101 4.836   -1.815  1.00 7.16  ? 98  GLU A C   1 
ATOM   749 O  O   . GLU A 1 101 ? -11.387 3.960   -1.323  1.00 8.02  ? 98  GLU A O   1 
ATOM   750 C  CB  . GLU A 1 101 ? -13.201 6.776   -0.712  1.00 9.18  ? 98  GLU A CB  1 
ATOM   751 C  CG  . GLU A 1 101 ? -14.421 7.434   0.036   1.00 10.61 ? 98  GLU A CG  1 
ATOM   752 C  CD  . GLU A 1 101 ? -15.576 7.702   -0.843  1.00 13.44 ? 98  GLU A CD  1 
ATOM   753 O  OE1 . GLU A 1 101 ? -15.382 7.902   -2.061  1.00 17.51 ? 98  GLU A OE1 1 
ATOM   754 O  OE2 . GLU A 1 101 ? -16.698 7.792   -0.288  1.00 15.24 ? 98  GLU A OE2 1 
ATOM   755 N  N   . VAL A 1 102 ? -11.866 5.349   -2.999  1.00 8.15  ? 99  VAL A N   1 
ATOM   756 C  CA  . VAL A 1 102 ? -10.566 5.111   -3.645  1.00 7.16  ? 99  VAL A CA  1 
ATOM   757 C  C   . VAL A 1 102 ? -9.437  5.493   -2.692  1.00 6.75  ? 99  VAL A C   1 
ATOM   758 O  O   . VAL A 1 102 ? -9.460  6.576   -2.098  1.00 7.62  ? 99  VAL A O   1 
ATOM   759 C  CB  . VAL A 1 102 ? -10.432 5.847   -4.982  1.00 7.40  ? 99  VAL A CB  1 
ATOM   760 C  CG1 . VAL A 1 102 ? -9.008  5.736   -5.553  1.00 6.98  ? 99  VAL A CG1 1 
ATOM   761 C  CG2 . VAL A 1 102 ? -11.481 5.273   -5.981  1.00 9.41  ? 99  VAL A CG2 1 
ATOM   762 N  N   . LEU A 1 103 ? -8.483  4.587   -2.564  1.00 7.12  ? 100 LEU A N   1 
ATOM   763 C  CA  . LEU A 1 103 ? -7.316  4.785   -1.719  1.00 6.00  ? 100 LEU A CA  1 
ATOM   764 C  C   . LEU A 1 103 ? -6.060  4.693   -2.563  1.00 6.54  ? 100 LEU A C   1 
ATOM   765 O  O   . LEU A 1 103 ? -5.782  3.633   -3.159  1.00 8.14  ? 100 LEU A O   1 
ATOM   766 C  CB  . LEU A 1 103 ? -7.243  3.700   -0.623  1.00 6.51  ? 100 LEU A CB  1 
ATOM   767 C  CG  . LEU A 1 103 ? -6.172  3.874   0.437   1.00 5.63  ? 100 LEU A CG  1 
ATOM   768 C  CD1 . LEU A 1 103 ? -6.578  4.995   1.443   1.00 5.92  ? 100 LEU A CD1 1 
ATOM   769 C  CD2 . LEU A 1 103 ? -5.768  2.550   1.090   1.00 7.66  ? 100 LEU A CD2 1 
ATOM   770 N  N   . ASP A 1 104 ? -5.305  5.792   -2.650  1.00 6.19  ? 101 ASP A N   1 
ATOM   771 C  CA  . ASP A 1 104 ? -4.015  5.750   -3.349  1.00 6.52  ? 101 ASP A CA  1 
ATOM   772 C  C   . ASP A 1 104 ? -2.938  5.603   -2.314  1.00 5.39  ? 101 ASP A C   1 
ATOM   773 O  O   . ASP A 1 104 ? -2.962  6.261   -1.281  1.00 5.17  ? 101 ASP A O   1 
ATOM   774 C  CB  . ASP A 1 104 ? -3.755  7.064   -4.110  1.00 6.19  ? 101 ASP A CB  1 
ATOM   775 C  CG  . ASP A 1 104 ? -4.721  7.254   -5.286  1.00 7.94  ? 101 ASP A CG  1 
ATOM   776 O  OD1 . ASP A 1 104 ? -4.344  6.896   -6.418  1.00 8.43  ? 101 ASP A OD1 1 
ATOM   777 O  OD2 . ASP A 1 104 ? -5.829  7.807   -5.072  1.00 7.62  ? 101 ASP A OD2 1 
ATOM   778 N  N   . TYR A 1 105 ? -1.965  4.759   -2.610  1.00 6.48  ? 102 TYR A N   1 
ATOM   779 C  CA  . TYR A 1 105 ? -0.859  4.520   -1.688  1.00 7.35  ? 102 TYR A CA  1 
ATOM   780 C  C   . TYR A 1 105 ? 0.477   4.330   -2.415  1.00 7.56  ? 102 TYR A C   1 
ATOM   781 O  O   . TYR A 1 105 ? 0.537   4.039   -3.627  1.00 8.41  ? 102 TYR A O   1 
ATOM   782 C  CB  . TYR A 1 105 ? -1.151  3.314   -0.773  1.00 6.60  ? 102 TYR A CB  1 
ATOM   783 C  CG  . TYR A 1 105 ? -1.133  2.009   -1.522  1.00 7.44  ? 102 TYR A CG  1 
ATOM   784 C  CD1 . TYR A 1 105 ? 0.053   1.317   -1.707  1.00 9.81  ? 102 TYR A CD1 1 
ATOM   785 C  CD2 . TYR A 1 105 ? -2.285  1.483   -2.073  1.00 8.56  ? 102 TYR A CD2 1 
ATOM   786 C  CE1 . TYR A 1 105 ? 0.112   0.157   -2.450  1.00 12.49 ? 102 TYR A CE1 1 
ATOM   787 C  CE2 . TYR A 1 105 ? -2.244  0.295   -2.810  1.00 10.54 ? 102 TYR A CE2 1 
ATOM   788 C  CZ  . TYR A 1 105 ? -1.052  -0.339  -3.000  1.00 10.57 ? 102 TYR A CZ  1 
ATOM   789 O  OH  . TYR A 1 105 ? -1.082  -1.503  -3.731  1.00 11.30 ? 102 TYR A OH  1 
ATOM   790 N  N   . VAL A 1 106 ? 1.553   4.539   -1.637  1.00 7.55  ? 103 VAL A N   1 
ATOM   791 C  CA  . VAL A 1 106 ? 2.900   4.083   -2.039  1.00 7.99  ? 103 VAL A CA  1 
ATOM   792 C  C   . VAL A 1 106 ? 3.373   3.099   -0.960  1.00 7.44  ? 103 VAL A C   1 
ATOM   793 O  O   . VAL A 1 106 ? 3.311   3.382   0.256   1.00 9.24  ? 103 VAL A O   1 
ATOM   794 C  CB  . VAL A 1 106 ? 3.851   5.254   -2.126  1.00 7.51  ? 103 VAL A CB  1 
ATOM   795 C  CG1 . VAL A 1 106 ? 5.275   4.743   -2.412  1.00 8.52  ? 103 VAL A CG1 1 
ATOM   796 C  CG2 . VAL A 1 106 ? 3.440   6.202   -3.284  1.00 8.15  ? 103 VAL A CG2 1 
ATOM   797 N  N   . CYS A 1 107 ? 3.849   1.945   -1.415  1.00 8.62  ? 104 CYS A N   1 
ATOM   798 C  CA  . CYS A 1 107 ? 4.470   0.970   -0.565  1.00 8.98  ? 104 CYS A CA  1 
ATOM   799 C  C   . CYS A 1 107 ? 5.966   1.109   -0.735  1.00 8.63  ? 104 CYS A C   1 
ATOM   800 O  O   . CYS A 1 107 ? 6.516   0.884   -1.811  1.00 8.81  ? 104 CYS A O   1 
ATOM   801 C  CB  . CYS A 1 107 ? 3.985   -0.427  -0.907  1.00 9.36  ? 104 CYS A CB  1 
ATOM   802 S  SG  . CYS A 1 107 ? 4.574   -1.674  0.235   1.00 14.03 ? 104 CYS A SG  1 
ATOM   803 N  N   . HIS A 1 108 ? 6.614   1.432   0.393   1.00 8.23  ? 105 HIS A N   1 
ATOM   804 C  CA  . HIS A 1 108 ? 8.043   1.594   0.480   1.00 8.77  ? 105 HIS A CA  1 
ATOM   805 C  C   . HIS A 1 108 ? 8.652   0.322   1.041   1.00 12.92 ? 105 HIS A C   1 
ATOM   806 O  O   . HIS A 1 108 ? 8.292   -0.123  2.120   1.00 10.92 ? 105 HIS A O   1 
ATOM   807 C  CB  . HIS A 1 108 ? 8.379   2.747   1.421   1.00 8.97  ? 105 HIS A CB  1 
ATOM   808 C  CG  . HIS A 1 108 ? 7.892   4.076   0.970   1.00 6.00  ? 105 HIS A CG  1 
ATOM   809 N  ND1 . HIS A 1 108 ? 6.647   4.577   1.297   1.00 11.08 ? 105 HIS A ND1 1 
ATOM   810 C  CD2 . HIS A 1 108 ? 8.482   5.008   0.191   1.00 4.62  ? 105 HIS A CD2 1 
ATOM   811 C  CE1 . HIS A 1 108 ? 6.513   5.769   0.734   1.00 5.97  ? 105 HIS A CE1 1 
ATOM   812 N  NE2 . HIS A 1 108 ? 7.603   6.058   0.074   1.00 11.12 ? 105 HIS A NE2 1 
ATOM   813 N  N   . LEU A 1 109 ? 9.587   -0.273  0.309   1.00 18.81 ? 106 LEU A N   1 
ATOM   814 C  CA  . LEU A 1 109 ? 10.337  -1.432  0.821   1.00 24.26 ? 106 LEU A CA  1 
ATOM   815 C  C   . LEU A 1 109 ? 11.350  -1.023  1.904   1.00 28.46 ? 106 LEU A C   1 
ATOM   816 O  O   . LEU A 1 109 ? 12.127  -0.089  1.736   1.00 29.57 ? 106 LEU A O   1 
ATOM   817 C  CB  . LEU A 1 109 ? 11.011  -2.193  -0.310  1.00 24.64 ? 106 LEU A CB  1 
ATOM   818 C  CG  . LEU A 1 109 ? 10.173  -3.176  -1.140  1.00 25.18 ? 106 LEU A CG  1 
ATOM   819 C  CD1 . LEU A 1 109 ? 11.128  -4.063  -1.952  1.00 24.83 ? 106 LEU A CD1 1 
ATOM   820 C  CD2 . LEU A 1 109 ? 9.276   -4.068  -0.306  1.00 25.79 ? 106 LEU A CD2 1 
ATOM   821 N  N   . GLU A 1 110 ? 11.383  -1.667  3.056   1.00 34.63 ? 107 GLU A N   1 
ATOM   822 C  CA  . GLU A 1 110 ? 12.237  -1.206  4.168   1.00 37.76 ? 107 GLU A CA  1 
ATOM   823 C  C   . GLU A 1 110 ? 13.224  -2.241  4.704   1.00 40.04 ? 107 GLU A C   1 
ATOM   824 O  O   . GLU A 1 110 ? 13.620  -3.166  4.021   1.00 41.69 ? 107 GLU A O   1 
ATOM   825 C  CB  . GLU A 1 110 ? 11.392  -0.731  5.346   1.00 40.05 ? 107 GLU A CB  1 
ATOM   826 C  CG  . GLU A 1 110 ? 10.481  0.442   5.082   1.00 43.07 ? 107 GLU A CG  1 
ATOM   827 C  CD  . GLU A 1 110 ? 11.196  1.741   4.863   1.00 49.26 ? 107 GLU A CD  1 
ATOM   828 O  OE1 . GLU A 1 110 ? 12.394  1.824   5.150   1.00 53.42 ? 107 GLU A OE1 1 
ATOM   829 O  OE2 . GLU A 1 110 ? 10.545  2.692   4.430   1.00 53.13 ? 107 GLU A OE2 1 
HETATM 830 O  O   . HOH B 2 .   ? 3.573   -8.818  -12.975 1.00 24.99 ? 109 HOH A O   1 
HETATM 831 O  O   . HOH B 2 .   ? 11.007  -6.304  10.668  1.00 32.31 ? 110 HOH A O   1 
HETATM 832 O  O   . HOH B 2 .   ? -2.029  5.571   -6.846  1.00 6.30  ? 111 HOH A O   1 
HETATM 833 O  O   . HOH B 2 .   ? -1.854  -9.564  -11.377 1.00 10.51 ? 112 HOH A O   1 
HETATM 834 O  O   . HOH B 2 .   ? -10.031 6.093   0.697   1.00 6.78  ? 113 HOH A O   1 
HETATM 835 O  O   . HOH B 2 .   ? -16.878 8.148   2.433   1.00 25.09 ? 114 HOH A O   1 
HETATM 836 O  O   . HOH B 2 .   ? -18.134 -0.531  4.280   1.00 22.39 ? 115 HOH A O   1 
HETATM 837 O  O   . HOH B 2 .   ? 11.370  10.873  -7.035  1.00 31.51 ? 116 HOH A O   1 
HETATM 838 O  O   . HOH B 2 .   ? 17.464  10.068  -9.283  1.00 20.45 ? 117 HOH A O   1 
HETATM 839 O  O   . HOH B 2 .   ? 12.085  -6.232  -8.908  1.00 31.54 ? 118 HOH A O   1 
HETATM 840 O  O   . HOH B 2 .   ? 9.832   -6.920  -7.938  1.00 36.18 ? 119 HOH A O   1 
HETATM 841 O  O   . HOH B 2 .   ? 8.700   -4.968  -5.432  1.00 34.97 ? 120 HOH A O   1 
HETATM 842 O  O   . HOH B 2 .   ? 17.339  -0.395  -14.834 1.00 32.32 ? 121 HOH A O   1 
HETATM 843 O  O   . HOH B 2 .   ? 0.529   -9.948  -9.895  1.00 6.58  ? 122 HOH A O   1 
HETATM 844 O  O   . HOH B 2 .   ? 4.224   -2.892  -12.642 1.00 10.45 ? 123 HOH A O   1 
HETATM 845 O  O   . HOH B 2 .   ? 1.309   -17.201 4.181   1.00 9.20  ? 124 HOH A O   1 
HETATM 846 O  O   . HOH B 2 .   ? 20.192  6.110   -2.260  1.00 7.16  ? 125 HOH A O   1 
HETATM 847 O  O   . HOH B 2 .   ? 22.702  4.326   -9.043  1.00 4.70  ? 126 HOH A O   1 
HETATM 848 O  O   . HOH B 2 .   ? -13.707 7.432   -4.001  1.00 15.63 ? 127 HOH A O   1 
HETATM 849 O  O   . HOH B 2 .   ? 5.967   8.610   -1.866  1.00 5.04  ? 128 HOH A O   1 
HETATM 850 O  O   . HOH B 2 .   ? -0.534  1.823   -10.318 1.00 9.69  ? 129 HOH A O   1 
HETATM 851 O  O   . HOH B 2 .   ? -0.212  13.227  -7.085  1.00 8.47  ? 130 HOH A O   1 
HETATM 852 O  O   . HOH B 2 .   ? 11.626  1.826   -1.271  1.00 13.65 ? 131 HOH A O   1 
HETATM 853 O  O   . HOH B 2 .   ? -3.171  1.584   -9.981  1.00 9.66  ? 132 HOH A O   1 
HETATM 854 O  O   . HOH B 2 .   ? 14.805  5.182   -15.214 1.00 15.92 ? 133 HOH A O   1 
HETATM 855 O  O   . HOH B 2 .   ? -5.907  9.495   10.775  1.00 14.86 ? 134 HOH A O   1 
HETATM 856 O  O   . HOH B 2 .   ? 3.840   9.874   5.949   1.00 11.65 ? 135 HOH A O   1 
HETATM 857 O  O   . HOH B 2 .   ? -5.178  14.191  4.732   1.00 16.66 ? 136 HOH A O   1 
HETATM 858 O  O   . HOH B 2 .   ? -1.745  -4.587  -6.472  1.00 12.07 ? 137 HOH A O   1 
HETATM 859 O  O   . HOH B 2 .   ? 15.195  7.892   -9.312  1.00 9.64  ? 138 HOH A O   1 
HETATM 860 O  O   . HOH B 2 .   ? -6.982  13.104  -2.738  1.00 16.01 ? 139 HOH A O   1 
HETATM 861 O  O   . HOH B 2 .   ? -3.620  -11.976 -9.073  1.00 15.45 ? 140 HOH A O   1 
HETATM 862 O  O   . HOH B 2 .   ? 2.895   -3.732  -8.197  1.00 20.81 ? 141 HOH A O   1 
HETATM 863 O  O   . HOH B 2 .   ? 14.092  -1.336  -2.571  1.00 15.08 ? 142 HOH A O   1 
HETATM 864 O  O   . HOH B 2 .   ? 1.623   4.948   11.953  1.00 8.32  ? 143 HOH A O   1 
HETATM 865 O  O   . HOH B 2 .   ? -14.128 10.232  5.824   1.00 15.37 ? 144 HOH A O   1 
HETATM 866 O  O   . HOH B 2 .   ? 17.331  1.067   -11.734 1.00 17.72 ? 145 HOH A O   1 
HETATM 867 O  O   . HOH B 2 .   ? -19.268 -8.814  2.162   1.00 11.40 ? 146 HOH A O   1 
HETATM 868 O  O   . HOH B 2 .   ? 14.572  -5.992  -6.178  1.00 24.09 ? 147 HOH A O   1 
HETATM 869 O  O   . HOH B 2 .   ? -15.285 -1.117  -5.009  1.00 10.53 ? 148 HOH A O   1 
HETATM 870 O  O   . HOH B 2 .   ? 4.732   -6.516  -13.697 1.00 18.18 ? 149 HOH A O   1 
HETATM 871 O  O   . HOH B 2 .   ? 3.509   -0.998  13.068  1.00 16.06 ? 150 HOH A O   1 
HETATM 872 O  O   . HOH B 2 .   ? 1.940   11.915  9.376   1.00 21.35 ? 151 HOH A O   1 
HETATM 873 O  O   . HOH B 2 .   ? -3.485  -8.029  10.883  1.00 14.71 ? 152 HOH A O   1 
HETATM 874 O  O   . HOH B 2 .   ? 4.700   11.859  -0.700  1.00 13.08 ? 153 HOH A O   1 
HETATM 875 O  O   . HOH B 2 .   ? -0.354  13.031  10.847  1.00 19.11 ? 154 HOH A O   1 
HETATM 876 O  O   . HOH B 2 .   ? -3.003  -9.084  -14.358 1.00 21.06 ? 155 HOH A O   1 
HETATM 877 O  O   . HOH B 2 .   ? 0.744   -3.313  -3.011  1.00 21.38 ? 156 HOH A O   1 
HETATM 878 O  O   . HOH B 2 .   ? -7.264  11.925  10.908  1.00 12.76 ? 157 HOH A O   1 
HETATM 879 O  O   . HOH B 2 .   ? -16.208 -3.755  -2.739  1.00 14.46 ? 158 HOH A O   1 
HETATM 880 O  O   . HOH B 2 .   ? 4.426   -13.085 6.037   1.00 22.75 ? 159 HOH A O   1 
HETATM 881 O  O   . HOH B 2 .   ? 7.249   18.596  -12.917 1.00 16.13 ? 160 HOH A O   1 
HETATM 882 O  O   . HOH B 2 .   ? -13.525 9.327   3.316   1.00 20.58 ? 161 HOH A O   1 
HETATM 883 O  O   . HOH B 2 .   ? 1.270   1.186   14.025  1.00 19.68 ? 162 HOH A O   1 
HETATM 884 O  O   . HOH B 2 .   ? -9.378  9.153   -2.734  1.00 16.76 ? 163 HOH A O   1 
HETATM 885 O  O   . HOH B 2 .   ? 15.834  -1.440  -10.163 1.00 16.05 ? 164 HOH A O   1 
HETATM 886 O  O   . HOH B 2 .   ? 7.067   -7.407  2.204   1.00 21.46 ? 165 HOH A O   1 
HETATM 887 O  O   . HOH B 2 .   ? -7.671  -11.115 2.122   1.00 16.67 ? 166 HOH A O   1 
HETATM 888 O  O   . HOH B 2 .   ? 1.518   11.246  1.486   1.00 18.37 ? 167 HOH A O   1 
HETATM 889 O  O   . HOH B 2 .   ? 13.769  4.539   -2.687  1.00 22.31 ? 168 HOH A O   1 
HETATM 890 O  O   . HOH B 2 .   ? -4.269  -14.210 3.210   1.00 16.75 ? 169 HOH A O   1 
HETATM 891 O  O   . HOH B 2 .   ? 7.437   9.322   1.704   1.00 19.50 ? 170 HOH A O   1 
HETATM 892 O  O   . HOH B 2 .   ? -12.540 4.855   3.864   1.00 15.87 ? 171 HOH A O   1 
HETATM 893 O  O   . HOH B 2 .   ? 5.667   -5.575  -11.452 1.00 21.53 ? 172 HOH A O   1 
HETATM 894 O  O   . HOH B 2 .   ? 17.473  7.173   -6.577  1.00 15.66 ? 173 HOH A O   1 
HETATM 895 O  O   . HOH B 2 .   ? -3.363  6.429   13.081  1.00 17.45 ? 174 HOH A O   1 
HETATM 896 O  O   . HOH B 2 .   ? 2.112   -5.428  1.191   1.00 24.71 ? 175 HOH A O   1 
HETATM 897 O  O   . HOH B 2 .   ? -13.254 -6.088  0.013   1.00 25.83 ? 176 HOH A O   1 
HETATM 898 O  O   . HOH B 2 .   ? -3.539  -2.176  13.958  1.00 18.60 ? 177 HOH A O   1 
HETATM 899 O  O   . HOH B 2 .   ? -3.399  -11.994 -11.650 1.00 20.05 ? 178 HOH A O   1 
HETATM 900 O  O   . HOH B 2 .   ? 15.778  1.730   -13.573 1.00 34.93 ? 179 HOH A O   1 
HETATM 901 O  O   . HOH B 2 .   ? 12.640  -1.952  8.983   1.00 19.53 ? 180 HOH A O   1 
HETATM 902 O  O   . HOH B 2 .   ? -13.140 9.873   11.794  1.00 14.01 ? 181 HOH A O   1 
HETATM 903 O  O   . HOH B 2 .   ? -2.348  4.483   14.698  1.00 25.99 ? 182 HOH A O   1 
HETATM 904 O  O   . HOH B 2 .   ? 0.237   -1.024  15.212  1.00 34.82 ? 183 HOH A O   1 
HETATM 905 O  O   . HOH B 2 .   ? 13.104  -3.339  -14.562 1.00 30.13 ? 184 HOH A O   1 
HETATM 906 O  O   . HOH B 2 .   ? 6.445   -7.094  -16.234 1.00 22.65 ? 185 HOH A O   1 
HETATM 907 O  O   . HOH B 2 .   ? -14.779 8.263   8.922   1.00 24.76 ? 186 HOH A O   1 
HETATM 908 O  O   . HOH B 2 .   ? 16.515  7.158   -3.443  1.00 23.91 ? 187 HOH A O   1 
HETATM 909 O  O   . HOH B 2 .   ? -14.094 6.877   3.921   1.00 20.07 ? 188 HOH A O   1 
HETATM 910 O  O   . HOH B 2 .   ? -5.581  13.652  9.160   1.00 24.75 ? 189 HOH A O   1 
HETATM 911 O  O   . HOH B 2 .   ? -17.642 8.607   -3.786  0.50 6.18  ? 190 HOH A O   1 
HETATM 912 O  O   . HOH B 2 .   ? 13.752  10.042  -7.821  1.00 27.81 ? 191 HOH A O   1 
HETATM 913 O  O   . HOH B 2 .   ? 8.697   8.822   -1.536  1.00 18.82 ? 192 HOH A O   1 
HETATM 914 O  O   . HOH B 2 .   ? 3.701   -3.511  14.511  1.00 21.11 ? 193 HOH A O   1 
HETATM 915 O  O   . HOH B 2 .   ? 13.801  -5.255  10.256  1.00 18.57 ? 194 HOH A O   1 
HETATM 916 O  O   . HOH B 2 .   ? 0.440   -3.674  15.314  1.00 18.22 ? 195 HOH A O   1 
HETATM 917 O  O   . HOH B 2 .   ? -13.191 -5.081  10.033  1.00 26.35 ? 196 HOH A O   1 
HETATM 918 O  O   . HOH B 2 .   ? -12.183 3.182   6.233   1.00 22.04 ? 197 HOH A O   1 
HETATM 919 O  O   . HOH B 2 .   ? -0.259  13.559  -4.278  1.00 32.54 ? 198 HOH A O   1 
HETATM 920 O  O   . HOH B 2 .   ? -7.875  -11.411 -8.218  1.00 29.34 ? 199 HOH A O   1 
HETATM 921 O  O   . HOH B 2 .   ? 17.432  4.318   -0.918  1.00 14.64 ? 200 HOH A O   1 
HETATM 922 O  O   . HOH B 2 .   ? -13.763 1.155   6.336   1.00 36.69 ? 201 HOH A O   1 
HETATM 923 O  O   . HOH B 2 .   ? 12.446  6.948   -0.638  1.00 30.15 ? 202 HOH A O   1 
HETATM 924 O  O   . HOH B 2 .   ? 20.734  3.991   -12.172 1.00 21.99 ? 203 HOH A O   1 
HETATM 925 O  O   . HOH B 2 .   ? 1.449   13.119  -1.708  1.00 19.76 ? 204 HOH A O   1 
HETATM 926 O  O   . HOH B 2 .   ? -17.239 4.666   -2.385  1.00 26.55 ? 205 HOH A O   1 
HETATM 927 O  O   . HOH B 2 .   ? 2.455   -5.705  -5.659  1.00 28.26 ? 206 HOH A O   1 
HETATM 928 O  O   . HOH B 2 .   ? 10.135  19.803  -13.905 1.00 31.41 ? 207 HOH A O   1 
HETATM 929 O  O   . HOH B 2 .   ? 5.833   10.000  4.065   1.00 33.46 ? 208 HOH A O   1 
HETATM 930 O  O   . HOH B 2 .   ? -7.445  -10.417 -11.059 1.00 30.04 ? 209 HOH A O   1 
HETATM 931 O  O   . HOH B 2 .   ? 20.511  7.866   -6.947  1.00 34.39 ? 210 HOH A O   1 
# 
